data_1F91
#
_entry.id   1F91
#
_cell.length_a   59.5
_cell.length_b   141.5
_cell.length_c   213.0
_cell.angle_alpha   90
_cell.angle_beta   90
_cell.angle_gamma   90
#
_symmetry.space_group_name_H-M   'P 21 21 21'
#
loop_
_entity.id
_entity.type
_entity.pdbx_description
1 polymer 'BETA-KETOACYL-[ACYL-CARRIER-PROTEIN] SYNTHASE I'
2 non-polymer 'HYDROXIDE ION'
3 non-polymer 'DECANOIC ACID'
4 water water
#
_entity_poly.entity_id   1
_entity_poly.type   'polypeptide(L)'
_entity_poly.pdbx_seq_one_letter_code
;MKRVVITGLGIVSSIGNNQQEVLASLREGRSGITFSQELKDSGMRSHVWGNVKLDTTGLIDRKVVRFMSDASIYAFLSME
QAIADAGLSPEAYQNNPRVGLIAGSGGGSPRFQVFGADAMRGPRGLKAVGPYVVTKAMASGVSACLATPFKIHGVNYSIS
SASATSAHCIGNAVEQIQLGKQDIVFAGGGEELCWEMACEFDAMGALSTKYNDTPEKASRTYDAHRDGFVIAGGGGMVVV
EELEHALARGAHIYAEIVGYGATSDGADMVAPSGEGAVRCMKMAMHGVDTPIDYLNSHGTSTPVGDVKELAAIREVFGDK
SPAISATKAMTGHSLGAAGVQEAIYSLLMLEHGFIAPSINIEELDEQAAGLNIVTETTDRELTTVMSNSFGFGGTNATLV
MRKLKD
;
_entity_poly.pdbx_strand_id   A,B,C,D
#
# COMPACT_ATOMS: atom_id res chain seq x y z
N MET A 1 22.45 43.93 -19.80
CA MET A 1 23.03 45.30 -19.54
C MET A 1 23.14 45.57 -18.05
N LYS A 2 22.02 45.45 -17.35
CA LYS A 2 21.99 45.69 -15.91
C LYS A 2 22.74 44.58 -15.16
N ARG A 3 23.21 44.92 -13.97
CA ARG A 3 23.95 43.96 -13.16
C ARG A 3 22.99 43.23 -12.25
N VAL A 4 23.34 41.99 -11.89
CA VAL A 4 22.48 41.17 -11.05
C VAL A 4 23.15 40.61 -9.83
N VAL A 5 22.43 40.61 -8.71
CA VAL A 5 22.97 40.11 -7.46
C VAL A 5 21.98 39.19 -6.74
N ILE A 6 22.48 38.47 -5.77
CA ILE A 6 21.66 37.57 -4.98
C ILE A 6 21.59 38.20 -3.59
N THR A 7 20.37 38.53 -3.17
CA THR A 7 20.17 39.19 -1.89
C THR A 7 19.47 38.37 -0.83
N GLY A 8 19.31 37.08 -1.07
CA GLY A 8 18.65 36.23 -0.12
C GLY A 8 18.67 34.78 -0.55
N LEU A 9 18.59 33.89 0.42
CA LEU A 9 18.60 32.47 0.13
C LEU A 9 17.86 31.65 1.18
N GLY A 10 17.34 30.51 0.74
CA GLY A 10 16.61 29.61 1.60
C GLY A 10 16.95 28.22 1.16
N ILE A 11 16.95 27.26 2.09
CA ILE A 11 17.32 25.92 1.68
C ILE A 11 16.87 24.87 2.68
N VAL A 12 16.58 23.69 2.13
CA VAL A 12 16.15 22.54 2.90
C VAL A 12 16.87 21.35 2.25
N SER A 13 17.88 20.81 2.92
CA SER A 13 18.62 19.70 2.33
C SER A 13 18.98 18.64 3.33
N SER A 14 19.68 17.62 2.82
CA SER A 14 20.10 16.50 3.62
C SER A 14 21.08 16.88 4.72
N ILE A 15 21.70 18.06 4.61
CA ILE A 15 22.65 18.48 5.63
C ILE A 15 22.22 19.72 6.41
N GLY A 16 20.94 20.05 6.36
CA GLY A 16 20.45 21.21 7.08
C GLY A 16 19.12 21.74 6.60
N ASN A 17 18.33 22.28 7.53
CA ASN A 17 17.02 22.81 7.21
C ASN A 17 16.99 24.32 7.07
N ASN A 18 18.17 24.93 7.12
CA ASN A 18 18.31 26.38 6.97
C ASN A 18 19.79 26.66 6.72
N GLN A 19 20.14 27.88 6.34
CA GLN A 19 21.53 28.15 6.06
C GLN A 19 22.47 27.96 7.26
N GLN A 20 21.97 28.20 8.47
CA GLN A 20 22.81 28.02 9.67
C GLN A 20 23.23 26.56 9.81
N GLU A 21 22.27 25.66 9.67
CA GLU A 21 22.58 24.24 9.78
C GLU A 21 23.51 23.79 8.67
N VAL A 22 23.25 24.25 7.45
CA VAL A 22 24.09 23.89 6.30
C VAL A 22 25.52 24.36 6.50
N LEU A 23 25.68 25.58 6.98
CA LEU A 23 27.02 26.12 7.22
C LEU A 23 27.78 25.19 8.18
N ALA A 24 27.13 24.81 9.28
CA ALA A 24 27.75 23.94 10.25
C ALA A 24 28.21 22.63 9.61
N SER A 25 27.32 22.01 8.83
CA SER A 25 27.64 20.75 8.16
C SER A 25 28.79 20.91 7.18
N LEU A 26 28.73 21.96 6.36
CA LEU A 26 29.77 22.21 5.39
C LEU A 26 31.13 22.35 6.08
N ARG A 27 31.20 23.23 7.09
CA ARG A 27 32.44 23.46 7.82
C ARG A 27 33.01 22.18 8.44
N GLU A 28 32.14 21.29 8.92
CA GLU A 28 32.57 20.05 9.53
C GLU A 28 32.66 18.86 8.59
N GLY A 29 32.22 19.05 7.35
CA GLY A 29 32.25 17.95 6.40
C GLY A 29 31.39 16.80 6.86
N ARG A 30 30.19 17.13 7.34
CA ARG A 30 29.29 16.11 7.83
C ARG A 30 28.35 15.61 6.72
N SER A 31 28.18 14.29 6.66
CA SER A 31 27.32 13.66 5.66
C SER A 31 25.85 13.70 6.04
N GLY A 32 24.99 13.81 5.02
CA GLY A 32 23.56 13.82 5.25
C GLY A 32 22.93 12.53 4.76
N ILE A 33 23.77 11.58 4.34
CA ILE A 33 23.30 10.30 3.84
C ILE A 33 22.96 9.34 4.97
N THR A 34 21.84 8.64 4.85
CA THR A 34 21.43 7.67 5.86
C THR A 34 20.88 6.42 5.19
N PHE A 35 20.56 5.40 5.99
CA PHE A 35 20.00 4.17 5.44
C PHE A 35 18.51 4.40 5.21
N SER A 36 17.99 3.93 4.08
CA SER A 36 16.58 4.09 3.78
C SER A 36 15.84 2.76 3.79
N GLN A 37 14.98 2.58 4.78
CA GLN A 37 14.19 1.36 4.89
C GLN A 37 13.26 1.30 3.67
N GLU A 38 12.75 2.46 3.26
CA GLU A 38 11.84 2.56 2.11
C GLU A 38 12.45 2.01 0.82
N LEU A 39 13.70 2.37 0.57
CA LEU A 39 14.36 1.90 -0.63
C LEU A 39 14.55 0.38 -0.60
N LYS A 40 15.02 -0.12 0.55
CA LYS A 40 15.22 -1.55 0.70
C LYS A 40 13.94 -2.34 0.50
N ASP A 41 12.86 -1.91 1.16
CA ASP A 41 11.58 -2.60 1.02
C ASP A 41 11.02 -2.56 -0.40
N SER A 42 11.37 -1.52 -1.16
CA SER A 42 10.87 -1.40 -2.53
C SER A 42 11.49 -2.46 -3.43
N GLY A 43 12.58 -3.06 -2.96
CA GLY A 43 13.24 -4.09 -3.77
C GLY A 43 14.48 -3.58 -4.49
N MET A 44 14.88 -2.35 -4.18
CA MET A 44 16.07 -1.75 -4.81
C MET A 44 17.37 -2.33 -4.25
N ARG A 45 18.47 -2.14 -4.99
CA ARG A 45 19.79 -2.60 -4.56
C ARG A 45 20.47 -1.49 -3.78
N SER A 46 20.11 -0.25 -4.09
CA SER A 46 20.68 0.90 -3.42
C SER A 46 19.77 1.20 -2.22
N HIS A 47 20.34 1.24 -1.03
CA HIS A 47 19.55 1.48 0.19
C HIS A 47 19.94 2.74 0.94
N VAL A 48 20.59 3.69 0.26
CA VAL A 48 21.00 4.92 0.93
C VAL A 48 20.44 6.14 0.22
N TRP A 49 20.25 7.22 0.95
CA TRP A 49 19.75 8.44 0.34
C TRP A 49 20.02 9.67 1.20
N GLY A 50 19.93 10.84 0.56
CA GLY A 50 20.12 12.09 1.26
C GLY A 50 18.75 12.66 1.50
N ASN A 51 18.17 12.33 2.65
CA ASN A 51 16.84 12.78 3.00
C ASN A 51 16.76 14.07 3.79
N VAL A 52 15.62 14.75 3.65
CA VAL A 52 15.38 15.98 4.38
C VAL A 52 14.97 15.53 5.78
N LYS A 53 15.74 15.94 6.78
CA LYS A 53 15.47 15.56 8.18
C LYS A 53 14.53 16.60 8.75
N LEU A 54 13.29 16.62 8.30
CA LEU A 54 12.35 17.61 8.79
C LEU A 54 10.90 17.16 8.64
N ASP A 55 10.10 17.38 9.67
CA ASP A 55 8.69 17.00 9.62
C ASP A 55 8.00 18.25 9.10
N THR A 56 7.45 18.16 7.90
CA THR A 56 6.79 19.31 7.29
C THR A 56 5.36 19.54 7.78
N THR A 57 4.78 18.51 8.40
CA THR A 57 3.42 18.59 8.92
C THR A 57 3.09 19.95 9.53
N GLY A 58 1.96 20.52 9.12
CA GLY A 58 1.53 21.81 9.66
C GLY A 58 2.41 23.01 9.41
N LEU A 59 3.48 22.87 8.63
CA LEU A 59 4.34 24.01 8.37
C LEU A 59 3.77 24.91 7.27
N ILE A 60 2.72 24.43 6.61
CA ILE A 60 2.09 25.18 5.53
C ILE A 60 0.59 25.10 5.69
N ASP A 61 -0.11 26.20 5.41
CA ASP A 61 -1.56 26.23 5.54
C ASP A 61 -2.23 25.11 4.77
N ARG A 62 -3.21 24.48 5.40
CA ARG A 62 -3.94 23.37 4.79
C ARG A 62 -4.53 23.70 3.42
N LYS A 63 -5.04 24.91 3.25
CA LYS A 63 -5.62 25.28 1.96
C LYS A 63 -4.58 25.40 0.86
N VAL A 64 -3.34 25.67 1.23
CA VAL A 64 -2.29 25.80 0.26
C VAL A 64 -1.55 24.49 -0.01
N VAL A 65 -1.17 23.79 1.05
CA VAL A 65 -0.43 22.54 0.91
C VAL A 65 -1.18 21.39 0.21
N ARG A 66 -2.51 21.49 0.15
CA ARG A 66 -3.31 20.42 -0.46
C ARG A 66 -3.05 20.27 -1.95
N PHE A 67 -2.45 21.28 -2.57
CA PHE A 67 -2.14 21.23 -4.00
C PHE A 67 -0.71 20.78 -4.25
N MET A 68 0.07 20.66 -3.17
CA MET A 68 1.48 20.36 -3.31
C MET A 68 2.04 18.96 -3.15
N SER A 69 3.12 18.72 -3.89
CA SER A 69 3.86 17.47 -3.82
C SER A 69 5.09 17.87 -2.98
N ASP A 70 5.94 16.92 -2.59
CA ASP A 70 7.09 17.27 -1.77
C ASP A 70 8.07 18.27 -2.38
N ALA A 71 8.29 18.18 -3.69
CA ALA A 71 9.20 19.12 -4.33
C ALA A 71 8.68 20.53 -4.07
N SER A 72 7.38 20.73 -4.23
CA SER A 72 6.79 22.05 -4.00
C SER A 72 6.89 22.49 -2.54
N ILE A 73 6.68 21.53 -1.63
CA ILE A 73 6.76 21.84 -0.21
C ILE A 73 8.16 22.33 0.15
N TYR A 74 9.18 21.62 -0.33
CA TYR A 74 10.56 22.01 -0.05
C TYR A 74 10.89 23.37 -0.64
N ALA A 75 10.47 23.61 -1.89
CA ALA A 75 10.75 24.88 -2.53
C ALA A 75 10.00 25.99 -1.79
N PHE A 76 8.76 25.71 -1.39
CA PHE A 76 7.96 26.68 -0.66
C PHE A 76 8.64 27.09 0.66
N LEU A 77 9.06 26.10 1.44
CA LEU A 77 9.72 26.39 2.70
C LEU A 77 11.01 27.18 2.45
N SER A 78 11.72 26.86 1.38
CA SER A 78 12.96 27.56 1.04
C SER A 78 12.70 29.01 0.64
N MET A 79 11.55 29.26 0.02
CA MET A 79 11.21 30.60 -0.40
C MET A 79 10.88 31.49 0.80
N GLU A 80 10.17 30.94 1.78
CA GLU A 80 9.82 31.69 2.99
C GLU A 80 11.14 32.17 3.60
N GLN A 81 12.10 31.26 3.71
CA GLN A 81 13.41 31.57 4.27
C GLN A 81 14.08 32.67 3.46
N ALA A 82 14.08 32.49 2.15
CA ALA A 82 14.70 33.45 1.25
C ALA A 82 14.07 34.84 1.35
N ILE A 83 12.76 34.89 1.52
CA ILE A 83 12.06 36.17 1.62
C ILE A 83 12.48 36.90 2.90
N ALA A 84 12.54 36.17 4.01
CA ALA A 84 12.93 36.75 5.28
C ALA A 84 14.37 37.20 5.22
N ASP A 85 15.23 36.32 4.71
CA ASP A 85 16.66 36.61 4.60
C ASP A 85 16.94 37.82 3.69
N ALA A 86 16.07 38.05 2.71
CA ALA A 86 16.25 39.16 1.80
C ALA A 86 15.68 40.48 2.34
N GLY A 87 15.01 40.39 3.50
CA GLY A 87 14.44 41.58 4.12
C GLY A 87 13.28 42.16 3.34
N LEU A 88 12.58 41.32 2.61
CA LEU A 88 11.44 41.77 1.82
C LEU A 88 10.13 41.58 2.57
N SER A 89 9.21 42.51 2.37
CA SER A 89 7.89 42.44 2.99
C SER A 89 6.86 42.27 1.90
N PRO A 90 5.71 41.68 2.23
CA PRO A 90 4.62 41.44 1.29
C PRO A 90 4.36 42.51 0.24
N GLU A 91 4.11 43.75 0.66
CA GLU A 91 3.82 44.78 -0.34
C GLU A 91 4.96 45.06 -1.32
N ALA A 92 6.13 44.49 -1.07
CA ALA A 92 7.26 44.71 -1.98
C ALA A 92 7.39 43.64 -3.08
N TYR A 93 6.87 42.44 -2.83
CA TYR A 93 6.98 41.38 -3.84
C TYR A 93 5.63 40.82 -4.27
N GLN A 94 4.58 41.20 -3.55
CA GLN A 94 3.24 40.72 -3.86
C GLN A 94 2.51 41.66 -4.83
N ASN A 95 1.65 41.09 -5.67
CA ASN A 95 0.88 41.86 -6.65
C ASN A 95 1.78 42.88 -7.36
N ASN A 96 3.01 42.47 -7.65
CA ASN A 96 3.97 43.34 -8.31
C ASN A 96 4.42 42.73 -9.64
N PRO A 97 4.05 43.36 -10.76
CA PRO A 97 4.39 42.90 -12.12
C PRO A 97 5.90 42.75 -12.38
N ARG A 98 6.71 43.48 -11.63
CA ARG A 98 8.17 43.43 -11.80
C ARG A 98 8.81 42.31 -10.98
N VAL A 99 8.01 41.52 -10.28
CA VAL A 99 8.54 40.42 -9.47
C VAL A 99 8.04 39.06 -9.96
N GLY A 100 8.98 38.16 -10.27
CA GLY A 100 8.60 36.86 -10.76
C GLY A 100 9.19 35.65 -10.05
N LEU A 101 8.92 34.47 -10.62
CA LEU A 101 9.39 33.23 -10.04
C LEU A 101 9.69 32.19 -11.11
N ILE A 102 10.90 31.64 -11.06
CA ILE A 102 11.33 30.61 -12.01
C ILE A 102 11.96 29.50 -11.19
N ALA A 103 11.20 28.44 -10.97
CA ALA A 103 11.68 27.31 -10.19
C ALA A 103 11.12 26.03 -10.78
N GLY A 104 11.90 24.96 -10.69
CA GLY A 104 11.45 23.69 -11.22
C GLY A 104 11.99 22.47 -10.51
N SER A 105 11.65 21.31 -11.05
CA SER A 105 12.10 20.04 -10.51
C SER A 105 12.52 19.19 -11.69
N GLY A 106 13.23 18.10 -11.41
CA GLY A 106 13.68 17.22 -12.45
C GLY A 106 12.65 16.20 -12.87
N GLY A 107 11.85 15.72 -11.93
CA GLY A 107 10.87 14.71 -12.27
C GLY A 107 9.42 15.02 -11.94
N GLY A 108 9.14 16.23 -11.48
CA GLY A 108 7.77 16.57 -11.14
C GLY A 108 7.40 15.81 -9.88
N SER A 109 6.51 14.83 -10.01
CA SER A 109 6.12 14.03 -8.86
C SER A 109 5.75 12.61 -9.24
N PRO A 110 6.76 11.75 -9.40
CA PRO A 110 6.50 10.36 -9.75
C PRO A 110 5.54 9.75 -8.73
N ARG A 111 5.74 10.07 -7.46
CA ARG A 111 4.89 9.54 -6.41
C ARG A 111 3.41 9.76 -6.64
N PHE A 112 3.00 10.99 -6.94
CA PHE A 112 1.58 11.26 -7.14
C PHE A 112 1.08 10.87 -8.51
N GLN A 113 1.97 10.72 -9.49
CA GLN A 113 1.54 10.27 -10.80
C GLN A 113 1.15 8.82 -10.60
N VAL A 114 1.93 8.10 -9.79
CA VAL A 114 1.65 6.71 -9.52
C VAL A 114 0.42 6.58 -8.64
N PHE A 115 0.28 7.47 -7.66
CA PHE A 115 -0.87 7.46 -6.75
C PHE A 115 -2.17 7.54 -7.52
N GLY A 116 -2.21 8.42 -8.52
CA GLY A 116 -3.42 8.59 -9.29
C GLY A 116 -3.76 7.34 -10.07
N ALA A 117 -2.73 6.71 -10.64
CA ALA A 117 -2.94 5.49 -11.43
C ALA A 117 -3.45 4.36 -10.53
N ASP A 118 -2.82 4.21 -9.37
CA ASP A 118 -3.22 3.16 -8.43
C ASP A 118 -4.64 3.41 -7.95
N ALA A 119 -4.92 4.65 -7.55
CA ALA A 119 -6.25 5.02 -7.06
C ALA A 119 -7.32 4.70 -8.11
N MET A 120 -7.08 5.16 -9.33
CA MET A 120 -8.00 4.95 -10.43
C MET A 120 -8.30 3.47 -10.70
N ARG A 121 -7.29 2.61 -10.60
CA ARG A 121 -7.47 1.19 -10.84
C ARG A 121 -8.10 0.49 -9.64
N GLY A 122 -8.42 1.26 -8.62
CA GLY A 122 -9.02 0.70 -7.43
C GLY A 122 -10.55 0.74 -7.44
N PRO A 123 -11.19 0.19 -6.39
CA PRO A 123 -12.64 0.13 -6.21
C PRO A 123 -13.36 1.48 -6.19
N ARG A 124 -12.61 2.54 -5.91
CA ARG A 124 -13.18 3.87 -5.81
C ARG A 124 -13.07 4.72 -7.08
N GLY A 125 -12.16 4.34 -7.97
CA GLY A 125 -11.99 5.08 -9.20
C GLY A 125 -11.69 6.55 -9.00
N LEU A 126 -12.37 7.40 -9.78
CA LEU A 126 -12.18 8.84 -9.73
C LEU A 126 -12.26 9.46 -8.33
N LYS A 127 -13.12 8.90 -7.49
CA LYS A 127 -13.27 9.42 -6.14
C LYS A 127 -12.00 9.29 -5.30
N ALA A 128 -11.28 8.19 -5.49
CA ALA A 128 -10.04 7.96 -4.74
C ALA A 128 -8.92 8.86 -5.25
N VAL A 129 -8.95 9.15 -6.56
CA VAL A 129 -7.93 10.00 -7.17
C VAL A 129 -7.95 11.41 -6.54
N GLY A 130 -9.14 11.98 -6.41
CA GLY A 130 -9.25 13.29 -5.82
C GLY A 130 -9.02 14.39 -6.84
N PRO A 131 -9.36 15.64 -6.51
CA PRO A 131 -9.19 16.78 -7.41
C PRO A 131 -7.86 17.53 -7.30
N TYR A 132 -6.92 17.03 -6.50
CA TYR A 132 -5.66 17.73 -6.33
C TYR A 132 -4.44 17.07 -6.96
N VAL A 133 -4.62 15.96 -7.66
CA VAL A 133 -3.46 15.29 -8.24
C VAL A 133 -2.78 16.02 -9.38
N VAL A 134 -3.54 16.74 -10.21
CA VAL A 134 -2.94 17.45 -11.34
C VAL A 134 -1.84 18.42 -10.93
N THR A 135 -2.16 19.34 -10.02
CA THR A 135 -1.17 20.31 -9.56
C THR A 135 0.01 19.66 -8.83
N LYS A 136 -0.18 18.45 -8.34
CA LYS A 136 0.89 17.76 -7.65
C LYS A 136 1.78 17.01 -8.63
N ALA A 137 1.17 16.48 -9.69
CA ALA A 137 1.89 15.70 -10.69
C ALA A 137 2.46 16.44 -11.90
N MET A 138 1.89 17.58 -12.26
CA MET A 138 2.41 18.29 -13.43
C MET A 138 3.85 18.75 -13.22
N ALA A 139 4.61 18.77 -14.31
CA ALA A 139 6.00 19.17 -14.27
C ALA A 139 6.23 20.59 -13.76
N SER A 140 5.23 21.46 -13.92
CA SER A 140 5.37 22.84 -13.49
C SER A 140 4.85 23.09 -12.08
N GLY A 141 4.63 22.00 -11.34
CA GLY A 141 4.14 22.10 -9.98
C GLY A 141 4.91 23.03 -9.07
N VAL A 142 6.24 22.92 -9.07
CA VAL A 142 7.05 23.76 -8.20
C VAL A 142 6.81 25.25 -8.37
N SER A 143 6.63 25.71 -9.61
CA SER A 143 6.39 27.13 -9.85
C SER A 143 4.93 27.50 -9.66
N ALA A 144 4.02 26.63 -10.08
CA ALA A 144 2.60 26.90 -9.96
C ALA A 144 2.16 27.00 -8.51
N CYS A 145 2.66 26.09 -7.68
CA CYS A 145 2.29 26.07 -6.26
C CYS A 145 2.94 27.14 -5.39
N LEU A 146 3.94 27.83 -5.93
CA LEU A 146 4.58 28.89 -5.17
C LEU A 146 4.09 30.25 -5.62
N ALA A 147 4.05 30.45 -6.93
CA ALA A 147 3.61 31.70 -7.50
C ALA A 147 2.18 32.09 -7.11
N THR A 148 1.29 31.12 -6.95
CA THR A 148 -0.09 31.43 -6.60
C THR A 148 -0.25 31.93 -5.15
N PRO A 149 0.23 31.16 -4.15
CA PRO A 149 0.06 31.67 -2.79
C PRO A 149 0.90 32.90 -2.45
N PHE A 150 2.04 33.07 -3.12
CA PHE A 150 2.89 34.24 -2.84
C PHE A 150 2.51 35.47 -3.66
N LYS A 151 1.34 35.41 -4.30
CA LYS A 151 0.84 36.53 -5.10
C LYS A 151 1.82 37.06 -6.13
N ILE A 152 2.48 36.19 -6.87
CA ILE A 152 3.43 36.63 -7.88
C ILE A 152 2.69 37.06 -9.14
N HIS A 153 3.06 38.22 -9.67
CA HIS A 153 2.44 38.76 -10.88
C HIS A 153 3.36 38.84 -12.10
N GLY A 154 4.65 38.61 -11.90
CA GLY A 154 5.60 38.68 -13.00
C GLY A 154 5.71 37.36 -13.76
N VAL A 155 6.90 37.02 -14.24
CA VAL A 155 7.05 35.77 -14.98
C VAL A 155 6.76 34.62 -14.03
N ASN A 156 6.29 33.51 -14.58
CA ASN A 156 5.97 32.36 -13.77
C ASN A 156 5.96 31.09 -14.59
N TYR A 157 7.04 30.32 -14.47
CA TYR A 157 7.16 29.04 -15.15
C TYR A 157 8.30 28.23 -14.57
N SER A 158 8.37 26.97 -14.97
CA SER A 158 9.44 26.09 -14.49
C SER A 158 10.36 25.72 -15.63
N ILE A 159 11.64 25.59 -15.31
CA ILE A 159 12.61 25.16 -16.29
C ILE A 159 13.05 23.80 -15.77
N SER A 160 13.09 22.81 -16.64
CA SER A 160 13.50 21.48 -16.24
C SER A 160 14.61 21.02 -17.19
N SER A 161 15.69 20.53 -16.61
CA SER A 161 16.83 20.08 -17.38
C SER A 161 17.67 19.08 -16.60
N ALA A 162 16.99 18.08 -16.05
CA ALA A 162 17.62 17.03 -15.28
C ALA A 162 18.41 17.63 -14.11
N SER A 163 19.67 17.20 -13.95
CA SER A 163 20.52 17.69 -12.86
C SER A 163 20.89 19.17 -13.01
N ALA A 164 20.58 19.79 -14.15
CA ALA A 164 20.91 21.20 -14.35
C ALA A 164 19.71 22.13 -14.12
N THR A 165 18.54 21.54 -13.88
CA THR A 165 17.29 22.27 -13.65
C THR A 165 17.37 23.61 -12.89
N SER A 166 17.63 23.56 -11.58
CA SER A 166 17.68 24.78 -10.79
C SER A 166 18.83 25.73 -11.11
N ALA A 167 19.79 25.26 -11.90
CA ALA A 167 20.90 26.13 -12.28
C ALA A 167 20.43 26.98 -13.45
N HIS A 168 19.70 26.38 -14.38
CA HIS A 168 19.16 27.10 -15.52
C HIS A 168 18.07 28.07 -15.05
N CYS A 169 17.35 27.70 -13.99
CA CYS A 169 16.31 28.58 -13.45
C CYS A 169 16.95 29.89 -13.00
N ILE A 170 18.06 29.79 -12.27
CA ILE A 170 18.79 30.97 -11.79
C ILE A 170 19.33 31.77 -12.97
N GLY A 171 19.92 31.07 -13.94
CA GLY A 171 20.48 31.74 -15.11
C GLY A 171 19.41 32.44 -15.92
N ASN A 172 18.23 31.85 -16.01
CA ASN A 172 17.14 32.44 -16.75
C ASN A 172 16.61 33.66 -16.00
N ALA A 173 16.70 33.61 -14.68
CA ALA A 173 16.25 34.72 -13.86
C ALA A 173 17.18 35.91 -14.13
N VAL A 174 18.48 35.63 -14.20
CA VAL A 174 19.47 36.67 -14.47
C VAL A 174 19.12 37.35 -15.79
N GLU A 175 18.79 36.55 -16.79
CA GLU A 175 18.45 37.08 -18.10
C GLU A 175 17.20 37.97 -18.06
N GLN A 176 16.20 37.56 -17.30
CA GLN A 176 14.98 38.34 -17.20
C GLN A 176 15.28 39.72 -16.63
N ILE A 177 16.25 39.79 -15.72
CA ILE A 177 16.64 41.07 -15.13
C ILE A 177 17.52 41.85 -16.10
N GLN A 178 18.42 41.17 -16.77
CA GLN A 178 19.29 41.85 -17.73
C GLN A 178 18.42 42.44 -18.85
N LEU A 179 17.33 41.75 -19.18
CA LEU A 179 16.44 42.23 -20.21
C LEU A 179 15.59 43.39 -19.72
N GLY A 180 15.65 43.67 -18.43
CA GLY A 180 14.88 44.76 -17.87
C GLY A 180 13.41 44.46 -17.70
N LYS A 181 13.06 43.18 -17.73
CA LYS A 181 11.67 42.79 -17.58
C LYS A 181 11.26 42.64 -16.13
N GLN A 182 12.21 42.32 -15.26
CA GLN A 182 11.91 42.13 -13.84
C GLN A 182 12.99 42.76 -12.96
N ASP A 183 12.63 43.07 -11.71
CA ASP A 183 13.57 43.65 -10.77
C ASP A 183 14.01 42.56 -9.82
N ILE A 184 13.08 41.66 -9.51
CA ILE A 184 13.34 40.55 -8.61
C ILE A 184 12.74 39.29 -9.19
N VAL A 185 13.45 38.18 -9.05
CA VAL A 185 12.96 36.90 -9.51
C VAL A 185 13.40 35.85 -8.51
N PHE A 186 12.43 35.09 -7.98
CA PHE A 186 12.75 34.02 -7.04
C PHE A 186 13.10 32.84 -7.93
N ALA A 187 14.30 32.31 -7.74
CA ALA A 187 14.76 31.18 -8.55
C ALA A 187 15.24 30.05 -7.66
N GLY A 188 14.96 28.83 -8.08
CA GLY A 188 15.37 27.67 -7.32
C GLY A 188 14.68 26.42 -7.82
N GLY A 189 14.35 25.53 -6.90
CA GLY A 189 13.70 24.31 -7.28
C GLY A 189 13.63 23.33 -6.13
N GLY A 190 13.11 22.15 -6.41
CA GLY A 190 13.01 21.14 -5.39
C GLY A 190 12.84 19.80 -6.07
N GLU A 191 12.99 18.74 -5.29
CA GLU A 191 12.86 17.38 -5.79
C GLU A 191 12.40 16.49 -4.66
N GLU A 192 11.37 15.69 -4.90
CA GLU A 192 10.88 14.78 -3.88
C GLU A 192 11.85 13.63 -3.83
N LEU A 193 11.78 12.85 -2.76
CA LEU A 193 12.63 11.68 -2.58
C LEU A 193 11.68 10.51 -2.37
N CYS A 194 11.72 9.55 -3.28
CA CYS A 194 10.82 8.40 -3.20
C CYS A 194 11.34 7.22 -4.02
N TRP A 195 10.87 6.02 -3.69
CA TRP A 195 11.30 4.83 -4.41
C TRP A 195 10.73 4.80 -5.83
N GLU A 196 9.53 5.37 -6.01
CA GLU A 196 8.88 5.39 -7.33
C GLU A 196 9.83 5.93 -8.38
N MET A 197 10.62 6.92 -7.98
CA MET A 197 11.59 7.55 -8.87
C MET A 197 12.97 6.90 -8.76
N ALA A 198 13.41 6.65 -7.52
CA ALA A 198 14.73 6.06 -7.29
C ALA A 198 14.96 4.72 -7.99
N CYS A 199 13.94 3.85 -7.98
CA CYS A 199 14.08 2.54 -8.60
C CYS A 199 14.46 2.65 -10.08
N GLU A 200 14.05 3.73 -10.73
CA GLU A 200 14.36 3.93 -12.14
C GLU A 200 15.85 4.10 -12.37
N PHE A 201 16.52 4.78 -11.44
CA PHE A 201 17.96 4.99 -11.53
C PHE A 201 18.71 3.73 -11.17
N ASP A 202 18.22 3.02 -10.17
CA ASP A 202 18.84 1.79 -9.74
C ASP A 202 18.76 0.82 -10.92
N ALA A 203 17.62 0.84 -11.60
CA ALA A 203 17.37 -0.02 -12.74
C ALA A 203 18.38 0.15 -13.88
N MET A 204 18.97 1.33 -13.99
CA MET A 204 19.96 1.55 -15.04
C MET A 204 21.36 1.50 -14.46
N GLY A 205 21.47 1.02 -13.22
CA GLY A 205 22.76 0.89 -12.55
C GLY A 205 23.48 2.19 -12.22
N ALA A 206 22.72 3.26 -12.00
CA ALA A 206 23.31 4.57 -11.70
C ALA A 206 23.58 4.85 -10.22
N LEU A 207 22.94 4.10 -9.33
CA LEU A 207 23.10 4.34 -7.90
C LEU A 207 24.15 3.50 -7.19
N SER A 208 24.71 4.07 -6.12
CA SER A 208 25.72 3.37 -5.33
C SER A 208 25.07 2.17 -4.64
N THR A 209 25.71 1.01 -4.72
CA THR A 209 25.14 -0.18 -4.08
C THR A 209 26.09 -1.00 -3.22
N LYS A 210 27.38 -0.71 -3.29
CA LYS A 210 28.35 -1.47 -2.50
C LYS A 210 28.56 -0.96 -1.08
N TYR A 211 27.98 0.19 -0.72
CA TYR A 211 28.19 0.74 0.61
C TYR A 211 26.95 0.91 1.47
N ASN A 212 25.97 0.04 1.30
CA ASN A 212 24.76 0.16 2.10
C ASN A 212 25.06 0.02 3.60
N ASP A 213 26.00 -0.85 3.97
CA ASP A 213 26.33 -1.05 5.37
C ASP A 213 26.98 0.18 5.99
N THR A 214 27.57 1.03 5.17
CA THR A 214 28.22 2.24 5.64
C THR A 214 27.73 3.42 4.81
N PRO A 215 26.48 3.87 5.09
CA PRO A 215 25.81 4.98 4.40
C PRO A 215 26.65 6.24 4.15
N GLU A 216 27.29 6.74 5.18
CA GLU A 216 28.09 7.96 5.08
C GLU A 216 29.31 7.89 4.17
N LYS A 217 29.61 6.72 3.62
CA LYS A 217 30.74 6.59 2.73
C LYS A 217 30.32 6.20 1.32
N ALA A 218 29.01 6.04 1.10
CA ALA A 218 28.49 5.67 -0.20
C ALA A 218 28.80 6.71 -1.29
N SER A 219 28.59 7.98 -0.98
CA SER A 219 28.88 9.06 -1.94
C SER A 219 30.34 9.45 -1.75
N ARG A 220 31.19 9.12 -2.73
CA ARG A 220 32.61 9.39 -2.62
C ARG A 220 33.26 9.93 -3.89
N THR A 221 32.80 11.09 -4.33
CA THR A 221 33.31 11.73 -5.54
C THR A 221 34.84 11.72 -5.62
N TYR A 222 35.35 11.24 -6.74
CA TYR A 222 36.79 11.16 -7.03
C TYR A 222 37.52 9.99 -6.40
N ASP A 223 36.90 9.31 -5.45
CA ASP A 223 37.56 8.16 -4.86
C ASP A 223 37.60 7.05 -5.92
N ALA A 224 38.67 6.26 -5.90
CA ALA A 224 38.84 5.18 -6.88
C ALA A 224 37.76 4.11 -6.79
N HIS A 225 37.07 4.04 -5.66
CA HIS A 225 36.06 3.01 -5.49
C HIS A 225 34.61 3.47 -5.52
N ARG A 226 34.37 4.67 -6.03
CA ARG A 226 33.01 5.19 -6.15
C ARG A 226 32.26 4.20 -7.06
N ASP A 227 30.96 4.04 -6.85
CA ASP A 227 30.17 3.11 -7.67
C ASP A 227 28.79 3.64 -8.07
N GLY A 228 28.66 4.95 -8.22
CA GLY A 228 27.39 5.53 -8.58
C GLY A 228 26.98 6.61 -7.59
N PHE A 229 25.93 7.36 -7.89
CA PHE A 229 25.53 8.41 -6.98
C PHE A 229 24.51 7.94 -5.93
N VAL A 230 24.39 8.73 -4.88
CA VAL A 230 23.45 8.47 -3.80
C VAL A 230 22.35 9.50 -4.02
N ILE A 231 21.14 9.04 -4.31
CA ILE A 231 20.04 9.95 -4.58
C ILE A 231 19.59 10.71 -3.35
N ALA A 232 19.19 11.96 -3.54
CA ALA A 232 18.75 12.80 -2.44
C ALA A 232 17.64 13.72 -2.90
N GLY A 233 17.04 14.43 -1.94
CA GLY A 233 15.98 15.35 -2.26
C GLY A 233 16.16 16.64 -1.49
N GLY A 234 15.16 17.51 -1.58
CA GLY A 234 15.25 18.78 -0.88
C GLY A 234 14.91 19.93 -1.81
N GLY A 235 15.14 21.14 -1.33
CA GLY A 235 14.83 22.30 -2.14
C GLY A 235 15.76 23.44 -1.80
N GLY A 236 15.75 24.45 -2.66
CA GLY A 236 16.58 25.62 -2.46
C GLY A 236 15.93 26.73 -3.27
N MET A 237 16.21 27.97 -2.89
CA MET A 237 15.62 29.10 -3.59
C MET A 237 16.47 30.35 -3.28
N VAL A 238 16.73 31.15 -4.31
CA VAL A 238 17.50 32.37 -4.09
C VAL A 238 16.75 33.58 -4.64
N VAL A 239 17.08 34.75 -4.11
CA VAL A 239 16.47 35.99 -4.55
C VAL A 239 17.44 36.69 -5.51
N VAL A 240 17.08 36.67 -6.79
CA VAL A 240 17.89 37.30 -7.82
C VAL A 240 17.32 38.69 -8.00
N GLU A 241 18.17 39.70 -7.81
CA GLU A 241 17.71 41.08 -7.86
C GLU A 241 18.60 42.00 -8.69
N GLU A 242 18.00 43.05 -9.23
CA GLU A 242 18.74 44.03 -10.02
C GLU A 242 19.55 44.86 -9.03
N LEU A 243 20.83 45.07 -9.33
CA LEU A 243 21.72 45.81 -8.42
C LEU A 243 21.21 47.13 -7.84
N GLU A 244 20.92 48.11 -8.68
CA GLU A 244 20.44 49.41 -8.19
C GLU A 244 19.20 49.26 -7.30
N HIS A 245 18.30 48.38 -7.68
CA HIS A 245 17.08 48.13 -6.91
C HIS A 245 17.42 47.56 -5.51
N ALA A 246 18.46 46.74 -5.44
CA ALA A 246 18.88 46.14 -4.16
C ALA A 246 19.60 47.15 -3.27
N LEU A 247 20.41 48.01 -3.88
CA LEU A 247 21.11 49.02 -3.10
C LEU A 247 20.09 50.01 -2.54
N ALA A 248 19.13 50.41 -3.37
CA ALA A 248 18.09 51.36 -2.98
C ALA A 248 17.30 50.96 -1.75
N ARG A 249 17.30 49.68 -1.40
CA ARG A 249 16.56 49.25 -0.22
C ARG A 249 17.49 48.70 0.85
N GLY A 250 18.78 49.01 0.71
CA GLY A 250 19.76 48.55 1.68
C GLY A 250 19.78 47.05 1.90
N ALA A 251 19.65 46.29 0.82
CA ALA A 251 19.66 44.83 0.94
C ALA A 251 21.06 44.31 1.22
N HIS A 252 21.13 43.12 1.80
CA HIS A 252 22.40 42.48 2.06
C HIS A 252 22.72 41.72 0.77
N ILE A 253 23.89 41.98 0.20
CA ILE A 253 24.28 41.33 -1.03
C ILE A 253 25.34 40.26 -0.81
N TYR A 254 24.99 39.01 -1.15
CA TYR A 254 25.91 37.89 -1.01
C TYR A 254 26.93 37.94 -2.14
N ALA A 255 26.48 38.26 -3.34
CA ALA A 255 27.37 38.31 -4.48
C ALA A 255 26.66 38.73 -5.75
N GLU A 256 27.46 39.05 -6.75
CA GLU A 256 26.96 39.43 -8.05
C GLU A 256 27.15 38.21 -8.97
N ILE A 257 26.17 37.95 -9.84
CA ILE A 257 26.29 36.84 -10.77
C ILE A 257 26.94 37.48 -11.97
N VAL A 258 28.20 37.14 -12.19
CA VAL A 258 28.97 37.71 -13.29
C VAL A 258 29.10 36.80 -14.49
N GLY A 259 28.65 35.56 -14.36
CA GLY A 259 28.75 34.64 -15.47
C GLY A 259 27.72 33.52 -15.45
N TYR A 260 27.18 33.21 -16.62
CA TYR A 260 26.19 32.14 -16.75
C TYR A 260 26.33 31.46 -18.10
N GLY A 261 26.68 30.18 -18.05
CA GLY A 261 26.83 29.42 -19.27
C GLY A 261 25.77 28.35 -19.39
N ALA A 262 25.32 28.09 -20.61
CA ALA A 262 24.31 27.09 -20.88
C ALA A 262 24.62 26.48 -22.23
N THR A 263 25.06 25.22 -22.23
CA THR A 263 25.39 24.55 -23.49
C THR A 263 24.80 23.16 -23.58
N SER A 264 25.03 22.51 -24.72
CA SER A 264 24.52 21.17 -24.96
C SER A 264 25.62 20.28 -25.56
N ASP A 265 25.64 19.01 -25.18
CA ASP A 265 26.65 18.09 -25.70
C ASP A 265 26.30 17.60 -27.11
N GLY A 266 25.03 17.26 -27.33
CA GLY A 266 24.60 16.77 -28.62
C GLY A 266 25.38 15.50 -28.90
N ALA A 267 25.62 14.72 -27.85
CA ALA A 267 26.38 13.49 -27.97
C ALA A 267 25.69 12.27 -27.34
N ASP A 268 25.88 12.09 -26.05
CA ASP A 268 25.28 10.95 -25.38
C ASP A 268 24.08 11.31 -24.52
N MET A 269 23.14 10.38 -24.44
CA MET A 269 21.91 10.56 -23.69
C MET A 269 22.10 10.55 -22.17
N VAL A 270 23.02 9.71 -21.70
CA VAL A 270 23.27 9.57 -20.26
C VAL A 270 24.66 9.99 -19.75
N ALA A 271 25.67 9.95 -20.60
CA ALA A 271 27.01 10.32 -20.18
C ALA A 271 27.49 11.63 -20.79
N PRO A 272 28.14 12.47 -19.97
CA PRO A 272 28.65 13.77 -20.46
C PRO A 272 29.73 13.52 -21.51
N SER A 273 29.87 14.43 -22.46
CA SER A 273 30.87 14.28 -23.50
C SER A 273 32.18 14.94 -23.08
N GLY A 274 32.09 15.87 -22.13
CA GLY A 274 33.26 16.59 -21.66
C GLY A 274 33.38 17.88 -22.44
N GLU A 275 33.34 17.77 -23.75
CA GLU A 275 33.44 18.92 -24.65
C GLU A 275 32.38 19.99 -24.34
N GLY A 276 31.14 19.57 -24.07
CA GLY A 276 30.09 20.51 -23.76
C GLY A 276 30.36 21.27 -22.48
N ALA A 277 30.94 20.58 -21.50
CA ALA A 277 31.29 21.17 -20.22
C ALA A 277 32.34 22.25 -20.41
N VAL A 278 33.31 21.96 -21.27
CA VAL A 278 34.37 22.91 -21.55
C VAL A 278 33.76 24.19 -22.07
N ARG A 279 32.97 24.09 -23.12
CA ARG A 279 32.33 25.26 -23.71
C ARG A 279 31.47 26.00 -22.70
N CYS A 280 30.81 25.27 -21.80
CA CYS A 280 29.96 25.88 -20.82
C CYS A 280 30.74 26.72 -19.80
N MET A 281 31.83 26.16 -19.28
CA MET A 281 32.64 26.88 -18.31
C MET A 281 33.30 28.11 -18.93
N LYS A 282 33.81 27.96 -20.15
CA LYS A 282 34.44 29.08 -20.83
C LYS A 282 33.43 30.19 -21.10
N MET A 283 32.18 29.81 -21.39
CA MET A 283 31.14 30.80 -21.67
C MET A 283 30.82 31.62 -20.42
N ALA A 284 30.73 30.94 -19.28
CA ALA A 284 30.42 31.60 -18.03
C ALA A 284 31.58 32.51 -17.58
N MET A 285 32.80 32.15 -17.97
CA MET A 285 33.97 32.94 -17.59
C MET A 285 34.24 34.15 -18.48
N HIS A 286 33.65 34.17 -19.66
CA HIS A 286 33.87 35.28 -20.59
C HIS A 286 33.50 36.62 -19.94
N GLY A 287 34.48 37.51 -19.85
CA GLY A 287 34.22 38.82 -19.24
C GLY A 287 34.57 38.89 -17.77
N VAL A 288 34.87 37.75 -17.15
CA VAL A 288 35.23 37.75 -15.74
C VAL A 288 36.73 37.96 -15.66
N ASP A 289 37.15 39.14 -15.23
CA ASP A 289 38.57 39.49 -15.15
C ASP A 289 39.34 38.91 -13.96
N THR A 290 38.64 38.50 -12.91
CA THR A 290 39.31 37.92 -11.76
C THR A 290 39.38 36.41 -11.95
N PRO A 291 40.34 35.74 -11.30
CA PRO A 291 40.46 34.29 -11.43
C PRO A 291 39.45 33.54 -10.57
N ILE A 292 39.18 32.29 -10.92
CA ILE A 292 38.25 31.47 -10.16
C ILE A 292 39.00 30.89 -8.95
N ASP A 293 38.56 31.26 -7.75
CA ASP A 293 39.18 30.80 -6.53
C ASP A 293 38.66 29.43 -6.13
N TYR A 294 37.36 29.20 -6.30
CA TYR A 294 36.78 27.93 -5.93
C TYR A 294 35.78 27.40 -6.95
N LEU A 295 35.79 26.08 -7.16
CA LEU A 295 34.88 25.46 -8.10
C LEU A 295 34.10 24.34 -7.43
N ASN A 296 32.81 24.55 -7.25
CA ASN A 296 31.97 23.52 -6.65
C ASN A 296 31.54 22.69 -7.85
N SER A 297 32.21 21.57 -8.04
CA SER A 297 31.95 20.68 -9.17
C SER A 297 30.62 19.95 -9.13
N HIS A 298 30.25 19.40 -10.28
CA HIS A 298 29.02 18.63 -10.39
C HIS A 298 29.26 17.33 -9.63
N GLY A 299 30.42 16.73 -9.88
CA GLY A 299 30.86 15.49 -9.24
C GLY A 299 29.83 14.66 -8.50
N THR A 300 29.13 13.81 -9.24
CA THR A 300 28.08 12.98 -8.65
C THR A 300 28.58 11.67 -8.03
N SER A 301 29.86 11.37 -8.21
CA SER A 301 30.48 10.16 -7.67
C SER A 301 30.20 8.94 -8.55
N THR A 302 30.20 9.15 -9.86
CA THR A 302 29.99 8.06 -10.78
C THR A 302 31.32 7.83 -11.47
N PRO A 303 31.58 6.59 -11.92
CA PRO A 303 32.84 6.25 -12.59
C PRO A 303 33.15 7.15 -13.79
N VAL A 304 32.22 7.22 -14.74
CA VAL A 304 32.41 8.01 -15.93
C VAL A 304 32.26 9.51 -15.71
N GLY A 305 31.16 9.91 -15.10
CA GLY A 305 30.90 11.32 -14.85
C GLY A 305 32.04 12.08 -14.19
N ASP A 306 32.47 11.63 -13.03
CA ASP A 306 33.55 12.28 -12.30
C ASP A 306 34.78 12.58 -13.16
N VAL A 307 35.22 11.63 -13.98
CA VAL A 307 36.42 11.87 -14.80
C VAL A 307 36.20 12.78 -15.99
N LYS A 308 35.04 12.68 -16.64
CA LYS A 308 34.76 13.55 -17.78
C LYS A 308 34.89 15.01 -17.34
N GLU A 309 34.30 15.32 -16.19
CA GLU A 309 34.36 16.68 -15.67
C GLU A 309 35.78 17.07 -15.30
N LEU A 310 36.52 16.14 -14.69
CA LEU A 310 37.90 16.42 -14.32
C LEU A 310 38.72 16.76 -15.56
N ALA A 311 38.48 16.04 -16.65
CA ALA A 311 39.19 16.29 -17.90
C ALA A 311 38.81 17.66 -18.43
N ALA A 312 37.52 18.00 -18.33
CA ALA A 312 37.02 19.29 -18.81
C ALA A 312 37.64 20.42 -18.00
N ILE A 313 37.71 20.22 -16.69
CA ILE A 313 38.28 21.23 -15.81
C ILE A 313 39.75 21.47 -16.15
N ARG A 314 40.49 20.39 -16.34
CA ARG A 314 41.89 20.46 -16.69
C ARG A 314 42.01 21.18 -18.04
N GLU A 315 41.13 20.86 -18.98
CA GLU A 315 41.14 21.51 -20.29
C GLU A 315 40.96 23.01 -20.16
N VAL A 316 40.12 23.42 -19.22
CA VAL A 316 39.88 24.85 -19.03
C VAL A 316 40.93 25.58 -18.20
N PHE A 317 41.46 24.95 -17.16
CA PHE A 317 42.45 25.62 -16.31
C PHE A 317 43.89 25.12 -16.44
N GLY A 318 44.10 24.03 -17.17
CA GLY A 318 45.44 23.50 -17.32
C GLY A 318 46.08 23.26 -15.97
N ASP A 319 47.08 24.07 -15.63
CA ASP A 319 47.76 23.92 -14.35
C ASP A 319 47.32 24.94 -13.30
N LYS A 320 46.78 26.10 -13.71
CA LYS A 320 46.28 27.11 -12.75
C LYS A 320 44.90 26.63 -12.27
N SER A 321 44.84 25.37 -11.85
CA SER A 321 43.58 24.79 -11.35
C SER A 321 43.05 25.54 -10.12
N PRO A 322 41.73 25.77 -10.06
CA PRO A 322 41.21 26.46 -8.88
C PRO A 322 40.98 25.42 -7.79
N ALA A 323 40.59 25.86 -6.60
CA ALA A 323 40.34 24.92 -5.53
C ALA A 323 39.06 24.19 -5.90
N ILE A 324 39.05 22.87 -5.71
CA ILE A 324 37.89 22.06 -6.07
C ILE A 324 37.41 21.14 -4.96
N SER A 325 36.10 20.97 -4.85
CA SER A 325 35.50 20.07 -3.89
C SER A 325 34.09 19.77 -4.35
N ALA A 326 33.71 18.50 -4.26
CA ALA A 326 32.38 18.07 -4.64
C ALA A 326 31.55 17.92 -3.37
N THR A 327 30.60 18.81 -3.14
CA THR A 327 29.78 18.73 -1.95
C THR A 327 28.78 17.58 -1.97
N LYS A 328 28.56 16.99 -3.14
CA LYS A 328 27.63 15.87 -3.25
C LYS A 328 28.13 14.69 -2.43
N ALA A 329 29.44 14.69 -2.15
CA ALA A 329 30.06 13.63 -1.35
C ALA A 329 29.42 13.68 0.03
N MET A 330 28.99 14.87 0.43
CA MET A 330 28.34 15.05 1.72
C MET A 330 26.82 14.96 1.62
N THR A 331 26.28 15.64 0.63
CA THR A 331 24.83 15.73 0.46
C THR A 331 24.09 14.69 -0.36
N GLY A 332 24.78 14.08 -1.31
CA GLY A 332 24.13 13.12 -2.18
C GLY A 332 23.69 13.95 -3.38
N HIS A 333 23.04 13.32 -4.35
CA HIS A 333 22.59 14.00 -5.57
C HIS A 333 21.11 14.38 -5.51
N SER A 334 20.81 15.67 -5.28
CA SER A 334 19.43 16.13 -5.18
C SER A 334 18.75 16.43 -6.52
N LEU A 335 19.40 16.00 -7.59
CA LEU A 335 18.86 16.16 -8.95
C LEU A 335 18.41 17.59 -9.33
N GLY A 336 17.10 17.79 -9.44
CA GLY A 336 16.60 19.08 -9.83
C GLY A 336 16.90 20.21 -8.86
N ALA A 337 17.15 19.87 -7.61
CA ALA A 337 17.45 20.87 -6.59
C ALA A 337 18.96 21.09 -6.43
N ALA A 338 19.75 20.24 -7.10
CA ALA A 338 21.20 20.32 -7.01
C ALA A 338 21.76 21.67 -7.45
N GLY A 339 21.24 22.20 -8.55
CA GLY A 339 21.71 23.47 -9.06
C GLY A 339 21.67 24.62 -8.06
N VAL A 340 20.52 24.84 -7.45
CA VAL A 340 20.37 25.94 -6.50
C VAL A 340 20.99 25.66 -5.13
N GLN A 341 20.93 24.42 -4.66
CA GLN A 341 21.52 24.08 -3.37
C GLN A 341 23.02 24.27 -3.41
N GLU A 342 23.63 23.82 -4.49
CA GLU A 342 25.07 23.94 -4.67
C GLU A 342 25.50 25.39 -4.90
N ALA A 343 24.62 26.20 -5.48
CA ALA A 343 24.92 27.61 -5.68
C ALA A 343 24.90 28.25 -4.30
N ILE A 344 24.00 27.78 -3.46
CA ILE A 344 23.89 28.29 -2.09
C ILE A 344 25.09 27.89 -1.24
N TYR A 345 25.57 26.66 -1.37
CA TYR A 345 26.74 26.23 -0.59
C TYR A 345 27.93 27.09 -0.97
N SER A 346 28.02 27.43 -2.25
CA SER A 346 29.11 28.24 -2.76
C SER A 346 29.03 29.67 -2.22
N LEU A 347 27.82 30.23 -2.17
CA LEU A 347 27.63 31.57 -1.64
C LEU A 347 28.00 31.63 -0.17
N LEU A 348 27.73 30.54 0.57
CA LEU A 348 28.06 30.49 1.98
C LEU A 348 29.57 30.40 2.19
N MET A 349 30.25 29.72 1.27
CA MET A 349 31.70 29.60 1.34
C MET A 349 32.30 30.96 1.01
N LEU A 350 31.70 31.64 0.05
CA LEU A 350 32.16 32.95 -0.38
C LEU A 350 31.93 33.95 0.75
N GLU A 351 30.77 33.83 1.37
CA GLU A 351 30.35 34.73 2.44
C GLU A 351 31.18 34.58 3.71
N HIS A 352 31.46 33.35 4.10
CA HIS A 352 32.21 33.07 5.33
C HIS A 352 33.70 32.71 5.20
N GLY A 353 34.26 32.89 4.01
CA GLY A 353 35.66 32.62 3.80
C GLY A 353 36.23 31.25 4.11
N PHE A 354 35.65 30.20 3.53
CA PHE A 354 36.16 28.86 3.75
C PHE A 354 35.77 27.95 2.59
N ILE A 355 36.50 26.85 2.45
CA ILE A 355 36.25 25.89 1.41
C ILE A 355 35.80 24.58 2.01
N ALA A 356 34.57 24.18 1.70
CA ALA A 356 34.03 22.91 2.22
C ALA A 356 34.87 21.77 1.65
N PRO A 357 35.15 20.75 2.46
CA PRO A 357 35.96 19.61 2.03
C PRO A 357 35.23 18.64 1.12
N SER A 358 36.01 17.97 0.28
CA SER A 358 35.49 16.94 -0.60
C SER A 358 35.80 15.67 0.20
N ILE A 359 34.78 15.09 0.83
CA ILE A 359 34.98 13.93 1.68
C ILE A 359 34.97 12.54 1.04
N ASN A 360 35.32 11.55 1.86
CA ASN A 360 35.34 10.13 1.48
C ASN A 360 36.31 9.74 0.39
N ILE A 361 37.34 10.56 0.16
CA ILE A 361 38.33 10.23 -0.85
C ILE A 361 39.47 9.47 -0.16
N GLU A 362 39.37 8.15 -0.15
CA GLU A 362 40.41 7.34 0.48
C GLU A 362 41.56 7.11 -0.50
N GLU A 363 41.23 6.97 -1.78
CA GLU A 363 42.24 6.77 -2.81
C GLU A 363 41.89 7.62 -4.03
N LEU A 364 42.50 8.80 -4.12
CA LEU A 364 42.23 9.71 -5.23
C LEU A 364 42.38 9.04 -6.59
N ASP A 365 41.45 9.34 -7.49
CA ASP A 365 41.47 8.77 -8.83
C ASP A 365 42.72 9.33 -9.51
N GLU A 366 43.38 8.50 -10.32
CA GLU A 366 44.59 8.94 -11.02
C GLU A 366 44.34 10.16 -11.89
N GLN A 367 43.22 10.13 -12.61
CA GLN A 367 42.85 11.21 -13.51
C GLN A 367 42.61 12.54 -12.79
N ALA A 368 42.75 12.53 -11.48
CA ALA A 368 42.57 13.75 -10.69
C ALA A 368 43.94 14.37 -10.39
N ALA A 369 45.00 13.64 -10.72
CA ALA A 369 46.38 14.10 -10.49
C ALA A 369 46.60 15.51 -11.05
N GLY A 370 47.36 16.32 -10.33
CA GLY A 370 47.66 17.67 -10.77
C GLY A 370 46.58 18.71 -10.53
N LEU A 371 45.44 18.31 -9.96
CA LEU A 371 44.37 19.28 -9.71
C LEU A 371 44.32 19.65 -8.24
N ASN A 372 43.80 20.83 -7.93
CA ASN A 372 43.72 21.30 -6.55
C ASN A 372 42.42 20.87 -5.86
N ILE A 373 42.35 19.58 -5.50
CA ILE A 373 41.17 19.05 -4.83
C ILE A 373 41.32 19.13 -3.31
N VAL A 374 40.45 19.92 -2.69
CA VAL A 374 40.47 20.14 -1.25
C VAL A 374 39.71 19.06 -0.49
N THR A 375 40.43 18.35 0.38
CA THR A 375 39.82 17.28 1.17
C THR A 375 39.66 17.63 2.64
N GLU A 376 40.03 18.84 3.02
CA GLU A 376 39.90 19.25 4.40
C GLU A 376 39.48 20.72 4.48
N THR A 377 38.59 21.03 5.40
CA THR A 377 38.11 22.39 5.57
C THR A 377 39.26 23.39 5.61
N THR A 378 39.23 24.34 4.71
CA THR A 378 40.28 25.34 4.60
C THR A 378 39.76 26.77 4.64
N ASP A 379 40.17 27.53 5.65
CA ASP A 379 39.73 28.92 5.73
C ASP A 379 40.53 29.65 4.68
N ARG A 380 39.83 30.40 3.84
CA ARG A 380 40.50 31.12 2.77
C ARG A 380 39.57 32.22 2.29
N GLU A 381 40.14 33.40 2.01
CA GLU A 381 39.33 34.50 1.52
C GLU A 381 39.04 34.25 0.05
N LEU A 382 37.76 34.06 -0.26
CA LEU A 382 37.31 33.79 -1.62
C LEU A 382 36.75 35.08 -2.22
N THR A 383 36.77 35.16 -3.55
CA THR A 383 36.27 36.35 -4.24
C THR A 383 35.40 35.97 -5.43
N THR A 384 35.82 34.93 -6.14
CA THR A 384 35.09 34.46 -7.31
C THR A 384 34.91 32.96 -7.26
N VAL A 385 33.66 32.50 -7.32
CA VAL A 385 33.35 31.08 -7.27
C VAL A 385 32.55 30.61 -8.49
N MET A 386 32.76 29.36 -8.88
CA MET A 386 32.07 28.75 -10.01
C MET A 386 31.39 27.45 -9.55
N SER A 387 30.24 27.15 -10.14
CA SER A 387 29.48 25.94 -9.80
C SER A 387 28.95 25.28 -11.07
N ASN A 388 29.28 24.01 -11.28
CA ASN A 388 28.85 23.28 -12.47
C ASN A 388 27.65 22.36 -12.22
N SER A 389 26.83 22.20 -13.25
CA SER A 389 25.65 21.34 -13.21
C SER A 389 25.47 20.76 -14.60
N PHE A 390 25.62 19.44 -14.72
CA PHE A 390 25.50 18.74 -16.00
C PHE A 390 24.46 17.64 -15.87
N GLY A 391 23.45 17.64 -16.72
CA GLY A 391 22.44 16.62 -16.62
C GLY A 391 22.25 15.71 -17.82
N PHE A 392 21.42 14.68 -17.64
CA PHE A 392 21.12 13.73 -18.71
C PHE A 392 20.59 14.51 -19.90
N GLY A 393 20.92 14.04 -21.10
CA GLY A 393 20.48 14.71 -22.30
C GLY A 393 21.56 15.69 -22.74
N GLY A 394 22.70 15.61 -22.07
CA GLY A 394 23.83 16.47 -22.39
C GLY A 394 23.56 17.95 -22.19
N THR A 395 22.79 18.30 -21.16
CA THR A 395 22.48 19.70 -20.88
C THR A 395 23.43 20.23 -19.79
N ASN A 396 24.10 21.35 -20.08
CA ASN A 396 25.07 21.92 -19.15
C ASN A 396 24.75 23.32 -18.67
N ALA A 397 25.14 23.61 -17.45
CA ALA A 397 24.93 24.93 -16.87
C ALA A 397 26.06 25.25 -15.91
N THR A 398 26.58 26.47 -15.99
CA THR A 398 27.64 26.91 -15.11
C THR A 398 27.32 28.32 -14.62
N LEU A 399 27.50 28.53 -13.33
CA LEU A 399 27.25 29.84 -12.73
C LEU A 399 28.52 30.39 -12.07
N VAL A 400 28.82 31.67 -12.31
CA VAL A 400 29.98 32.29 -11.71
C VAL A 400 29.51 33.46 -10.85
N MET A 401 29.83 33.40 -9.56
CA MET A 401 29.43 34.44 -8.62
C MET A 401 30.65 35.08 -7.97
N ARG A 402 30.59 36.40 -7.80
CA ARG A 402 31.71 37.14 -7.24
C ARG A 402 31.31 38.21 -6.24
N LYS A 403 32.14 38.41 -5.22
CA LYS A 403 31.89 39.43 -4.22
C LYS A 403 31.77 40.79 -4.90
N LEU A 404 30.90 41.64 -4.39
CA LEU A 404 30.70 42.97 -4.95
C LEU A 404 31.68 43.96 -4.31
N LYS A 405 32.42 44.72 -5.12
CA LYS A 405 33.38 45.70 -4.59
C LYS A 405 32.78 46.55 -3.44
N ASP A 406 33.03 46.10 -2.20
CA ASP A 406 32.55 46.76 -0.96
C ASP A 406 31.06 47.14 -0.96
N MET B 1 17.11 44.38 -29.32
CA MET B 1 17.16 45.26 -30.55
C MET B 1 17.17 44.34 -31.78
N LYS B 2 17.52 43.07 -31.56
CA LYS B 2 17.56 42.09 -32.64
C LYS B 2 16.15 41.57 -32.93
N ARG B 3 15.82 41.47 -34.22
CA ARG B 3 14.50 41.00 -34.63
C ARG B 3 14.45 39.49 -34.80
N VAL B 4 13.31 38.91 -34.44
CA VAL B 4 13.12 37.47 -34.51
C VAL B 4 11.97 37.02 -35.42
N VAL B 5 12.24 36.02 -36.24
CA VAL B 5 11.23 35.49 -37.16
C VAL B 5 11.11 33.98 -37.04
N ILE B 6 10.07 33.43 -37.65
CA ILE B 6 9.84 32.00 -37.66
C ILE B 6 9.98 31.57 -39.12
N THR B 7 10.92 30.66 -39.36
CA THR B 7 11.23 30.21 -40.71
C THR B 7 10.97 28.76 -41.00
N GLY B 8 10.35 28.05 -40.06
CA GLY B 8 10.06 26.66 -40.30
C GLY B 8 9.10 26.12 -39.28
N LEU B 9 8.31 25.14 -39.66
CA LEU B 9 7.37 24.56 -38.74
C LEU B 9 7.09 23.10 -39.03
N GLY B 10 6.73 22.36 -37.99
CA GLY B 10 6.42 20.96 -38.12
C GLY B 10 5.33 20.72 -37.13
N ILE B 11 4.46 19.74 -37.39
CA ILE B 11 3.36 19.49 -36.48
C ILE B 11 2.72 18.12 -36.64
N VAL B 12 2.39 17.53 -35.50
CA VAL B 12 1.74 16.23 -35.44
C VAL B 12 0.56 16.47 -34.51
N SER B 13 -0.65 16.58 -35.04
CA SER B 13 -1.79 16.84 -34.18
C SER B 13 -3.01 16.03 -34.53
N SER B 14 -4.05 16.20 -33.72
CA SER B 14 -5.31 15.49 -33.90
C SER B 14 -5.98 15.78 -35.24
N ILE B 15 -5.65 16.91 -35.86
CA ILE B 15 -6.25 17.26 -37.14
C ILE B 15 -5.31 17.16 -38.32
N GLY B 16 -4.17 16.50 -38.16
CA GLY B 16 -3.25 16.38 -39.26
C GLY B 16 -1.85 16.01 -38.84
N ASN B 17 -1.13 15.29 -39.69
CA ASN B 17 0.23 14.86 -39.36
C ASN B 17 1.33 15.68 -39.99
N ASN B 18 0.95 16.78 -40.62
CA ASN B 18 1.89 17.72 -41.24
C ASN B 18 1.10 18.98 -41.54
N GLN B 19 1.77 20.04 -41.97
CA GLN B 19 1.05 21.27 -42.21
C GLN B 19 0.02 21.21 -43.34
N GLN B 20 0.23 20.34 -44.33
CA GLN B 20 -0.73 20.21 -45.42
C GLN B 20 -2.06 19.65 -44.91
N GLU B 21 -1.98 18.64 -44.04
CA GLU B 21 -3.20 18.03 -43.51
C GLU B 21 -3.88 18.96 -42.53
N VAL B 22 -3.08 19.63 -41.69
CA VAL B 22 -3.63 20.55 -40.71
C VAL B 22 -4.37 21.68 -41.43
N LEU B 23 -3.75 22.21 -42.47
CA LEU B 23 -4.34 23.28 -43.26
C LEU B 23 -5.72 22.88 -43.80
N ALA B 24 -5.82 21.71 -44.41
CA ALA B 24 -7.08 21.24 -44.97
C ALA B 24 -8.13 21.17 -43.88
N SER B 25 -7.76 20.59 -42.74
CA SER B 25 -8.67 20.47 -41.63
C SER B 25 -9.15 21.83 -41.16
N LEU B 26 -8.21 22.75 -40.94
CA LEU B 26 -8.57 24.09 -40.48
C LEU B 26 -9.57 24.78 -41.41
N ARG B 27 -9.36 24.65 -42.72
CA ARG B 27 -10.26 25.24 -43.70
C ARG B 27 -11.65 24.62 -43.70
N GLU B 28 -11.71 23.32 -43.45
CA GLU B 28 -12.98 22.63 -43.44
C GLU B 28 -13.68 22.59 -42.09
N GLY B 29 -13.00 23.03 -41.03
CA GLY B 29 -13.61 22.98 -39.71
C GLY B 29 -13.85 21.53 -39.33
N ARG B 30 -12.93 20.67 -39.72
CA ARG B 30 -13.03 19.25 -39.45
C ARG B 30 -12.54 18.91 -38.04
N SER B 31 -13.37 18.19 -37.29
CA SER B 31 -13.03 17.81 -35.92
C SER B 31 -12.00 16.69 -35.90
N GLY B 32 -11.14 16.70 -34.89
CA GLY B 32 -10.13 15.67 -34.76
C GLY B 32 -10.43 14.81 -33.55
N ILE B 33 -11.60 15.04 -32.94
CA ILE B 33 -12.01 14.29 -31.75
C ILE B 33 -12.67 12.96 -32.08
N THR B 34 -12.25 11.91 -31.38
CA THR B 34 -12.82 10.60 -31.59
C THR B 34 -13.15 9.95 -30.26
N PHE B 35 -13.89 8.85 -30.34
CA PHE B 35 -14.26 8.10 -29.14
C PHE B 35 -13.03 7.31 -28.71
N SER B 36 -12.78 7.24 -27.40
CA SER B 36 -11.62 6.51 -26.91
C SER B 36 -11.98 5.31 -26.06
N GLN B 37 -11.73 4.12 -26.59
CA GLN B 37 -12.02 2.89 -25.84
C GLN B 37 -11.11 2.84 -24.63
N GLU B 38 -9.88 3.35 -24.78
CA GLU B 38 -8.92 3.35 -23.69
C GLU B 38 -9.48 4.09 -22.48
N LEU B 39 -10.05 5.26 -22.73
CA LEU B 39 -10.60 6.05 -21.64
C LEU B 39 -11.80 5.37 -21.01
N LYS B 40 -12.70 4.84 -21.83
CA LYS B 40 -13.88 4.18 -21.31
C LYS B 40 -13.48 3.02 -20.38
N ASP B 41 -12.56 2.19 -20.86
CA ASP B 41 -12.09 1.04 -20.10
C ASP B 41 -11.36 1.41 -18.81
N SER B 42 -10.82 2.62 -18.74
CA SER B 42 -10.10 3.02 -17.54
C SER B 42 -11.11 3.35 -16.44
N GLY B 43 -12.36 3.52 -16.82
CA GLY B 43 -13.38 3.83 -15.83
C GLY B 43 -13.64 5.32 -15.73
N MET B 44 -13.16 6.08 -16.72
CA MET B 44 -13.37 7.52 -16.74
C MET B 44 -14.76 7.84 -17.25
N ARG B 45 -15.22 9.07 -17.01
CA ARG B 45 -16.53 9.49 -17.47
C ARG B 45 -16.42 10.12 -18.85
N SER B 46 -15.25 10.69 -19.13
CA SER B 46 -14.97 11.32 -20.42
C SER B 46 -14.38 10.27 -21.34
N HIS B 47 -15.08 9.97 -22.44
CA HIS B 47 -14.64 8.94 -23.37
C HIS B 47 -14.21 9.49 -24.73
N VAL B 48 -13.90 10.77 -24.78
CA VAL B 48 -13.49 11.39 -26.03
C VAL B 48 -12.11 12.03 -25.92
N TRP B 49 -11.36 12.02 -27.02
CA TRP B 49 -10.03 12.63 -27.02
C TRP B 49 -9.59 13.07 -28.41
N GLY B 50 -8.56 13.90 -28.45
CA GLY B 50 -8.00 14.37 -29.70
C GLY B 50 -6.71 13.62 -29.88
N ASN B 51 -6.82 12.44 -30.49
CA ASN B 51 -5.67 11.58 -30.70
C ASN B 51 -4.93 11.79 -32.00
N VAL B 52 -3.64 11.48 -31.98
CA VAL B 52 -2.81 11.59 -33.17
C VAL B 52 -3.10 10.34 -33.99
N LYS B 53 -3.63 10.52 -35.19
CA LYS B 53 -3.98 9.40 -36.07
C LYS B 53 -2.72 8.99 -36.84
N LEU B 54 -1.79 8.34 -36.19
CA LEU B 54 -0.56 7.95 -36.88
C LEU B 54 0.21 6.88 -36.14
N ASP B 55 0.69 5.88 -36.89
CA ASP B 55 1.47 4.82 -36.29
C ASP B 55 2.93 5.27 -36.37
N THR B 56 3.54 5.52 -35.22
CA THR B 56 4.91 6.01 -35.15
C THR B 56 5.94 4.90 -35.19
N THR B 57 5.47 3.66 -35.21
CA THR B 57 6.35 2.50 -35.24
C THR B 57 7.35 2.57 -36.39
N GLY B 58 8.64 2.40 -36.07
CA GLY B 58 9.67 2.41 -37.08
C GLY B 58 10.01 3.74 -37.73
N LEU B 59 9.36 4.83 -37.30
CA LEU B 59 9.65 6.12 -37.90
C LEU B 59 10.90 6.78 -37.34
N ILE B 60 11.43 6.23 -36.26
CA ILE B 60 12.63 6.79 -35.64
C ILE B 60 13.64 5.66 -35.40
N ASP B 61 14.91 5.94 -35.65
CA ASP B 61 15.97 4.95 -35.46
C ASP B 61 15.82 4.28 -34.10
N ARG B 62 15.94 2.95 -34.07
CA ARG B 62 15.78 2.20 -32.83
C ARG B 62 16.71 2.65 -31.71
N LYS B 63 17.96 2.96 -32.02
CA LYS B 63 18.88 3.39 -30.97
C LYS B 63 18.53 4.73 -30.37
N VAL B 64 17.60 5.46 -31.00
CA VAL B 64 17.20 6.77 -30.50
C VAL B 64 15.85 6.73 -29.79
N VAL B 65 14.89 6.05 -30.41
CA VAL B 65 13.55 5.97 -29.87
C VAL B 65 13.45 5.19 -28.55
N ARG B 66 14.43 4.35 -28.26
CA ARG B 66 14.40 3.58 -27.01
C ARG B 66 14.47 4.47 -25.77
N PHE B 67 14.86 5.72 -25.94
CA PHE B 67 14.95 6.64 -24.80
C PHE B 67 13.70 7.51 -24.68
N MET B 68 12.89 7.53 -25.74
CA MET B 68 11.72 8.40 -25.80
C MET B 68 10.36 7.91 -25.38
N SER B 69 9.54 8.86 -24.93
CA SER B 69 8.16 8.62 -24.54
C SER B 69 7.39 9.26 -25.70
N ASP B 70 6.08 9.16 -25.71
CA ASP B 70 5.32 9.72 -26.80
C ASP B 70 5.49 11.23 -27.00
N ALA B 71 5.55 12.00 -25.92
CA ALA B 71 5.73 13.43 -26.06
C ALA B 71 7.00 13.70 -26.86
N SER B 72 8.07 12.97 -26.55
CA SER B 72 9.33 13.14 -27.26
C SER B 72 9.21 12.69 -28.70
N ILE B 73 8.50 11.60 -28.94
CA ILE B 73 8.30 11.10 -30.29
C ILE B 73 7.58 12.14 -31.14
N TYR B 74 6.47 12.68 -30.62
CA TYR B 74 5.72 13.68 -31.37
C TYR B 74 6.55 14.92 -31.65
N ALA B 75 7.29 15.38 -30.64
CA ALA B 75 8.13 16.56 -30.80
C ALA B 75 9.26 16.31 -31.80
N PHE B 76 9.78 15.09 -31.80
CA PHE B 76 10.86 14.70 -32.71
C PHE B 76 10.39 14.74 -34.16
N LEU B 77 9.23 14.14 -34.42
CA LEU B 77 8.68 14.13 -35.76
C LEU B 77 8.39 15.56 -36.22
N SER B 78 7.95 16.39 -35.28
CA SER B 78 7.64 17.78 -35.61
C SER B 78 8.93 18.51 -35.96
N MET B 79 10.01 18.18 -35.26
CA MET B 79 11.28 18.84 -35.52
C MET B 79 11.84 18.45 -36.89
N GLU B 80 11.72 17.18 -37.25
CA GLU B 80 12.20 16.71 -38.55
C GLU B 80 11.52 17.51 -39.66
N GLN B 81 10.22 17.74 -39.51
CA GLN B 81 9.47 18.50 -40.50
C GLN B 81 9.94 19.94 -40.51
N ALA B 82 10.14 20.50 -39.32
CA ALA B 82 10.58 21.89 -39.21
C ALA B 82 11.93 22.12 -39.87
N ILE B 83 12.85 21.18 -39.71
CA ILE B 83 14.17 21.30 -40.30
C ILE B 83 14.02 21.29 -41.81
N ALA B 84 13.21 20.39 -42.31
CA ALA B 84 12.97 20.26 -43.73
C ALA B 84 12.26 21.51 -44.29
N ASP B 85 11.29 22.00 -43.53
CA ASP B 85 10.53 23.17 -43.93
C ASP B 85 11.38 24.44 -43.87
N ALA B 86 12.33 24.46 -42.94
CA ALA B 86 13.20 25.62 -42.79
C ALA B 86 14.33 25.62 -43.82
N GLY B 87 14.55 24.47 -44.44
CA GLY B 87 15.61 24.38 -45.44
C GLY B 87 17.00 24.43 -44.82
N LEU B 88 17.13 23.82 -43.65
CA LEU B 88 18.41 23.83 -42.96
C LEU B 88 19.10 22.50 -43.18
N SER B 89 20.39 22.56 -43.52
CA SER B 89 21.16 21.34 -43.75
C SER B 89 21.94 21.07 -42.49
N PRO B 90 22.26 19.78 -42.24
CA PRO B 90 23.01 19.35 -41.05
C PRO B 90 24.23 20.22 -40.70
N GLU B 91 25.03 20.58 -41.70
CA GLU B 91 26.21 21.38 -41.46
C GLU B 91 25.88 22.79 -41.02
N ALA B 92 24.61 23.15 -41.07
CA ALA B 92 24.26 24.49 -40.64
C ALA B 92 23.86 24.49 -39.17
N TYR B 93 23.06 23.52 -38.76
CA TYR B 93 22.60 23.48 -37.38
C TYR B 93 23.28 22.50 -36.41
N GLN B 94 23.94 21.48 -36.92
CA GLN B 94 24.59 20.53 -36.02
C GLN B 94 25.93 20.98 -35.48
N ASN B 95 26.20 20.63 -34.22
CA ASN B 95 27.45 21.00 -33.56
C ASN B 95 27.72 22.49 -33.69
N ASN B 96 26.66 23.29 -33.58
CA ASN B 96 26.72 24.74 -33.70
C ASN B 96 26.30 25.40 -32.38
N PRO B 97 27.24 26.06 -31.68
CA PRO B 97 26.99 26.73 -30.41
C PRO B 97 25.91 27.81 -30.46
N ARG B 98 25.61 28.30 -31.65
CA ARG B 98 24.62 29.34 -31.84
C ARG B 98 23.24 28.78 -32.16
N VAL B 99 23.08 27.47 -32.04
CA VAL B 99 21.80 26.82 -32.31
C VAL B 99 21.35 26.00 -31.11
N GLY B 100 20.21 26.35 -30.54
CA GLY B 100 19.72 25.63 -29.39
C GLY B 100 18.33 25.04 -29.50
N LEU B 101 17.84 24.49 -28.41
CA LEU B 101 16.53 23.89 -28.40
C LEU B 101 15.83 24.08 -27.06
N ILE B 102 14.61 24.60 -27.12
CA ILE B 102 13.81 24.80 -25.94
C ILE B 102 12.43 24.21 -26.20
N ALA B 103 12.17 23.06 -25.61
CA ALA B 103 10.90 22.39 -25.80
C ALA B 103 10.54 21.61 -24.55
N GLY B 104 9.26 21.61 -24.19
CA GLY B 104 8.85 20.88 -23.01
C GLY B 104 7.48 20.25 -23.15
N SER B 105 7.00 19.67 -22.06
CA SER B 105 5.69 19.05 -22.03
C SER B 105 5.03 19.46 -20.72
N GLY B 106 3.74 19.20 -20.60
CA GLY B 106 3.04 19.55 -19.39
C GLY B 106 3.20 18.52 -18.28
N GLY B 107 3.17 17.24 -18.64
CA GLY B 107 3.31 16.22 -17.63
C GLY B 107 4.43 15.21 -17.76
N GLY B 108 5.34 15.43 -18.71
CA GLY B 108 6.43 14.47 -18.88
C GLY B 108 5.85 13.19 -19.44
N SER B 109 5.89 12.13 -18.65
CA SER B 109 5.32 10.86 -19.07
C SER B 109 4.65 10.08 -17.94
N PRO B 110 3.39 10.38 -17.64
CA PRO B 110 2.72 9.64 -16.57
C PRO B 110 2.69 8.16 -16.92
N ARG B 111 2.50 7.86 -18.21
CA ARG B 111 2.46 6.48 -18.64
C ARG B 111 3.71 5.69 -18.25
N PHE B 112 4.89 6.22 -18.52
CA PHE B 112 6.10 5.47 -18.18
C PHE B 112 6.49 5.56 -16.73
N GLN B 113 6.01 6.57 -16.04
CA GLN B 113 6.33 6.69 -14.62
C GLN B 113 5.52 5.57 -13.93
N VAL B 114 4.29 5.37 -14.38
CA VAL B 114 3.42 4.34 -13.82
C VAL B 114 3.93 2.95 -14.21
N PHE B 115 4.40 2.82 -15.44
CA PHE B 115 4.93 1.54 -15.92
C PHE B 115 6.10 1.15 -15.04
N GLY B 116 6.90 2.13 -14.66
CA GLY B 116 8.05 1.88 -13.82
C GLY B 116 7.69 1.36 -12.46
N ALA B 117 6.71 2.00 -11.82
CA ALA B 117 6.30 1.57 -10.48
C ALA B 117 5.61 0.23 -10.55
N ASP B 118 4.82 0.01 -11.60
CA ASP B 118 4.11 -1.26 -11.75
C ASP B 118 5.08 -2.42 -11.94
N ALA B 119 6.09 -2.20 -12.78
CA ALA B 119 7.11 -3.21 -13.06
C ALA B 119 7.93 -3.51 -11.81
N MET B 120 8.32 -2.46 -11.10
CA MET B 120 9.11 -2.60 -9.89
C MET B 120 8.38 -3.45 -8.84
N ARG B 121 7.06 -3.28 -8.77
CA ARG B 121 6.27 -4.01 -7.80
C ARG B 121 5.91 -5.43 -8.23
N GLY B 122 6.41 -5.85 -9.39
CA GLY B 122 6.14 -7.20 -9.87
C GLY B 122 7.21 -8.14 -9.34
N PRO B 123 7.11 -9.45 -9.59
CA PRO B 123 8.17 -10.31 -9.04
C PRO B 123 9.56 -10.11 -9.67
N ARG B 124 9.64 -9.47 -10.84
CA ARG B 124 10.93 -9.26 -11.48
C ARG B 124 11.65 -7.97 -11.10
N GLY B 125 11.00 -7.12 -10.31
CA GLY B 125 11.61 -5.87 -9.88
C GLY B 125 12.39 -5.08 -10.91
N LEU B 126 13.62 -4.74 -10.56
CA LEU B 126 14.51 -3.96 -11.42
C LEU B 126 14.65 -4.46 -12.85
N LYS B 127 14.68 -5.78 -13.02
CA LYS B 127 14.81 -6.37 -14.34
C LYS B 127 13.64 -5.97 -15.24
N ALA B 128 12.45 -5.84 -14.65
CA ALA B 128 11.25 -5.50 -15.40
C ALA B 128 11.17 -4.02 -15.76
N VAL B 129 11.77 -3.16 -14.93
CA VAL B 129 11.75 -1.73 -15.16
C VAL B 129 12.58 -1.37 -16.40
N GLY B 130 13.77 -1.95 -16.49
CA GLY B 130 14.65 -1.67 -17.62
C GLY B 130 15.45 -0.40 -17.41
N PRO B 131 16.46 -0.15 -18.25
CA PRO B 131 17.30 1.05 -18.10
C PRO B 131 16.92 2.27 -18.93
N TYR B 132 15.70 2.35 -19.45
CA TYR B 132 15.33 3.50 -20.27
C TYR B 132 14.20 4.33 -19.73
N VAL B 133 13.72 4.02 -18.53
CA VAL B 133 12.60 4.75 -17.96
C VAL B 133 12.88 6.18 -17.54
N VAL B 134 14.09 6.46 -17.05
CA VAL B 134 14.42 7.81 -16.60
C VAL B 134 14.29 8.88 -17.69
N THR B 135 14.86 8.65 -18.87
CA THR B 135 14.77 9.63 -19.94
C THR B 135 13.32 9.75 -20.48
N LYS B 136 12.52 8.72 -20.26
CA LYS B 136 11.14 8.77 -20.72
C LYS B 136 10.26 9.51 -19.73
N ALA B 137 10.53 9.31 -18.43
CA ALA B 137 9.72 9.91 -17.38
C ALA B 137 10.14 11.29 -16.89
N MET B 138 11.43 11.64 -17.01
CA MET B 138 11.89 12.94 -16.54
C MET B 138 11.17 14.07 -17.27
N ALA B 139 10.92 15.16 -16.55
CA ALA B 139 10.21 16.31 -17.09
C ALA B 139 10.89 16.98 -18.29
N SER B 140 12.20 16.82 -18.41
CA SER B 140 12.95 17.42 -19.52
C SER B 140 13.13 16.49 -20.71
N GLY B 141 12.40 15.38 -20.70
CA GLY B 141 12.51 14.41 -21.79
C GLY B 141 12.41 14.99 -23.20
N VAL B 142 11.42 15.85 -23.43
CA VAL B 142 11.21 16.43 -24.74
C VAL B 142 12.43 17.14 -25.30
N SER B 143 13.16 17.85 -24.46
CA SER B 143 14.36 18.55 -24.92
C SER B 143 15.58 17.65 -24.94
N ALA B 144 15.76 16.84 -23.90
CA ALA B 144 16.91 15.95 -23.83
C ALA B 144 16.93 14.97 -24.99
N CYS B 145 15.76 14.40 -25.30
CA CYS B 145 15.65 13.43 -26.38
C CYS B 145 15.77 13.99 -27.78
N LEU B 146 15.62 15.29 -27.94
CA LEU B 146 15.74 15.88 -29.26
C LEU B 146 17.11 16.52 -29.47
N ALA B 147 17.60 17.21 -28.44
CA ALA B 147 18.89 17.88 -28.52
C ALA B 147 20.04 16.92 -28.78
N THR B 148 20.01 15.76 -28.14
CA THR B 148 21.08 14.78 -28.30
C THR B 148 21.20 14.21 -29.71
N PRO B 149 20.14 13.59 -30.23
CA PRO B 149 20.25 13.03 -31.59
C PRO B 149 20.48 14.07 -32.70
N PHE B 150 19.93 15.27 -32.55
CA PHE B 150 20.11 16.31 -33.56
C PHE B 150 21.42 17.09 -33.40
N LYS B 151 22.29 16.65 -32.50
CA LYS B 151 23.59 17.27 -32.27
C LYS B 151 23.54 18.76 -31.91
N ILE B 152 22.60 19.15 -31.05
CA ILE B 152 22.47 20.54 -30.67
C ILE B 152 23.56 20.94 -29.66
N HIS B 153 24.25 22.05 -29.92
CA HIS B 153 25.30 22.49 -29.01
C HIS B 153 24.96 23.77 -28.26
N GLY B 154 23.85 24.42 -28.61
CA GLY B 154 23.46 25.65 -27.93
C GLY B 154 22.69 25.44 -26.64
N VAL B 155 21.71 26.30 -26.36
CA VAL B 155 20.93 26.13 -25.15
C VAL B 155 20.11 24.85 -25.27
N ASN B 156 19.95 24.14 -24.16
CA ASN B 156 19.20 22.91 -24.16
C ASN B 156 18.49 22.68 -22.83
N TYR B 157 17.18 22.90 -22.83
CA TYR B 157 16.35 22.67 -21.66
C TYR B 157 14.87 22.77 -22.01
N SER B 158 14.02 22.40 -21.04
CA SER B 158 12.57 22.45 -21.23
C SER B 158 11.95 23.48 -20.31
N ILE B 159 10.91 24.13 -20.78
CA ILE B 159 10.18 25.06 -19.94
C ILE B 159 8.83 24.41 -19.79
N SER B 160 8.30 24.40 -18.57
CA SER B 160 7.01 23.80 -18.35
C SER B 160 6.12 24.77 -17.59
N SER B 161 4.88 24.91 -18.06
CA SER B 161 3.94 25.83 -17.45
C SER B 161 2.51 25.45 -17.81
N ALA B 162 2.19 24.18 -17.62
CA ALA B 162 0.87 23.65 -17.91
C ALA B 162 0.45 23.94 -19.36
N SER B 163 -0.74 24.51 -19.56
CA SER B 163 -1.25 24.80 -20.91
C SER B 163 -0.45 25.89 -21.64
N ALA B 164 0.41 26.60 -20.92
CA ALA B 164 1.21 27.66 -21.54
C ALA B 164 2.61 27.19 -21.93
N THR B 165 2.96 25.97 -21.53
CA THR B 165 4.28 25.39 -21.78
C THR B 165 4.99 25.73 -23.07
N SER B 166 4.49 25.24 -24.20
CA SER B 166 5.15 25.51 -25.47
C SER B 166 5.09 26.97 -25.93
N ALA B 167 4.19 27.75 -25.36
CA ALA B 167 4.13 29.16 -25.73
C ALA B 167 5.32 29.84 -25.06
N HIS B 168 5.59 29.48 -23.82
CA HIS B 168 6.73 30.03 -23.10
C HIS B 168 8.05 29.59 -23.73
N CYS B 169 8.09 28.36 -24.27
CA CYS B 169 9.31 27.87 -24.91
C CYS B 169 9.64 28.79 -26.10
N ILE B 170 8.60 29.16 -26.85
CA ILE B 170 8.78 30.05 -27.99
C ILE B 170 9.22 31.44 -27.54
N GLY B 171 8.57 31.95 -26.49
CA GLY B 171 8.92 33.26 -25.99
C GLY B 171 10.35 33.33 -25.46
N ASN B 172 10.76 32.29 -24.75
CA ASN B 172 12.10 32.23 -24.20
C ASN B 172 13.12 32.11 -25.34
N ALA B 173 12.77 31.37 -26.38
CA ALA B 173 13.65 31.20 -27.52
C ALA B 173 13.89 32.57 -28.13
N VAL B 174 12.81 33.35 -28.23
CA VAL B 174 12.87 34.70 -28.77
C VAL B 174 13.87 35.53 -27.94
N GLU B 175 13.78 35.42 -26.62
CA GLU B 175 14.69 36.17 -25.74
C GLU B 175 16.14 35.75 -25.90
N GLN B 176 16.39 34.46 -26.16
CA GLN B 176 17.75 33.99 -26.35
C GLN B 176 18.37 34.69 -27.55
N ILE B 177 17.56 34.90 -28.58
CA ILE B 177 18.03 35.56 -29.78
C ILE B 177 18.22 37.04 -29.55
N GLN B 178 17.28 37.68 -28.86
CA GLN B 178 17.38 39.11 -28.60
C GLN B 178 18.61 39.44 -27.76
N LEU B 179 19.04 38.49 -26.94
CA LEU B 179 20.22 38.68 -26.10
C LEU B 179 21.49 38.42 -26.90
N GLY B 180 21.33 37.97 -28.14
CA GLY B 180 22.47 37.69 -28.99
C GLY B 180 23.21 36.41 -28.66
N LYS B 181 22.60 35.53 -27.88
CA LYS B 181 23.23 34.27 -27.50
C LYS B 181 23.04 33.18 -28.55
N GLN B 182 21.95 33.26 -29.30
CA GLN B 182 21.65 32.26 -30.31
C GLN B 182 21.16 32.87 -31.62
N ASP B 183 21.36 32.16 -32.72
CA ASP B 183 20.89 32.62 -34.01
C ASP B 183 19.67 31.80 -34.40
N ILE B 184 19.62 30.57 -33.91
CA ILE B 184 18.51 29.68 -34.19
C ILE B 184 18.17 28.86 -32.96
N VAL B 185 16.88 28.78 -32.65
CA VAL B 185 16.43 27.98 -31.53
C VAL B 185 15.18 27.23 -31.94
N PHE B 186 15.21 25.91 -31.81
CA PHE B 186 14.05 25.12 -32.14
C PHE B 186 13.15 25.17 -30.92
N ALA B 187 11.95 25.70 -31.09
CA ALA B 187 11.03 25.82 -29.98
C ALA B 187 9.71 25.11 -30.23
N GLY B 188 9.24 24.39 -29.22
CA GLY B 188 8.00 23.68 -29.35
C GLY B 188 7.70 22.83 -28.12
N GLY B 189 7.01 21.71 -28.33
CA GLY B 189 6.66 20.83 -27.25
C GLY B 189 5.89 19.61 -27.70
N GLY B 190 5.55 18.76 -26.74
CA GLY B 190 4.81 17.56 -27.02
C GLY B 190 4.09 17.07 -25.78
N GLU B 191 3.08 16.23 -25.97
CA GLU B 191 2.31 15.71 -24.85
C GLU B 191 1.75 14.34 -25.24
N GLU B 192 1.94 13.35 -24.37
CA GLU B 192 1.40 12.04 -24.66
C GLU B 192 -0.10 12.05 -24.36
N LEU B 193 -0.80 11.05 -24.88
CA LEU B 193 -2.24 10.93 -24.66
C LEU B 193 -2.43 9.57 -24.01
N CYS B 194 -2.93 9.57 -22.77
CA CYS B 194 -3.11 8.31 -22.03
C CYS B 194 -4.08 8.47 -20.86
N TRP B 195 -4.68 7.37 -20.44
CA TRP B 195 -5.62 7.46 -19.33
C TRP B 195 -4.91 7.79 -18.01
N GLU B 196 -3.65 7.37 -17.88
CA GLU B 196 -2.90 7.62 -16.66
C GLU B 196 -2.93 9.10 -16.30
N MET B 197 -2.84 9.94 -17.32
CA MET B 197 -2.86 11.37 -17.12
C MET B 197 -4.30 11.93 -17.18
N ALA B 198 -5.07 11.47 -18.16
CA ALA B 198 -6.44 11.93 -18.37
C ALA B 198 -7.34 11.77 -17.15
N CYS B 199 -7.24 10.63 -16.48
CA CYS B 199 -8.09 10.40 -15.31
C CYS B 199 -7.90 11.47 -14.26
N GLU B 200 -6.71 12.04 -14.19
CA GLU B 200 -6.43 13.08 -13.21
C GLU B 200 -7.30 14.32 -13.48
N PHE B 201 -7.49 14.67 -14.75
CA PHE B 201 -8.33 15.83 -15.11
C PHE B 201 -9.80 15.47 -14.92
N ASP B 202 -10.13 14.23 -15.25
CA ASP B 202 -11.48 13.73 -15.10
C ASP B 202 -11.85 13.80 -13.62
N ALA B 203 -10.89 13.45 -12.77
CA ALA B 203 -11.09 13.45 -11.32
C ALA B 203 -11.42 14.83 -10.76
N MET B 204 -10.94 15.89 -11.40
CA MET B 204 -11.24 17.24 -10.91
C MET B 204 -12.41 17.85 -11.70
N GLY B 205 -13.06 17.02 -12.52
CA GLY B 205 -14.20 17.48 -13.31
C GLY B 205 -13.90 18.47 -14.41
N ALA B 206 -12.71 18.40 -14.99
CA ALA B 206 -12.30 19.33 -16.03
C ALA B 206 -12.66 18.86 -17.44
N LEU B 207 -12.86 17.56 -17.61
CA LEU B 207 -13.17 16.99 -18.91
C LEU B 207 -14.65 16.88 -19.26
N SER B 208 -14.94 17.04 -20.55
CA SER B 208 -16.29 16.95 -21.09
C SER B 208 -16.83 15.53 -20.89
N THR B 209 -18.07 15.41 -20.40
CA THR B 209 -18.64 14.10 -20.16
C THR B 209 -20.01 13.86 -20.79
N LYS B 210 -20.69 14.93 -21.19
CA LYS B 210 -22.04 14.83 -21.76
C LYS B 210 -22.15 14.49 -23.24
N TYR B 211 -21.04 14.47 -23.97
CA TYR B 211 -21.11 14.19 -25.39
C TYR B 211 -20.31 13.01 -25.90
N ASN B 212 -20.13 11.99 -25.07
CA ASN B 212 -19.36 10.83 -25.49
C ASN B 212 -19.92 10.13 -26.71
N ASP B 213 -21.24 10.22 -26.92
CA ASP B 213 -21.90 9.57 -28.04
C ASP B 213 -21.73 10.34 -29.35
N THR B 214 -21.42 11.63 -29.24
CA THR B 214 -21.20 12.47 -30.41
C THR B 214 -19.87 13.17 -30.16
N PRO B 215 -18.76 12.43 -30.22
CA PRO B 215 -17.39 12.92 -30.01
C PRO B 215 -17.03 14.23 -30.68
N GLU B 216 -17.50 14.42 -31.90
CA GLU B 216 -17.19 15.62 -32.67
C GLU B 216 -17.85 16.90 -32.14
N LYS B 217 -18.80 16.74 -31.22
CA LYS B 217 -19.48 17.90 -30.66
C LYS B 217 -19.15 18.17 -29.19
N ALA B 218 -18.26 17.37 -28.61
CA ALA B 218 -17.87 17.51 -27.21
C ALA B 218 -17.12 18.82 -26.95
N SER B 219 -16.13 19.14 -27.79
CA SER B 219 -15.37 20.38 -27.64
C SER B 219 -16.18 21.46 -28.33
N ARG B 220 -16.66 22.44 -27.59
CA ARG B 220 -17.51 23.47 -28.17
C ARG B 220 -17.37 24.83 -27.51
N THR B 221 -16.18 25.40 -27.60
CA THR B 221 -15.88 26.68 -26.99
C THR B 221 -16.92 27.75 -27.28
N TYR B 222 -17.32 28.46 -26.23
CA TYR B 222 -18.32 29.53 -26.31
C TYR B 222 -19.76 29.09 -26.49
N ASP B 223 -19.98 27.78 -26.53
CA ASP B 223 -21.34 27.27 -26.66
C ASP B 223 -21.94 27.28 -25.25
N ALA B 224 -23.23 27.59 -25.17
CA ALA B 224 -23.90 27.65 -23.86
C ALA B 224 -23.85 26.33 -23.09
N HIS B 225 -23.74 25.21 -23.79
CA HIS B 225 -23.73 23.92 -23.12
C HIS B 225 -22.42 23.17 -23.05
N ARG B 226 -21.32 23.92 -23.09
CA ARG B 226 -19.99 23.32 -22.98
C ARG B 226 -19.92 22.73 -21.56
N ASP B 227 -19.17 21.64 -21.40
CA ASP B 227 -19.05 21.02 -20.08
C ASP B 227 -17.63 20.54 -19.76
N GLY B 228 -16.64 21.32 -20.16
CA GLY B 228 -15.26 20.95 -19.90
C GLY B 228 -14.48 20.73 -21.19
N PHE B 229 -13.16 20.64 -21.09
CA PHE B 229 -12.37 20.42 -22.29
C PHE B 229 -12.21 18.96 -22.68
N VAL B 230 -11.76 18.73 -23.91
CA VAL B 230 -11.54 17.39 -24.43
C VAL B 230 -10.02 17.23 -24.53
N ILE B 231 -9.47 16.28 -23.78
CA ILE B 231 -8.03 16.08 -23.77
C ILE B 231 -7.46 15.63 -25.11
N ALA B 232 -6.29 16.15 -25.47
CA ALA B 232 -5.65 15.79 -26.72
C ALA B 232 -4.13 15.68 -26.57
N GLY B 233 -3.46 15.19 -27.61
CA GLY B 233 -2.03 15.05 -27.56
C GLY B 233 -1.37 15.38 -28.88
N GLY B 234 -0.05 15.23 -28.94
CA GLY B 234 0.66 15.52 -30.17
C GLY B 234 1.86 16.40 -29.94
N GLY B 235 2.40 16.95 -31.03
CA GLY B 235 3.55 17.80 -30.91
C GLY B 235 3.64 18.88 -31.95
N GLY B 236 4.56 19.80 -31.73
CA GLY B 236 4.79 20.89 -32.65
C GLY B 236 6.14 21.50 -32.39
N MET B 237 6.73 22.09 -33.42
CA MET B 237 8.04 22.70 -33.27
C MET B 237 8.17 23.79 -34.32
N VAL B 238 8.75 24.92 -33.94
CA VAL B 238 8.96 25.98 -34.89
C VAL B 238 10.42 26.40 -34.83
N VAL B 239 10.90 26.95 -35.93
CA VAL B 239 12.27 27.39 -36.02
C VAL B 239 12.29 28.90 -35.80
N VAL B 240 12.79 29.30 -34.63
CA VAL B 240 12.88 30.71 -34.27
C VAL B 240 14.28 31.13 -34.67
N GLU B 241 14.35 32.13 -35.54
CA GLU B 241 15.63 32.57 -36.05
C GLU B 241 15.80 34.09 -36.06
N GLU B 242 17.04 34.53 -35.90
CA GLU B 242 17.35 35.95 -35.90
C GLU B 242 17.14 36.44 -37.34
N LEU B 243 16.55 37.61 -37.50
CA LEU B 243 16.24 38.15 -38.83
C LEU B 243 17.36 38.19 -39.88
N GLU B 244 18.46 38.87 -39.58
CA GLU B 244 19.56 38.96 -40.53
C GLU B 244 20.08 37.58 -40.92
N HIS B 245 20.17 36.68 -39.93
CA HIS B 245 20.65 35.33 -40.19
C HIS B 245 19.70 34.64 -41.17
N ALA B 246 18.40 34.90 -41.04
CA ALA B 246 17.40 34.29 -41.90
C ALA B 246 17.43 34.88 -43.31
N LEU B 247 17.54 36.20 -43.41
CA LEU B 247 17.59 36.84 -44.71
C LEU B 247 18.85 36.41 -45.45
N ALA B 248 19.96 36.31 -44.72
CA ALA B 248 21.26 35.91 -45.28
C ALA B 248 21.26 34.55 -45.96
N ARG B 249 20.42 33.63 -45.49
CA ARG B 249 20.38 32.32 -46.14
C ARG B 249 19.14 32.16 -47.00
N GLY B 250 18.49 33.28 -47.29
CA GLY B 250 17.30 33.26 -48.13
C GLY B 250 16.20 32.36 -47.63
N ALA B 251 15.94 32.42 -46.34
CA ALA B 251 14.90 31.58 -45.75
C ALA B 251 13.50 32.10 -46.03
N HIS B 252 12.54 31.20 -45.98
CA HIS B 252 11.13 31.56 -46.15
C HIS B 252 10.71 32.06 -44.77
N ILE B 253 10.15 33.27 -44.70
CA ILE B 253 9.74 33.81 -43.43
C ILE B 253 8.22 33.85 -43.27
N TYR B 254 7.72 33.06 -42.33
CA TYR B 254 6.30 33.01 -42.05
C TYR B 254 5.83 34.31 -41.43
N ALA B 255 6.55 34.76 -40.41
CA ALA B 255 6.21 35.99 -39.71
C ALA B 255 7.28 36.34 -38.71
N GLU B 256 7.18 37.55 -38.18
CA GLU B 256 8.10 38.02 -37.18
C GLU B 256 7.36 38.04 -35.86
N ILE B 257 8.05 37.64 -34.79
CA ILE B 257 7.43 37.65 -33.48
C ILE B 257 7.68 39.06 -32.99
N VAL B 258 6.61 39.85 -32.87
CA VAL B 258 6.74 41.24 -32.44
C VAL B 258 6.26 41.51 -31.03
N GLY B 259 5.74 40.48 -30.37
CA GLY B 259 5.27 40.66 -29.01
C GLY B 259 5.22 39.35 -28.25
N TYR B 260 5.66 39.41 -27.00
CA TYR B 260 5.66 38.25 -26.14
C TYR B 260 5.38 38.69 -24.71
N GLY B 261 4.28 38.19 -24.16
CA GLY B 261 3.92 38.53 -22.81
C GLY B 261 3.85 37.28 -21.97
N ALA B 262 4.32 37.38 -20.74
CA ALA B 262 4.30 36.27 -19.81
C ALA B 262 4.05 36.87 -18.44
N THR B 263 2.87 36.63 -17.90
CA THR B 263 2.49 37.15 -16.59
C THR B 263 1.99 36.03 -15.69
N SER B 264 1.70 36.39 -14.45
CA SER B 264 1.21 35.44 -13.45
C SER B 264 -0.03 36.04 -12.76
N ASP B 265 -1.00 35.19 -12.42
CA ASP B 265 -2.22 35.67 -11.76
C ASP B 265 -2.05 35.88 -10.26
N GLY B 266 -1.35 34.96 -9.61
CA GLY B 266 -1.16 35.07 -8.17
C GLY B 266 -2.51 35.10 -7.50
N ALA B 267 -3.39 34.20 -7.92
CA ALA B 267 -4.74 34.15 -7.36
C ALA B 267 -5.26 32.74 -7.13
N ASP B 268 -5.76 32.11 -8.18
CA ASP B 268 -6.32 30.76 -8.08
C ASP B 268 -5.43 29.73 -8.79
N MET B 269 -5.41 28.52 -8.25
CA MET B 269 -4.61 27.42 -8.80
C MET B 269 -5.15 26.78 -10.07
N VAL B 270 -6.47 26.77 -10.21
CA VAL B 270 -7.10 26.11 -11.34
C VAL B 270 -7.90 26.99 -12.30
N ALA B 271 -8.33 28.16 -11.84
CA ALA B 271 -9.10 29.06 -12.69
C ALA B 271 -8.36 30.37 -12.94
N PRO B 272 -8.51 30.92 -14.15
CA PRO B 272 -7.83 32.18 -14.46
C PRO B 272 -8.55 33.33 -13.77
N SER B 273 -7.83 34.40 -13.47
CA SER B 273 -8.45 35.55 -12.82
C SER B 273 -8.85 36.58 -13.86
N GLY B 274 -8.34 36.45 -15.09
CA GLY B 274 -8.66 37.41 -16.13
C GLY B 274 -7.76 38.64 -16.02
N GLU B 275 -7.46 39.02 -14.79
CA GLU B 275 -6.60 40.17 -14.50
C GLU B 275 -5.21 39.93 -15.06
N GLY B 276 -4.70 38.71 -14.88
CA GLY B 276 -3.37 38.38 -15.37
C GLY B 276 -3.34 38.34 -16.88
N ALA B 277 -4.44 37.88 -17.46
CA ALA B 277 -4.56 37.79 -18.91
C ALA B 277 -4.54 39.20 -19.52
N VAL B 278 -5.19 40.16 -18.86
CA VAL B 278 -5.22 41.52 -19.36
C VAL B 278 -3.81 42.08 -19.42
N ARG B 279 -3.05 41.88 -18.34
CA ARG B 279 -1.67 42.36 -18.30
C ARG B 279 -0.83 41.65 -19.35
N CYS B 280 -1.03 40.34 -19.48
CA CYS B 280 -0.28 39.55 -20.44
C CYS B 280 -0.46 40.06 -21.87
N MET B 281 -1.71 40.22 -22.29
CA MET B 281 -1.98 40.69 -23.64
C MET B 281 -1.47 42.11 -23.87
N LYS B 282 -1.62 42.98 -22.87
CA LYS B 282 -1.15 44.36 -23.02
C LYS B 282 0.37 44.36 -23.19
N MET B 283 1.04 43.50 -22.43
CA MET B 283 2.51 43.41 -22.52
C MET B 283 2.95 42.94 -23.92
N ALA B 284 2.20 42.00 -24.49
CA ALA B 284 2.52 41.46 -25.80
C ALA B 284 2.24 42.47 -26.92
N MET B 285 1.34 43.42 -26.68
CA MET B 285 1.02 44.41 -27.70
C MET B 285 1.86 45.67 -27.57
N HIS B 286 2.61 45.77 -26.48
CA HIS B 286 3.46 46.94 -26.27
C HIS B 286 4.39 47.05 -27.47
N GLY B 287 4.44 48.23 -28.09
CA GLY B 287 5.33 48.41 -29.22
C GLY B 287 4.76 47.98 -30.57
N VAL B 288 3.64 47.23 -30.54
CA VAL B 288 3.02 46.78 -31.77
C VAL B 288 2.10 47.90 -32.24
N ASP B 289 2.49 48.57 -33.33
CA ASP B 289 1.71 49.68 -33.86
C ASP B 289 0.51 49.30 -34.73
N THR B 290 0.47 48.08 -35.22
CA THR B 290 -0.64 47.65 -36.06
C THR B 290 -1.70 46.97 -35.21
N PRO B 291 -2.97 47.01 -35.64
CA PRO B 291 -4.04 46.37 -34.88
C PRO B 291 -4.00 44.86 -35.01
N ILE B 292 -4.64 44.16 -34.09
CA ILE B 292 -4.67 42.70 -34.13
C ILE B 292 -5.84 42.32 -35.05
N ASP B 293 -5.55 41.59 -36.11
CA ASP B 293 -6.59 41.18 -37.06
C ASP B 293 -7.30 39.93 -36.60
N TYR B 294 -6.57 39.04 -35.94
CA TYR B 294 -7.14 37.79 -35.50
C TYR B 294 -6.53 37.31 -34.20
N LEU B 295 -7.38 36.77 -33.34
CA LEU B 295 -6.95 36.28 -32.05
C LEU B 295 -7.35 34.83 -31.89
N ASN B 296 -6.33 33.97 -31.74
CA ASN B 296 -6.56 32.55 -31.53
C ASN B 296 -6.60 32.41 -30.00
N SER B 297 -7.81 32.43 -29.46
CA SER B 297 -7.98 32.34 -28.02
C SER B 297 -7.54 31.01 -27.41
N HIS B 298 -7.44 31.00 -26.10
CA HIS B 298 -7.06 29.80 -25.36
C HIS B 298 -8.31 28.92 -25.31
N GLY B 299 -9.47 29.57 -25.15
CA GLY B 299 -10.76 28.90 -25.10
C GLY B 299 -10.75 27.38 -25.12
N THR B 300 -10.72 26.76 -23.94
CA THR B 300 -10.69 25.32 -23.80
C THR B 300 -12.07 24.67 -23.79
N SER B 301 -13.12 25.49 -23.83
CA SER B 301 -14.50 25.01 -23.84
C SER B 301 -14.98 24.64 -22.44
N THR B 302 -14.48 25.38 -21.44
CA THR B 302 -14.86 25.15 -20.05
C THR B 302 -15.81 26.28 -19.66
N PRO B 303 -16.74 26.01 -18.72
CA PRO B 303 -17.68 27.02 -18.27
C PRO B 303 -17.06 28.34 -17.84
N VAL B 304 -16.18 28.28 -16.84
CA VAL B 304 -15.53 29.49 -16.33
C VAL B 304 -14.45 30.05 -17.25
N GLY B 305 -13.57 29.16 -17.71
CA GLY B 305 -12.47 29.58 -18.57
C GLY B 305 -12.78 30.43 -19.78
N ASP B 306 -13.69 29.98 -20.64
CA ASP B 306 -14.02 30.73 -21.85
C ASP B 306 -14.45 32.17 -21.59
N VAL B 307 -15.28 32.38 -20.58
CA VAL B 307 -15.78 33.72 -20.28
C VAL B 307 -14.75 34.64 -19.61
N LYS B 308 -13.92 34.08 -18.73
CA LYS B 308 -12.89 34.91 -18.09
C LYS B 308 -11.99 35.52 -19.17
N GLU B 309 -11.65 34.72 -20.18
CA GLU B 309 -10.81 35.22 -21.26
C GLU B 309 -11.55 36.23 -22.12
N LEU B 310 -12.86 36.02 -22.33
CA LEU B 310 -13.63 36.95 -23.14
C LEU B 310 -13.70 38.29 -22.45
N ALA B 311 -13.80 38.27 -21.13
CA ALA B 311 -13.86 39.51 -20.36
C ALA B 311 -12.52 40.22 -20.47
N ALA B 312 -11.44 39.45 -20.42
CA ALA B 312 -10.11 40.03 -20.52
C ALA B 312 -9.96 40.67 -21.89
N ILE B 313 -10.48 40.00 -22.91
CA ILE B 313 -10.40 40.51 -24.26
C ILE B 313 -11.22 41.80 -24.41
N ARG B 314 -12.38 41.87 -23.77
CA ARG B 314 -13.18 43.09 -23.84
C ARG B 314 -12.41 44.23 -23.17
N GLU B 315 -11.86 43.97 -21.99
CA GLU B 315 -11.13 45.02 -21.29
C GLU B 315 -9.89 45.54 -22.03
N VAL B 316 -9.25 44.70 -22.83
CA VAL B 316 -8.05 45.12 -23.55
C VAL B 316 -8.35 45.84 -24.85
N PHE B 317 -9.31 45.34 -25.63
CA PHE B 317 -9.64 45.95 -26.91
C PHE B 317 -10.83 46.91 -26.96
N GLY B 318 -11.68 46.88 -25.94
CA GLY B 318 -12.83 47.76 -25.94
C GLY B 318 -13.72 47.56 -27.15
N ASP B 319 -13.84 48.59 -27.98
CA ASP B 319 -14.69 48.51 -29.17
C ASP B 319 -13.94 48.10 -30.42
N LYS B 320 -12.65 47.83 -30.29
CA LYS B 320 -11.86 47.41 -31.44
C LYS B 320 -11.39 45.96 -31.29
N SER B 321 -12.29 45.08 -30.85
CA SER B 321 -11.93 43.68 -30.67
C SER B 321 -11.71 43.00 -32.01
N PRO B 322 -10.67 42.16 -32.11
CA PRO B 322 -10.32 41.44 -33.34
C PRO B 322 -11.23 40.24 -33.60
N ALA B 323 -11.03 39.60 -34.75
CA ALA B 323 -11.80 38.42 -35.10
C ALA B 323 -11.29 37.35 -34.15
N ILE B 324 -12.17 36.49 -33.67
CA ILE B 324 -11.78 35.45 -32.72
C ILE B 324 -12.33 34.10 -33.10
N SER B 325 -11.58 33.05 -32.76
CA SER B 325 -12.02 31.69 -32.99
C SER B 325 -11.14 30.81 -32.13
N ALA B 326 -11.72 29.75 -31.58
CA ALA B 326 -10.99 28.83 -30.73
C ALA B 326 -10.83 27.54 -31.50
N THR B 327 -9.60 27.26 -31.92
CA THR B 327 -9.35 26.04 -32.67
C THR B 327 -9.48 24.77 -31.82
N LYS B 328 -9.47 24.93 -30.50
CA LYS B 328 -9.61 23.76 -29.63
C LYS B 328 -10.95 23.05 -29.81
N ALA B 329 -11.91 23.74 -30.42
CA ALA B 329 -13.22 23.16 -30.67
C ALA B 329 -13.07 22.05 -31.70
N MET B 330 -12.04 22.16 -32.54
CA MET B 330 -11.75 21.15 -33.55
C MET B 330 -10.70 20.15 -33.08
N THR B 331 -9.64 20.68 -32.48
CA THR B 331 -8.51 19.88 -32.03
C THR B 331 -8.57 19.27 -30.65
N GLY B 332 -9.15 19.98 -29.71
CA GLY B 332 -9.18 19.49 -28.36
C GLY B 332 -8.03 20.24 -27.68
N HIS B 333 -7.83 20.01 -26.40
CA HIS B 333 -6.80 20.70 -25.63
C HIS B 333 -5.53 19.82 -25.52
N SER B 334 -4.50 20.15 -26.29
CA SER B 334 -3.28 19.34 -26.24
C SER B 334 -2.33 19.68 -25.08
N LEU B 335 -2.79 20.48 -24.13
CA LEU B 335 -1.99 20.84 -22.97
C LEU B 335 -0.62 21.41 -23.29
N GLY B 336 0.43 20.65 -22.99
CA GLY B 336 1.78 21.12 -23.24
C GLY B 336 2.08 21.48 -24.68
N ALA B 337 1.41 20.83 -25.61
CA ALA B 337 1.64 21.09 -27.02
C ALA B 337 0.74 22.19 -27.58
N ALA B 338 -0.28 22.60 -26.81
CA ALA B 338 -1.22 23.61 -27.29
C ALA B 338 -0.57 24.91 -27.76
N GLY B 339 0.34 25.44 -26.96
CA GLY B 339 1.01 26.68 -27.30
C GLY B 339 1.65 26.73 -28.68
N VAL B 340 2.52 25.77 -28.97
CA VAL B 340 3.17 25.76 -30.26
C VAL B 340 2.22 25.36 -31.40
N GLN B 341 1.32 24.42 -31.15
CA GLN B 341 0.40 24.01 -32.20
C GLN B 341 -0.51 25.14 -32.63
N GLU B 342 -1.02 25.89 -31.66
CA GLU B 342 -1.92 26.99 -31.97
C GLU B 342 -1.18 28.16 -32.60
N ALA B 343 0.12 28.25 -32.34
CA ALA B 343 0.92 29.31 -32.95
C ALA B 343 1.02 28.92 -34.43
N ILE B 344 1.14 27.61 -34.66
CA ILE B 344 1.24 27.08 -36.02
C ILE B 344 -0.06 27.27 -36.79
N TYR B 345 -1.20 27.07 -36.13
CA TYR B 345 -2.48 27.26 -36.81
C TYR B 345 -2.64 28.72 -37.19
N SER B 346 -2.10 29.59 -36.33
CA SER B 346 -2.17 31.03 -36.56
C SER B 346 -1.25 31.44 -37.69
N LEU B 347 -0.09 30.82 -37.76
CA LEU B 347 0.87 31.13 -38.81
C LEU B 347 0.30 30.66 -40.15
N LEU B 348 -0.43 29.54 -40.13
CA LEU B 348 -1.02 29.02 -41.36
C LEU B 348 -2.13 29.93 -41.85
N MET B 349 -2.86 30.51 -40.91
CA MET B 349 -3.95 31.41 -41.25
C MET B 349 -3.38 32.69 -41.85
N LEU B 350 -2.26 33.12 -41.29
CA LEU B 350 -1.59 34.34 -41.74
C LEU B 350 -0.97 34.13 -43.12
N GLU B 351 -0.34 32.97 -43.31
CA GLU B 351 0.32 32.62 -44.56
C GLU B 351 -0.68 32.38 -45.71
N HIS B 352 -1.85 31.84 -45.38
CA HIS B 352 -2.84 31.55 -46.42
C HIS B 352 -4.06 32.45 -46.45
N GLY B 353 -3.99 33.55 -45.71
CA GLY B 353 -5.09 34.50 -45.69
C GLY B 353 -6.48 33.93 -45.44
N PHE B 354 -6.70 33.40 -44.24
CA PHE B 354 -8.00 32.86 -43.90
C PHE B 354 -8.14 32.70 -42.39
N ILE B 355 -9.38 32.67 -41.91
CA ILE B 355 -9.63 32.52 -40.49
C ILE B 355 -10.36 31.22 -40.28
N ALA B 356 -9.77 30.32 -39.51
CA ALA B 356 -10.38 29.03 -39.23
C ALA B 356 -11.59 29.31 -38.35
N PRO B 357 -12.70 28.56 -38.56
CA PRO B 357 -13.92 28.75 -37.78
C PRO B 357 -13.90 28.21 -36.36
N SER B 358 -14.71 28.82 -35.50
CA SER B 358 -14.82 28.37 -34.13
C SER B 358 -16.11 27.55 -34.23
N ILE B 359 -15.94 26.23 -34.32
CA ILE B 359 -17.08 25.34 -34.50
C ILE B 359 -17.86 24.94 -33.26
N ASN B 360 -18.94 24.21 -33.51
CA ASN B 360 -19.84 23.67 -32.48
C ASN B 360 -20.58 24.67 -31.61
N ILE B 361 -20.82 25.86 -32.13
CA ILE B 361 -21.55 26.85 -31.36
C ILE B 361 -23.00 26.81 -31.81
N GLU B 362 -23.83 26.13 -31.04
CA GLU B 362 -25.25 26.04 -31.39
C GLU B 362 -26.01 27.15 -30.70
N GLU B 363 -25.55 27.52 -29.52
CA GLU B 363 -26.16 28.61 -28.75
C GLU B 363 -25.01 29.38 -28.12
N LEU B 364 -24.79 30.61 -28.56
CA LEU B 364 -23.70 31.44 -28.05
C LEU B 364 -23.94 31.90 -26.63
N ASP B 365 -22.91 31.77 -25.80
CA ASP B 365 -22.99 32.19 -24.41
C ASP B 365 -23.27 33.69 -24.34
N GLU B 366 -24.15 34.08 -23.42
CA GLU B 366 -24.52 35.49 -23.24
C GLU B 366 -23.32 36.42 -23.20
N GLN B 367 -22.31 36.03 -22.44
CA GLN B 367 -21.11 36.85 -22.29
C GLN B 367 -20.23 37.00 -23.51
N ALA B 368 -20.53 36.24 -24.57
CA ALA B 368 -19.77 36.35 -25.80
C ALA B 368 -20.48 37.29 -26.77
N ALA B 369 -21.68 37.72 -26.40
CA ALA B 369 -22.47 38.62 -27.24
C ALA B 369 -21.73 39.87 -27.65
N GLY B 370 -21.81 40.20 -28.94
CA GLY B 370 -21.18 41.39 -29.45
C GLY B 370 -19.78 41.20 -30.01
N LEU B 371 -19.08 40.16 -29.59
CA LEU B 371 -17.73 39.91 -30.08
C LEU B 371 -17.79 39.25 -31.47
N ASN B 372 -16.77 39.48 -32.29
CA ASN B 372 -16.74 38.89 -33.62
C ASN B 372 -16.08 37.53 -33.63
N ILE B 373 -16.80 36.54 -33.13
CA ILE B 373 -16.32 35.16 -33.09
C ILE B 373 -16.71 34.54 -34.41
N VAL B 374 -15.71 34.27 -35.24
CA VAL B 374 -15.95 33.69 -36.55
C VAL B 374 -16.40 32.24 -36.43
N THR B 375 -17.51 31.90 -37.07
CA THR B 375 -18.04 30.55 -37.01
C THR B 375 -18.02 29.80 -38.33
N GLU B 376 -17.55 30.45 -39.39
CA GLU B 376 -17.44 29.79 -40.67
C GLU B 376 -16.17 30.27 -41.35
N THR B 377 -15.43 29.34 -41.96
CA THR B 377 -14.17 29.67 -42.62
C THR B 377 -14.32 30.95 -43.42
N THR B 378 -13.44 31.90 -43.14
CA THR B 378 -13.47 33.19 -43.80
C THR B 378 -12.13 33.59 -44.44
N ASP B 379 -12.14 33.83 -45.75
CA ASP B 379 -10.93 34.25 -46.43
C ASP B 379 -10.72 35.73 -46.10
N ARG B 380 -9.48 36.10 -45.82
CA ARG B 380 -9.19 37.49 -45.50
C ARG B 380 -7.69 37.71 -45.32
N GLU B 381 -7.21 38.90 -45.69
CA GLU B 381 -5.80 39.20 -45.54
C GLU B 381 -5.50 39.57 -44.11
N LEU B 382 -4.71 38.74 -43.46
CA LEU B 382 -4.33 39.01 -42.08
C LEU B 382 -2.92 39.58 -42.08
N THR B 383 -2.63 40.42 -41.11
CA THR B 383 -1.30 41.00 -41.01
C THR B 383 -0.72 40.74 -39.63
N THR B 384 -1.56 40.88 -38.61
CA THR B 384 -1.12 40.68 -37.23
C THR B 384 -2.05 39.73 -36.49
N VAL B 385 -1.50 38.67 -35.93
CA VAL B 385 -2.30 37.72 -35.17
C VAL B 385 -1.76 37.57 -33.76
N MET B 386 -2.65 37.21 -32.84
CA MET B 386 -2.30 37.02 -31.44
C MET B 386 -2.80 35.64 -31.00
N SER B 387 -2.08 35.02 -30.06
CA SER B 387 -2.47 33.70 -29.59
C SER B 387 -2.27 33.61 -28.08
N ASN B 388 -3.31 33.21 -27.36
CA ASN B 388 -3.26 33.10 -25.91
C ASN B 388 -3.12 31.68 -25.37
N SER B 389 -2.39 31.57 -24.28
CA SER B 389 -2.17 30.31 -23.59
C SER B 389 -2.15 30.60 -22.10
N PHE B 390 -3.12 30.05 -21.36
CA PHE B 390 -3.20 30.24 -19.92
C PHE B 390 -3.24 28.88 -19.25
N GLY B 391 -2.33 28.65 -18.30
CA GLY B 391 -2.32 27.36 -17.64
C GLY B 391 -2.62 27.41 -16.16
N PHE B 392 -2.78 26.24 -15.55
CA PHE B 392 -3.05 26.15 -14.12
C PHE B 392 -1.85 26.80 -13.42
N GLY B 393 -2.07 27.29 -12.21
CA GLY B 393 -1.01 27.96 -11.50
C GLY B 393 -0.98 29.42 -11.91
N GLY B 394 -2.02 29.82 -12.66
CA GLY B 394 -2.12 31.20 -13.11
C GLY B 394 -0.98 31.71 -13.96
N THR B 395 -0.45 30.85 -14.82
CA THR B 395 0.65 31.21 -15.70
C THR B 395 0.07 31.57 -17.06
N ASN B 396 0.45 32.74 -17.56
CA ASN B 396 -0.05 33.25 -18.83
C ASN B 396 1.01 33.58 -19.86
N ALA B 397 0.69 33.29 -21.12
CA ALA B 397 1.60 33.58 -22.21
C ALA B 397 0.79 34.03 -23.40
N THR B 398 1.30 35.03 -24.10
CA THR B 398 0.66 35.57 -25.30
C THR B 398 1.73 35.84 -26.33
N LEU B 399 1.48 35.46 -27.57
CA LEU B 399 2.42 35.69 -28.64
C LEU B 399 1.74 36.51 -29.73
N VAL B 400 2.46 37.48 -30.26
CA VAL B 400 1.93 38.30 -31.33
C VAL B 400 2.87 38.15 -32.52
N MET B 401 2.30 37.76 -33.66
CA MET B 401 3.08 37.55 -34.85
C MET B 401 2.55 38.39 -35.98
N ARG B 402 3.46 38.93 -36.78
CA ARG B 402 3.06 39.80 -37.87
C ARG B 402 3.80 39.51 -39.16
N LYS B 403 3.10 39.61 -40.29
CA LYS B 403 3.72 39.39 -41.60
C LYS B 403 4.87 40.37 -41.75
N LEU B 404 5.93 39.93 -42.43
CA LEU B 404 7.08 40.79 -42.63
C LEU B 404 6.78 41.66 -43.84
N LYS B 405 6.96 42.97 -43.66
CA LYS B 405 6.67 43.97 -44.70
C LYS B 405 7.21 43.64 -46.11
N ASP B 406 6.27 43.19 -46.98
CA ASP B 406 6.54 42.83 -48.39
C ASP B 406 7.91 42.17 -48.69
N MET C 1 -18.99 -31.77 39.64
CA MET C 1 -19.31 -31.60 41.10
C MET C 1 -18.46 -30.45 41.64
N LYS C 2 -17.33 -30.18 40.97
CA LYS C 2 -16.45 -29.08 41.36
C LYS C 2 -17.02 -27.74 40.88
N ARG C 3 -17.00 -26.75 41.77
CA ARG C 3 -17.53 -25.42 41.49
C ARG C 3 -16.48 -24.50 40.91
N VAL C 4 -16.91 -23.68 39.95
CA VAL C 4 -16.03 -22.76 39.23
C VAL C 4 -16.38 -21.29 39.42
N VAL C 5 -15.36 -20.49 39.66
CA VAL C 5 -15.56 -19.05 39.85
C VAL C 5 -14.61 -18.26 38.98
N ILE C 6 -14.88 -16.95 38.87
CA ILE C 6 -14.04 -16.05 38.09
C ILE C 6 -13.40 -15.12 39.12
N THR C 7 -12.08 -15.11 39.15
CA THR C 7 -11.35 -14.31 40.14
C THR C 7 -10.45 -13.22 39.58
N GLY C 8 -10.54 -12.97 38.27
CA GLY C 8 -9.71 -11.94 37.69
C GLY C 8 -10.18 -11.61 36.30
N LEU C 9 -10.01 -10.37 35.88
CA LEU C 9 -10.41 -9.99 34.54
C LEU C 9 -9.54 -8.88 33.98
N GLY C 10 -9.46 -8.84 32.66
CA GLY C 10 -8.67 -7.84 31.99
C GLY C 10 -9.39 -7.56 30.70
N ILE C 11 -9.29 -6.34 30.20
CA ILE C 11 -10.02 -6.03 28.97
C ILE C 11 -9.46 -4.82 28.23
N VAL C 12 -9.49 -4.90 26.91
CA VAL C 12 -9.05 -3.83 26.04
C VAL C 12 -10.18 -3.73 25.03
N SER C 13 -11.01 -2.70 25.14
CA SER C 13 -12.12 -2.57 24.21
C SER C 13 -12.36 -1.17 23.69
N SER C 14 -13.34 -1.06 22.80
CA SER C 14 -13.69 0.20 22.19
C SER C 14 -14.16 1.23 23.20
N ILE C 15 -14.60 0.79 24.38
CA ILE C 15 -15.08 1.72 25.39
C ILE C 15 -14.17 1.85 26.63
N GLY C 16 -12.94 1.36 26.53
CA GLY C 16 -12.03 1.44 27.66
C GLY C 16 -10.86 0.47 27.56
N ASN C 17 -9.74 0.85 28.14
CA ASN C 17 -8.53 0.04 28.09
C ASN C 17 -8.25 -0.72 29.38
N ASN C 18 -9.19 -0.70 30.30
CA ASN C 18 -9.09 -1.44 31.55
C ASN C 18 -10.48 -1.45 32.15
N GLN C 19 -10.67 -2.17 33.25
CA GLN C 19 -12.00 -2.24 33.82
C GLN C 19 -12.54 -0.94 34.40
N GLN C 20 -11.66 -0.04 34.83
CA GLN C 20 -12.12 1.23 35.37
C GLN C 20 -12.74 2.10 34.28
N GLU C 21 -12.02 2.22 33.16
CA GLU C 21 -12.51 3.03 32.06
C GLU C 21 -13.79 2.43 31.49
N VAL C 22 -13.83 1.10 31.39
CA VAL C 22 -15.01 0.42 30.88
C VAL C 22 -16.21 0.67 31.79
N LEU C 23 -15.97 0.64 33.09
CA LEU C 23 -17.02 0.88 34.07
C LEU C 23 -17.67 2.24 33.82
N ALA C 24 -16.84 3.28 33.77
CA ALA C 24 -17.33 4.62 33.54
C ALA C 24 -18.15 4.70 32.26
N SER C 25 -17.62 4.13 31.18
CA SER C 25 -18.34 4.14 29.91
C SER C 25 -19.69 3.46 30.01
N LEU C 26 -19.72 2.27 30.62
CA LEU C 26 -20.96 1.52 30.76
C LEU C 26 -22.00 2.33 31.54
N ARG C 27 -21.57 2.99 32.60
CA ARG C 27 -22.48 3.77 33.41
C ARG C 27 -23.04 4.97 32.69
N GLU C 28 -22.22 5.56 31.83
CA GLU C 28 -22.63 6.74 31.08
C GLU C 28 -23.28 6.46 29.74
N GLY C 29 -23.25 5.20 29.30
CA GLY C 29 -23.84 4.88 28.01
C GLY C 29 -23.07 5.59 26.91
N ARG C 30 -21.76 5.70 27.11
CA ARG C 30 -20.88 6.34 26.15
C ARG C 30 -20.51 5.43 25.00
N SER C 31 -20.70 5.92 23.78
CA SER C 31 -20.37 5.13 22.59
C SER C 31 -18.87 5.03 22.33
N GLY C 32 -18.45 3.88 21.81
CA GLY C 32 -17.05 3.69 21.50
C GLY C 32 -16.84 3.66 19.99
N ILE C 33 -17.91 3.94 19.23
CA ILE C 33 -17.87 3.92 17.77
C ILE C 33 -17.36 5.23 17.17
N THR C 34 -16.46 5.11 16.21
CA THR C 34 -15.90 6.28 15.57
C THR C 34 -15.90 6.10 14.05
N PHE C 35 -15.63 7.19 13.34
CA PHE C 35 -15.55 7.16 11.90
C PHE C 35 -14.20 6.55 11.55
N SER C 36 -14.17 5.69 10.53
CA SER C 36 -12.92 5.05 10.15
C SER C 36 -12.47 5.43 8.75
N GLN C 37 -11.37 6.18 8.67
CA GLN C 37 -10.85 6.59 7.38
C GLN C 37 -10.36 5.34 6.65
N GLU C 38 -9.82 4.37 7.40
CA GLU C 38 -9.31 3.13 6.81
C GLU C 38 -10.39 2.42 6.01
N LEU C 39 -11.59 2.31 6.61
CA LEU C 39 -12.69 1.64 5.95
C LEU C 39 -13.16 2.42 4.74
N LYS C 40 -13.26 3.75 4.87
CA LYS C 40 -13.70 4.56 3.74
C LYS C 40 -12.75 4.40 2.57
N ASP C 41 -11.47 4.58 2.83
CA ASP C 41 -10.47 4.45 1.78
C ASP C 41 -10.42 3.06 1.13
N SER C 42 -10.84 2.02 1.85
CA SER C 42 -10.81 0.67 1.30
C SER C 42 -11.90 0.50 0.26
N GLY C 43 -12.87 1.41 0.26
CA GLY C 43 -13.95 1.33 -0.71
C GLY C 43 -15.19 0.66 -0.17
N MET C 44 -15.25 0.52 1.15
CA MET C 44 -16.39 -0.09 1.79
C MET C 44 -17.52 0.93 1.93
N ARG C 45 -18.72 0.45 2.21
CA ARG C 45 -19.87 1.33 2.38
C ARG C 45 -20.01 1.70 3.84
N SER C 46 -19.56 0.81 4.72
CA SER C 46 -19.60 1.02 6.16
C SER C 46 -18.31 1.73 6.57
N HIS C 47 -18.42 2.94 7.12
CA HIS C 47 -17.25 3.72 7.51
C HIS C 47 -17.11 3.91 9.02
N VAL C 48 -17.79 3.07 9.78
CA VAL C 48 -17.76 3.17 11.23
C VAL C 48 -17.26 1.89 11.89
N TRP C 49 -16.52 2.03 12.99
CA TRP C 49 -16.02 0.87 13.72
C TRP C 49 -15.79 1.15 15.20
N GLY C 50 -15.68 0.07 15.98
CA GLY C 50 -15.43 0.18 17.41
C GLY C 50 -13.97 -0.16 17.59
N ASN C 51 -13.13 0.86 17.49
CA ASN C 51 -11.69 0.70 17.58
C ASN C 51 -11.12 0.84 18.99
N VAL C 52 -10.00 0.16 19.22
CA VAL C 52 -9.33 0.22 20.50
C VAL C 52 -8.53 1.52 20.48
N LYS C 53 -8.86 2.45 21.36
CA LYS C 53 -8.17 3.73 21.41
C LYS C 53 -6.89 3.57 22.23
N LEU C 54 -5.87 2.95 21.65
CA LEU C 54 -4.64 2.74 22.37
C LEU C 54 -3.46 2.41 21.48
N ASP C 55 -2.31 3.04 21.71
CA ASP C 55 -1.12 2.73 20.94
C ASP C 55 -0.44 1.61 21.69
N THR C 56 -0.34 0.44 21.06
CA THR C 56 0.27 -0.71 21.72
C THR C 56 1.77 -0.79 21.55
N THR C 57 2.31 0.12 20.76
CA THR C 57 3.73 0.15 20.51
C THR C 57 4.56 0.15 21.79
N GLY C 58 5.53 -0.76 21.86
CA GLY C 58 6.41 -0.85 23.01
C GLY C 58 5.82 -1.38 24.31
N LEU C 59 4.56 -1.80 24.29
CA LEU C 59 3.92 -2.30 25.50
C LEU C 59 4.25 -3.76 25.79
N ILE C 60 4.85 -4.43 24.80
CA ILE C 60 5.21 -5.83 24.95
C ILE C 60 6.66 -6.03 24.53
N ASP C 61 7.39 -6.85 25.27
CA ASP C 61 8.80 -7.09 24.95
C ASP C 61 8.95 -7.42 23.45
N ARG C 62 9.93 -6.79 22.81
CA ARG C 62 10.16 -6.99 21.38
C ARG C 62 10.33 -8.46 20.98
N LYS C 63 11.02 -9.24 21.81
CA LYS C 63 11.23 -10.65 21.49
C LYS C 63 9.91 -11.42 21.38
N VAL C 64 8.92 -10.97 22.14
CA VAL C 64 7.62 -11.62 22.19
C VAL C 64 6.60 -11.11 21.17
N VAL C 65 6.50 -9.79 21.04
CA VAL C 65 5.54 -9.19 20.14
C VAL C 65 5.80 -9.46 18.66
N ARG C 66 7.01 -9.85 18.33
CA ARG C 66 7.34 -10.12 16.93
C ARG C 66 6.56 -11.32 16.37
N PHE C 67 6.02 -12.16 17.25
CA PHE C 67 5.25 -13.32 16.82
C PHE C 67 3.75 -13.04 16.76
N MET C 68 3.35 -11.93 17.37
CA MET C 68 1.94 -11.58 17.48
C MET C 68 1.24 -10.68 16.48
N SER C 69 -0.05 -10.95 16.31
CA SER C 69 -0.90 -10.15 15.45
C SER C 69 -1.70 -9.34 16.46
N ASP C 70 -2.53 -8.40 16.01
CA ASP C 70 -3.30 -7.60 16.95
C ASP C 70 -4.20 -8.38 17.90
N ALA C 71 -4.86 -9.44 17.39
CA ALA C 71 -5.73 -10.23 18.27
C ALA C 71 -4.91 -10.76 19.44
N SER C 72 -3.68 -11.19 19.18
CA SER C 72 -2.83 -11.71 20.23
C SER C 72 -2.37 -10.59 21.16
N ILE C 73 -2.07 -9.42 20.58
CA ILE C 73 -1.65 -8.28 21.37
C ILE C 73 -2.75 -7.89 22.36
N TYR C 74 -3.97 -7.72 21.86
CA TYR C 74 -5.09 -7.35 22.71
C TYR C 74 -5.33 -8.39 23.81
N ALA C 75 -5.28 -9.66 23.45
CA ALA C 75 -5.50 -10.74 24.42
C ALA C 75 -4.38 -10.75 25.47
N PHE C 76 -3.16 -10.47 25.03
CA PHE C 76 -2.00 -10.46 25.92
C PHE C 76 -2.14 -9.35 26.96
N LEU C 77 -2.50 -8.15 26.51
CA LEU C 77 -2.67 -7.03 27.41
C LEU C 77 -3.79 -7.31 28.39
N SER C 78 -4.82 -8.00 27.93
CA SER C 78 -5.95 -8.33 28.79
C SER C 78 -5.50 -9.35 29.83
N MET C 79 -4.64 -10.27 29.43
CA MET C 79 -4.17 -11.28 30.37
C MET C 79 -3.27 -10.67 31.44
N GLU C 80 -2.46 -9.69 31.08
CA GLU C 80 -1.59 -9.04 32.05
C GLU C 80 -2.44 -8.42 33.13
N GLN C 81 -3.54 -7.80 32.71
CA GLN C 81 -4.44 -7.18 33.65
C GLN C 81 -5.11 -8.22 34.53
N ALA C 82 -5.54 -9.32 33.91
CA ALA C 82 -6.21 -10.40 34.63
C ALA C 82 -5.33 -11.02 35.72
N ILE C 83 -4.06 -11.24 35.41
CA ILE C 83 -3.12 -11.80 36.37
C ILE C 83 -2.99 -10.86 37.57
N ALA C 84 -2.82 -9.57 37.30
CA ALA C 84 -2.72 -8.59 38.36
C ALA C 84 -4.03 -8.55 39.14
N ASP C 85 -5.15 -8.45 38.44
CA ASP C 85 -6.44 -8.40 39.11
C ASP C 85 -6.72 -9.64 39.95
N ALA C 86 -6.24 -10.79 39.48
CA ALA C 86 -6.45 -12.04 40.20
C ALA C 86 -5.49 -12.16 41.38
N GLY C 87 -4.45 -11.33 41.39
CA GLY C 87 -3.49 -11.36 42.47
C GLY C 87 -2.65 -12.63 42.45
N LEU C 88 -2.37 -13.12 41.25
CA LEU C 88 -1.57 -14.32 41.10
C LEU C 88 -0.11 -13.97 40.87
N SER C 89 0.80 -14.63 41.60
CA SER C 89 2.21 -14.36 41.40
C SER C 89 2.78 -15.40 40.44
N PRO C 90 3.87 -15.07 39.75
CA PRO C 90 4.51 -15.97 38.78
C PRO C 90 4.67 -17.43 39.24
N GLU C 91 5.18 -17.64 40.46
CA GLU C 91 5.35 -19.01 40.91
C GLU C 91 4.02 -19.72 41.15
N ALA C 92 2.92 -19.04 40.85
CA ALA C 92 1.60 -19.63 41.04
C ALA C 92 0.94 -20.12 39.76
N TYR C 93 1.34 -19.56 38.62
CA TYR C 93 0.72 -19.98 37.36
C TYR C 93 1.75 -20.38 36.30
N GLN C 94 3.01 -20.06 36.54
CA GLN C 94 4.07 -20.39 35.59
C GLN C 94 4.62 -21.77 35.86
N ASN C 95 4.85 -22.54 34.80
CA ASN C 95 5.37 -23.88 34.95
C ASN C 95 4.50 -24.73 35.87
N ASN C 96 3.18 -24.58 35.74
CA ASN C 96 2.25 -25.33 36.59
C ASN C 96 1.30 -26.13 35.70
N PRO C 97 1.37 -27.47 35.77
CA PRO C 97 0.52 -28.39 34.98
C PRO C 97 -0.98 -28.24 35.22
N ARG C 98 -1.34 -27.60 36.33
CA ARG C 98 -2.75 -27.41 36.68
C ARG C 98 -3.28 -26.06 36.20
N VAL C 99 -2.47 -25.33 35.43
CA VAL C 99 -2.87 -24.03 34.92
C VAL C 99 -2.81 -24.02 33.41
N GLY C 100 -3.93 -23.73 32.77
CA GLY C 100 -3.95 -23.72 31.33
C GLY C 100 -4.48 -22.44 30.72
N LEU C 101 -4.63 -22.45 29.40
CA LEU C 101 -5.12 -21.30 28.68
C LEU C 101 -5.96 -21.70 27.47
N ILE C 102 -7.15 -21.13 27.36
CA ILE C 102 -8.04 -21.41 26.25
C ILE C 102 -8.57 -20.08 25.74
N ALA C 103 -8.02 -19.62 24.62
CA ALA C 103 -8.41 -18.35 24.05
C ALA C 103 -8.32 -18.43 22.55
N GLY C 104 -9.25 -17.79 21.85
CA GLY C 104 -9.21 -17.82 20.41
C GLY C 104 -9.69 -16.52 19.78
N SER C 105 -9.81 -16.52 18.47
CA SER C 105 -10.30 -15.37 17.75
C SER C 105 -11.23 -15.91 16.68
N GLY C 106 -11.97 -15.01 16.05
CA GLY C 106 -12.89 -15.43 15.01
C GLY C 106 -12.24 -15.60 13.65
N GLY C 107 -11.29 -14.73 13.31
CA GLY C 107 -10.66 -14.84 12.01
C GLY C 107 -9.15 -14.97 11.95
N GLY C 108 -8.51 -15.17 13.10
CA GLY C 108 -7.06 -15.27 13.12
C GLY C 108 -6.49 -13.91 12.78
N SER C 109 -5.82 -13.81 11.63
CA SER C 109 -5.30 -12.53 11.20
C SER C 109 -5.38 -12.34 9.69
N PRO C 110 -6.53 -11.85 9.19
CA PRO C 110 -6.64 -11.66 7.74
C PRO C 110 -5.56 -10.67 7.31
N ARG C 111 -5.29 -9.67 8.15
CA ARG C 111 -4.28 -8.68 7.81
C ARG C 111 -2.93 -9.30 7.46
N PHE C 112 -2.40 -10.17 8.32
CA PHE C 112 -1.10 -10.76 8.04
C PHE C 112 -1.12 -11.86 7.01
N GLN C 113 -2.26 -12.49 6.82
CA GLN C 113 -2.36 -13.53 5.82
C GLN C 113 -2.27 -12.81 4.46
N VAL C 114 -2.91 -11.66 4.35
CA VAL C 114 -2.88 -10.88 3.12
C VAL C 114 -1.48 -10.29 2.91
N PHE C 115 -0.88 -9.80 3.99
CA PHE C 115 0.46 -9.22 3.93
C PHE C 115 1.41 -10.26 3.36
N GLY C 116 1.26 -11.50 3.82
CA GLY C 116 2.11 -12.58 3.37
C GLY C 116 2.01 -12.85 1.87
N ALA C 117 0.79 -12.92 1.36
CA ALA C 117 0.57 -13.18 -0.05
C ALA C 117 1.03 -11.99 -0.90
N ASP C 118 0.83 -10.78 -0.37
CA ASP C 118 1.24 -9.56 -1.06
C ASP C 118 2.74 -9.47 -1.16
N ALA C 119 3.42 -9.78 -0.06
CA ALA C 119 4.88 -9.73 -0.02
C ALA C 119 5.48 -10.78 -0.94
N MET C 120 4.91 -11.97 -0.90
CA MET C 120 5.37 -13.08 -1.71
C MET C 120 5.30 -12.77 -3.20
N ARG C 121 4.26 -12.02 -3.59
CA ARG C 121 4.06 -11.66 -4.99
C ARG C 121 4.83 -10.41 -5.40
N GLY C 122 5.66 -9.92 -4.48
CA GLY C 122 6.45 -8.74 -4.77
C GLY C 122 7.84 -9.07 -5.28
N PRO C 123 8.66 -8.04 -5.54
CA PRO C 123 10.04 -8.15 -6.03
C PRO C 123 11.02 -8.85 -5.10
N ARG C 124 10.57 -9.18 -3.89
CA ARG C 124 11.48 -9.83 -2.97
C ARG C 124 11.03 -11.17 -2.41
N GLY C 125 9.89 -11.65 -2.88
CA GLY C 125 9.37 -12.94 -2.45
C GLY C 125 9.55 -13.29 -0.99
N LEU C 126 10.12 -14.48 -0.74
CA LEU C 126 10.33 -14.99 0.61
C LEU C 126 11.00 -14.01 1.56
N LYS C 127 11.97 -13.25 1.08
CA LYS C 127 12.67 -12.29 1.94
C LYS C 127 11.69 -11.27 2.52
N ALA C 128 10.70 -10.87 1.72
CA ALA C 128 9.72 -9.87 2.13
C ALA C 128 8.70 -10.42 3.12
N VAL C 129 8.39 -11.70 2.99
CA VAL C 129 7.42 -12.33 3.87
C VAL C 129 7.94 -12.37 5.31
N GLY C 130 9.21 -12.73 5.47
CA GLY C 130 9.76 -12.80 6.81
C GLY C 130 9.41 -14.11 7.48
N PRO C 131 10.05 -14.42 8.62
CA PRO C 131 9.78 -15.67 9.34
C PRO C 131 8.79 -15.62 10.51
N TYR C 132 7.95 -14.59 10.59
CA TYR C 132 7.02 -14.51 11.71
C TYR C 132 5.56 -14.51 11.33
N VAL C 133 5.26 -14.66 10.04
CA VAL C 133 3.88 -14.63 9.59
C VAL C 133 3.01 -15.81 10.04
N VAL C 134 3.59 -17.01 10.14
CA VAL C 134 2.82 -18.18 10.54
C VAL C 134 2.13 -18.06 11.90
N THR C 135 2.88 -17.63 12.92
CA THR C 135 2.28 -17.49 14.25
C THR C 135 1.29 -16.32 14.30
N LYS C 136 1.41 -15.39 13.36
CA LYS C 136 0.49 -14.27 13.33
C LYS C 136 -0.80 -14.64 12.60
N ALA C 137 -0.65 -15.41 11.52
CA ALA C 137 -1.80 -15.80 10.72
C ALA C 137 -2.55 -17.06 11.14
N MET C 138 -1.87 -18.01 11.79
CA MET C 138 -2.55 -19.24 12.19
C MET C 138 -3.73 -18.97 13.13
N ALA C 139 -4.77 -19.79 12.99
CA ALA C 139 -5.98 -19.63 13.79
C ALA C 139 -5.78 -19.73 15.29
N SER C 140 -4.72 -20.42 15.72
CA SER C 140 -4.46 -20.59 17.15
C SER C 140 -3.49 -19.58 17.71
N GLY C 141 -3.22 -18.52 16.96
CA GLY C 141 -2.29 -17.51 17.40
C GLY C 141 -2.55 -16.91 18.78
N VAL C 142 -3.82 -16.63 19.09
CA VAL C 142 -4.17 -16.05 20.37
C VAL C 142 -3.73 -16.89 21.55
N SER C 143 -3.87 -18.20 21.44
CA SER C 143 -3.46 -19.08 22.53
C SER C 143 -1.97 -19.38 22.49
N ALA C 144 -1.44 -19.66 21.31
CA ALA C 144 -0.02 -19.97 21.19
C ALA C 144 0.85 -18.80 21.64
N CYS C 145 0.46 -17.59 21.25
CA CYS C 145 1.23 -16.40 21.60
C CYS C 145 1.14 -15.98 23.05
N LEU C 146 0.18 -16.50 23.79
CA LEU C 146 0.07 -16.12 25.19
C LEU C 146 0.61 -17.22 26.10
N ALA C 147 0.29 -18.47 25.78
CA ALA C 147 0.74 -19.61 26.57
C ALA C 147 2.25 -19.71 26.66
N THR C 148 2.93 -19.42 25.56
CA THR C 148 4.38 -19.54 25.54
C THR C 148 5.11 -18.54 26.46
N PRO C 149 4.89 -17.23 26.25
CA PRO C 149 5.57 -16.25 27.10
C PRO C 149 5.17 -16.31 28.57
N PHE C 150 3.93 -16.69 28.86
CA PHE C 150 3.49 -16.78 30.25
C PHE C 150 3.82 -18.11 30.92
N LYS C 151 4.60 -18.93 30.23
CA LYS C 151 5.04 -20.22 30.79
C LYS C 151 3.90 -21.16 31.18
N ILE C 152 2.85 -21.22 30.39
CA ILE C 152 1.73 -22.10 30.70
C ILE C 152 2.06 -23.57 30.43
N HIS C 153 1.80 -24.44 31.40
CA HIS C 153 2.08 -25.87 31.24
C HIS C 153 0.83 -26.75 31.13
N GLY C 154 -0.35 -26.17 31.35
CA GLY C 154 -1.59 -26.94 31.28
C GLY C 154 -2.19 -27.05 29.89
N VAL C 155 -3.51 -27.01 29.80
CA VAL C 155 -4.13 -27.11 28.48
C VAL C 155 -3.78 -25.84 27.69
N ASN C 156 -3.57 -26.00 26.40
CA ASN C 156 -3.21 -24.88 25.57
C ASN C 156 -3.77 -25.04 24.16
N TYR C 157 -4.82 -24.29 23.85
CA TYR C 157 -5.42 -24.32 22.53
C TYR C 157 -6.50 -23.25 22.39
N SER C 158 -6.97 -23.07 21.16
CA SER C 158 -7.99 -22.07 20.87
C SER C 158 -9.29 -22.72 20.42
N ILE C 159 -10.40 -22.11 20.80
CA ILE C 159 -11.68 -22.59 20.34
C ILE C 159 -12.18 -21.45 19.48
N SER C 160 -12.74 -21.77 18.32
CA SER C 160 -13.22 -20.75 17.42
C SER C 160 -14.65 -21.09 17.02
N SER C 161 -15.54 -20.11 17.12
CA SER C 161 -16.94 -20.33 16.77
C SER C 161 -17.61 -19.01 16.45
N ALA C 162 -16.99 -18.26 15.55
CA ALA C 162 -17.50 -16.97 15.11
C ALA C 162 -17.76 -16.04 16.29
N SER C 163 -18.96 -15.47 16.38
CA SER C 163 -19.29 -14.55 17.46
C SER C 163 -19.41 -15.24 18.83
N ALA C 164 -19.39 -16.57 18.85
CA ALA C 164 -19.51 -17.29 20.12
C ALA C 164 -18.15 -17.75 20.63
N THR C 165 -17.12 -17.54 19.83
CA THR C 165 -15.75 -17.93 20.16
C THR C 165 -15.31 -17.84 21.62
N SER C 166 -15.11 -16.64 22.13
CA SER C 166 -14.64 -16.48 23.51
C SER C 166 -15.61 -16.95 24.59
N ALA C 167 -16.89 -17.08 24.23
CA ALA C 167 -17.87 -17.57 25.20
C ALA C 167 -17.59 -19.07 25.36
N HIS C 168 -17.35 -19.75 24.25
CA HIS C 168 -17.05 -21.18 24.28
C HIS C 168 -15.72 -21.45 24.99
N CYS C 169 -14.79 -20.51 24.88
CA CYS C 169 -13.50 -20.66 25.53
C CYS C 169 -13.71 -20.70 27.04
N ILE C 170 -14.58 -19.83 27.53
CA ILE C 170 -14.87 -19.77 28.94
C ILE C 170 -15.62 -21.01 29.40
N GLY C 171 -16.57 -21.45 28.59
CA GLY C 171 -17.35 -22.64 28.93
C GLY C 171 -16.47 -23.88 28.98
N ASN C 172 -15.56 -24.00 28.03
CA ASN C 172 -14.67 -25.15 27.97
C ASN C 172 -13.69 -25.12 29.14
N ALA C 173 -13.26 -23.92 29.52
CA ALA C 173 -12.35 -23.74 30.64
C ALA C 173 -13.05 -24.27 31.88
N VAL C 174 -14.34 -23.95 32.01
CA VAL C 174 -15.14 -24.40 33.12
C VAL C 174 -15.15 -25.93 33.15
N GLU C 175 -15.36 -26.54 32.00
CA GLU C 175 -15.39 -28.00 31.91
C GLU C 175 -14.07 -28.64 32.32
N GLN C 176 -12.96 -28.01 31.95
CA GLN C 176 -11.64 -28.52 32.32
C GLN C 176 -11.51 -28.60 33.83
N ILE C 177 -12.06 -27.62 34.52
CA ILE C 177 -11.99 -27.58 35.96
C ILE C 177 -12.94 -28.61 36.56
N GLN C 178 -14.15 -28.71 36.02
CA GLN C 178 -15.13 -29.66 36.52
C GLN C 178 -14.61 -31.09 36.38
N LEU C 179 -13.75 -31.31 35.40
CA LEU C 179 -13.19 -32.65 35.19
C LEU C 179 -12.00 -32.90 36.11
N GLY C 180 -11.62 -31.88 36.87
CA GLY C 180 -10.49 -32.04 37.77
C GLY C 180 -9.14 -32.02 37.08
N LYS C 181 -9.09 -31.60 35.82
CA LYS C 181 -7.82 -31.56 35.11
C LYS C 181 -7.03 -30.28 35.38
N GLN C 182 -7.73 -29.20 35.67
CA GLN C 182 -7.09 -27.91 35.92
C GLN C 182 -7.64 -27.18 37.14
N ASP C 183 -6.83 -26.33 37.75
CA ASP C 183 -7.28 -25.54 38.89
C ASP C 183 -7.52 -24.10 38.42
N ILE C 184 -6.78 -23.69 37.38
CA ILE C 184 -6.91 -22.35 36.84
C ILE C 184 -6.76 -22.40 35.33
N VAL C 185 -7.64 -21.71 34.63
CA VAL C 185 -7.56 -21.64 33.17
C VAL C 185 -7.85 -20.20 32.75
N PHE C 186 -6.92 -19.61 32.01
CA PHE C 186 -7.14 -18.25 31.54
C PHE C 186 -7.98 -18.38 30.29
N ALA C 187 -9.16 -17.80 30.31
CA ALA C 187 -10.06 -17.86 29.17
C ALA C 187 -10.43 -16.48 28.63
N GLY C 188 -10.44 -16.38 27.31
CA GLY C 188 -10.79 -15.13 26.67
C GLY C 188 -10.59 -15.20 25.17
N GLY C 189 -10.28 -14.05 24.57
CA GLY C 189 -10.09 -14.00 23.14
C GLY C 189 -9.69 -12.61 22.66
N GLY C 190 -9.53 -12.49 21.35
CA GLY C 190 -9.16 -11.21 20.78
C GLY C 190 -9.51 -11.20 19.30
N GLU C 191 -9.59 -10.00 18.73
CA GLU C 191 -9.90 -9.88 17.33
C GLU C 191 -9.29 -8.60 16.80
N GLU C 192 -8.61 -8.69 15.65
CA GLU C 192 -8.01 -7.50 15.08
C GLU C 192 -9.12 -6.73 14.37
N LEU C 193 -8.83 -5.47 14.07
CA LEU C 193 -9.78 -4.59 13.40
C LEU C 193 -9.08 -4.11 12.14
N CYS C 194 -9.59 -4.51 10.98
CA CYS C 194 -8.98 -4.14 9.71
C CYS C 194 -9.96 -4.23 8.54
N TRP C 195 -9.67 -3.51 7.46
CA TRP C 195 -10.56 -3.56 6.30
C TRP C 195 -10.48 -4.93 5.62
N GLU C 196 -9.32 -5.59 5.71
CA GLU C 196 -9.17 -6.90 5.07
C GLU C 196 -10.29 -7.84 5.48
N MET C 197 -10.64 -7.77 6.76
CA MET C 197 -11.69 -8.62 7.32
C MET C 197 -13.06 -7.96 7.18
N ALA C 198 -13.12 -6.68 7.55
CA ALA C 198 -14.37 -5.92 7.50
C ALA C 198 -15.08 -5.92 6.15
N CYS C 199 -14.32 -5.79 5.06
CA CYS C 199 -14.93 -5.75 3.74
C CYS C 199 -15.71 -7.01 3.40
N GLU C 200 -15.32 -8.15 3.94
CA GLU C 200 -16.04 -9.39 3.67
C GLU C 200 -17.46 -9.32 4.21
N PHE C 201 -17.62 -8.66 5.35
CA PHE C 201 -18.90 -8.49 6.01
C PHE C 201 -19.75 -7.47 5.28
N ASP C 202 -19.09 -6.45 4.75
CA ASP C 202 -19.79 -5.42 4.02
C ASP C 202 -20.27 -6.06 2.72
N ALA C 203 -19.42 -6.90 2.12
CA ALA C 203 -19.76 -7.55 0.87
C ALA C 203 -21.02 -8.41 0.96
N MET C 204 -21.39 -8.85 2.17
CA MET C 204 -22.59 -9.67 2.31
C MET C 204 -23.74 -8.85 2.92
N GLY C 205 -23.51 -7.54 3.08
CA GLY C 205 -24.53 -6.66 3.60
C GLY C 205 -24.77 -6.70 5.10
N ALA C 206 -23.85 -7.28 5.86
CA ALA C 206 -24.02 -7.39 7.29
C ALA C 206 -23.69 -6.13 8.11
N LEU C 207 -22.98 -5.18 7.52
CA LEU C 207 -22.61 -3.97 8.27
C LEU C 207 -23.54 -2.78 8.09
N SER C 208 -23.58 -1.91 9.10
CA SER C 208 -24.40 -0.72 9.05
C SER C 208 -23.77 0.27 8.05
N THR C 209 -24.61 0.95 7.28
CA THR C 209 -24.10 1.90 6.29
C THR C 209 -24.89 3.21 6.17
N LYS C 210 -26.00 3.32 6.88
CA LYS C 210 -26.83 4.53 6.80
C LYS C 210 -26.51 5.60 7.83
N TYR C 211 -25.56 5.33 8.73
CA TYR C 211 -25.24 6.31 9.75
C TYR C 211 -23.80 6.72 9.81
N ASN C 212 -23.13 6.71 8.65
CA ASN C 212 -21.74 7.08 8.58
C ASN C 212 -21.49 8.51 9.06
N ASP C 213 -22.49 9.39 8.88
CA ASP C 213 -22.38 10.80 9.30
C ASP C 213 -22.54 10.97 10.81
N THR C 214 -23.17 9.99 11.45
CA THR C 214 -23.39 10.04 12.88
C THR C 214 -22.97 8.69 13.45
N PRO C 215 -21.65 8.45 13.50
CA PRO C 215 -21.05 7.21 13.99
C PRO C 215 -21.62 6.62 15.28
N GLU C 216 -21.76 7.45 16.31
CA GLU C 216 -22.26 6.96 17.59
C GLU C 216 -23.72 6.51 17.59
N LYS C 217 -24.38 6.62 16.45
CA LYS C 217 -25.78 6.21 16.35
C LYS C 217 -25.98 5.02 15.42
N ALA C 218 -24.90 4.62 14.76
CA ALA C 218 -24.91 3.50 13.82
C ALA C 218 -25.37 2.19 14.46
N SER C 219 -24.80 1.86 15.61
CA SER C 219 -25.14 0.65 16.34
C SER C 219 -26.36 0.96 17.21
N ARG C 220 -27.51 0.42 16.82
CA ARG C 220 -28.77 0.69 17.51
C ARG C 220 -29.66 -0.53 17.74
N THR C 221 -29.18 -1.50 18.50
CA THR C 221 -29.94 -2.70 18.76
C THR C 221 -31.39 -2.43 19.17
N TYR C 222 -32.31 -3.15 18.53
CA TYR C 222 -33.74 -3.05 18.78
C TYR C 222 -34.41 -1.82 18.18
N ASP C 223 -33.63 -0.88 17.65
CA ASP C 223 -34.23 0.28 17.03
C ASP C 223 -34.82 -0.17 15.69
N ALA C 224 -36.02 0.32 15.38
CA ALA C 224 -36.71 -0.04 14.14
C ALA C 224 -35.92 0.29 12.88
N HIS C 225 -34.90 1.14 13.00
CA HIS C 225 -34.10 1.52 11.85
C HIS C 225 -32.67 1.02 11.81
N ARG C 226 -32.40 -0.05 12.53
CA ARG C 226 -31.06 -0.64 12.53
C ARG C 226 -30.87 -1.19 11.14
N ASP C 227 -29.65 -1.11 10.61
CA ASP C 227 -29.39 -1.61 9.27
C ASP C 227 -28.12 -2.47 9.22
N GLY C 228 -27.73 -3.03 10.36
CA GLY C 228 -26.54 -3.87 10.39
C GLY C 228 -25.67 -3.58 11.59
N PHE C 229 -24.67 -4.42 11.85
CA PHE C 229 -23.81 -4.22 13.00
C PHE C 229 -22.55 -3.44 12.70
N VAL C 230 -21.94 -2.91 13.76
CA VAL C 230 -20.72 -2.13 13.65
C VAL C 230 -19.56 -3.00 14.10
N ILE C 231 -18.67 -3.30 13.17
CA ILE C 231 -17.53 -4.15 13.47
C ILE C 231 -16.58 -3.48 14.45
N ALA C 232 -16.02 -4.29 15.35
CA ALA C 232 -15.11 -3.82 16.39
C ALA C 232 -14.03 -4.86 16.67
N GLY C 233 -13.03 -4.48 17.45
CA GLY C 233 -11.96 -5.39 17.78
C GLY C 233 -11.59 -5.24 19.24
N GLY C 234 -10.52 -5.89 19.66
CA GLY C 234 -10.10 -5.79 21.04
C GLY C 234 -9.85 -7.14 21.65
N GLY C 235 -9.78 -7.20 22.97
CA GLY C 235 -9.53 -8.45 23.64
C GLY C 235 -10.06 -8.47 25.06
N GLY C 236 -10.04 -9.63 25.68
CA GLY C 236 -10.52 -9.78 27.03
C GLY C 236 -10.09 -11.12 27.58
N MET C 237 -9.88 -11.19 28.88
CA MET C 237 -9.46 -12.42 29.50
C MET C 237 -9.98 -12.47 30.94
N VAL C 238 -10.42 -13.65 31.37
CA VAL C 238 -10.89 -13.82 32.73
C VAL C 238 -10.14 -15.00 33.32
N VAL C 239 -9.99 -15.00 34.65
CA VAL C 239 -9.32 -16.11 35.30
C VAL C 239 -10.42 -17.02 35.83
N VAL C 240 -10.46 -18.24 35.32
CA VAL C 240 -11.46 -19.20 35.75
C VAL C 240 -10.74 -20.16 36.70
N GLU C 241 -11.24 -20.32 37.91
CA GLU C 241 -10.58 -21.25 38.82
C GLU C 241 -11.50 -21.96 39.80
N GLU C 242 -11.04 -23.13 40.20
CA GLU C 242 -11.78 -23.96 41.13
C GLU C 242 -11.98 -23.20 42.44
N LEU C 243 -13.20 -23.31 42.96
CA LEU C 243 -13.58 -22.61 44.19
C LEU C 243 -12.68 -22.84 45.40
N GLU C 244 -12.43 -24.09 45.78
CA GLU C 244 -11.59 -24.33 46.94
C GLU C 244 -10.22 -23.68 46.78
N HIS C 245 -9.68 -23.78 45.57
CA HIS C 245 -8.38 -23.21 45.28
C HIS C 245 -8.41 -21.70 45.47
N ALA C 246 -9.50 -21.07 45.02
CA ALA C 246 -9.65 -19.62 45.14
C ALA C 246 -9.81 -19.17 46.59
N LEU C 247 -10.60 -19.93 47.37
CA LEU C 247 -10.84 -19.62 48.77
C LEU C 247 -9.58 -19.77 49.61
N ALA C 248 -8.82 -20.83 49.36
CA ALA C 248 -7.59 -21.07 50.09
C ALA C 248 -6.59 -19.91 49.96
N ARG C 249 -6.47 -19.35 48.78
CA ARG C 249 -5.52 -18.25 48.59
C ARG C 249 -6.16 -16.88 48.81
N GLY C 250 -7.39 -16.88 49.31
CA GLY C 250 -8.08 -15.62 49.58
C GLY C 250 -8.28 -14.72 48.38
N ALA C 251 -8.71 -15.29 47.27
CA ALA C 251 -8.93 -14.52 46.05
C ALA C 251 -10.24 -13.75 46.10
N HIS C 252 -10.31 -12.68 45.31
CA HIS C 252 -11.52 -11.90 45.21
C HIS C 252 -12.38 -12.63 44.19
N ILE C 253 -13.60 -12.97 44.55
CA ILE C 253 -14.49 -13.69 43.65
C ILE C 253 -15.59 -12.81 43.08
N TYR C 254 -15.56 -12.62 41.76
CA TYR C 254 -16.56 -11.81 41.07
C TYR C 254 -17.88 -12.56 41.07
N ALA C 255 -17.85 -13.81 40.63
CA ALA C 255 -19.04 -14.63 40.56
C ALA C 255 -18.69 -16.07 40.27
N GLU C 256 -19.69 -16.92 40.41
CA GLU C 256 -19.53 -18.33 40.12
C GLU C 256 -20.26 -18.58 38.80
N ILE C 257 -19.68 -19.41 37.95
CA ILE C 257 -20.32 -19.75 36.68
C ILE C 257 -21.19 -20.93 37.04
N VAL C 258 -22.50 -20.71 37.02
CA VAL C 258 -23.45 -21.75 37.39
C VAL C 258 -24.18 -22.39 36.22
N GLY C 259 -23.94 -21.89 35.02
CA GLY C 259 -24.60 -22.45 33.86
C GLY C 259 -23.86 -22.17 32.60
N TYR C 260 -23.76 -23.18 31.74
CA TYR C 260 -23.08 -23.06 30.46
C TYR C 260 -23.81 -23.90 29.42
N GLY C 261 -24.31 -23.22 28.39
CA GLY C 261 -25.02 -23.92 27.34
C GLY C 261 -24.30 -23.72 26.03
N ALA C 262 -24.24 -24.78 25.23
CA ALA C 262 -23.62 -24.73 23.91
C ALA C 262 -24.44 -25.64 23.00
N THR C 263 -25.15 -25.05 22.07
CA THR C 263 -25.98 -25.80 21.15
C THR C 263 -25.68 -25.41 19.71
N SER C 264 -26.36 -26.09 18.78
CA SER C 264 -26.18 -25.86 17.36
C SER C 264 -27.55 -25.76 16.68
N ASP C 265 -27.68 -24.89 15.69
CA ASP C 265 -28.94 -24.71 14.98
C ASP C 265 -29.22 -25.77 13.93
N GLY C 266 -28.19 -26.15 13.19
CA GLY C 266 -28.36 -27.14 12.13
C GLY C 266 -29.43 -26.66 11.16
N ALA C 267 -29.38 -25.38 10.80
CA ALA C 267 -30.38 -24.79 9.89
C ALA C 267 -29.80 -23.83 8.85
N ASP C 268 -29.54 -22.58 9.26
CA ASP C 268 -28.99 -21.58 8.36
C ASP C 268 -27.53 -21.20 8.70
N MET C 269 -26.75 -20.89 7.66
CA MET C 269 -25.34 -20.51 7.81
C MET C 269 -25.08 -19.12 8.37
N VAL C 270 -25.99 -18.19 8.09
CA VAL C 270 -25.82 -16.81 8.48
C VAL C 270 -26.84 -16.21 9.44
N ALA C 271 -28.04 -16.80 9.49
CA ALA C 271 -29.07 -16.28 10.39
C ALA C 271 -29.40 -17.32 11.45
N PRO C 272 -29.70 -16.86 12.66
CA PRO C 272 -30.05 -17.79 13.75
C PRO C 272 -31.46 -18.31 13.52
N SER C 273 -31.76 -19.49 14.04
CA SER C 273 -33.09 -20.06 13.88
C SER C 273 -33.94 -19.76 15.11
N GLY C 274 -33.31 -19.33 16.18
CA GLY C 274 -34.04 -19.03 17.41
C GLY C 274 -34.28 -20.32 18.19
N GLU C 275 -34.54 -21.39 17.46
CA GLU C 275 -34.77 -22.71 18.04
C GLU C 275 -33.52 -23.18 18.84
N GLY C 276 -32.34 -22.97 18.25
CA GLY C 276 -31.12 -23.37 18.92
C GLY C 276 -30.84 -22.52 20.14
N ALA C 277 -31.21 -21.24 20.05
CA ALA C 277 -31.01 -20.31 21.16
C ALA C 277 -31.88 -20.72 22.35
N VAL C 278 -33.10 -21.18 22.08
CA VAL C 278 -34.01 -21.60 23.15
C VAL C 278 -33.37 -22.74 23.90
N ARG C 279 -32.89 -23.74 23.17
CA ARG C 279 -32.26 -24.89 23.80
C ARG C 279 -30.99 -24.49 24.55
N CYS C 280 -30.24 -23.56 23.98
CA CYS C 280 -28.99 -23.11 24.60
C CYS C 280 -29.23 -22.45 25.96
N MET C 281 -30.19 -21.52 25.99
CA MET C 281 -30.52 -20.83 27.22
C MET C 281 -31.10 -21.79 28.26
N LYS C 282 -31.97 -22.70 27.83
CA LYS C 282 -32.56 -23.63 28.77
C LYS C 282 -31.48 -24.51 29.37
N MET C 283 -30.52 -24.91 28.56
CA MET C 283 -29.43 -25.75 29.03
C MET C 283 -28.57 -25.03 30.06
N ALA C 284 -28.38 -23.73 29.86
CA ALA C 284 -27.57 -22.94 30.77
C ALA C 284 -28.27 -22.67 32.10
N MET C 285 -29.60 -22.69 32.09
CA MET C 285 -30.37 -22.44 33.31
C MET C 285 -30.65 -23.72 34.09
N HIS C 286 -30.37 -24.86 33.49
CA HIS C 286 -30.61 -26.12 34.15
C HIS C 286 -29.83 -26.13 35.46
N GLY C 287 -30.52 -26.41 36.56
CA GLY C 287 -29.85 -26.44 37.84
C GLY C 287 -29.78 -25.09 38.54
N VAL C 288 -30.05 -24.00 37.82
CA VAL C 288 -30.02 -22.67 38.40
C VAL C 288 -31.38 -22.38 39.03
N ASP C 289 -31.43 -22.40 40.36
CA ASP C 289 -32.68 -22.19 41.09
C ASP C 289 -33.15 -20.74 41.23
N THR C 290 -32.23 -19.78 41.08
CA THR C 290 -32.57 -18.36 41.18
C THR C 290 -32.98 -17.82 39.83
N PRO C 291 -33.78 -16.74 39.81
CA PRO C 291 -34.21 -16.16 38.54
C PRO C 291 -33.10 -15.34 37.93
N ILE C 292 -33.22 -15.05 36.64
CA ILE C 292 -32.23 -14.25 35.93
C ILE C 292 -32.62 -12.78 36.10
N ASP C 293 -31.75 -12.00 36.73
CA ASP C 293 -32.03 -10.59 36.96
C ASP C 293 -31.71 -9.74 35.75
N TYR C 294 -30.68 -10.13 35.01
CA TYR C 294 -30.27 -9.34 33.86
C TYR C 294 -29.71 -10.22 32.76
N LEU C 295 -30.05 -9.87 31.53
CA LEU C 295 -29.59 -10.62 30.39
C LEU C 295 -28.87 -9.71 29.41
N ASN C 296 -27.61 -10.02 29.17
CA ASN C 296 -26.79 -9.26 28.22
C ASN C 296 -26.94 -10.00 26.91
N SER C 297 -27.89 -9.54 26.10
CA SER C 297 -28.19 -10.16 24.82
C SER C 297 -27.06 -10.08 23.83
N HIS C 298 -27.18 -10.89 22.78
CA HIS C 298 -26.20 -10.91 21.72
C HIS C 298 -26.47 -9.66 20.87
N GLY C 299 -27.76 -9.36 20.69
CA GLY C 299 -28.21 -8.20 19.93
C GLY C 299 -27.14 -7.41 19.19
N THR C 300 -26.91 -7.79 17.94
CA THR C 300 -25.89 -7.14 17.12
C THR C 300 -26.40 -5.93 16.35
N SER C 301 -27.68 -5.63 16.47
CA SER C 301 -28.29 -4.50 15.80
C SER C 301 -28.57 -4.78 14.33
N THR C 302 -28.90 -6.03 14.03
CA THR C 302 -29.23 -6.45 12.68
C THR C 302 -30.74 -6.67 12.62
N PRO C 303 -31.35 -6.43 11.46
CA PRO C 303 -32.79 -6.59 11.26
C PRO C 303 -33.33 -7.92 11.76
N VAL C 304 -32.84 -9.02 11.18
CA VAL C 304 -33.31 -10.35 11.56
C VAL C 304 -32.79 -10.82 12.93
N GLY C 305 -31.49 -10.70 13.14
CA GLY C 305 -30.89 -11.14 14.38
C GLY C 305 -31.51 -10.72 15.70
N ASP C 306 -31.71 -9.42 15.88
CA ASP C 306 -32.28 -8.90 17.14
C ASP C 306 -33.62 -9.51 17.50
N VAL C 307 -34.50 -9.66 16.52
CA VAL C 307 -35.83 -10.20 16.76
C VAL C 307 -35.85 -11.72 16.99
N LYS C 308 -35.01 -12.46 16.29
CA LYS C 308 -34.96 -13.90 16.49
C LYS C 308 -34.59 -14.18 17.95
N GLU C 309 -33.61 -13.44 18.46
CA GLU C 309 -33.20 -13.61 19.85
C GLU C 309 -34.28 -13.18 20.82
N LEU C 310 -35.02 -12.13 20.47
CA LEU C 310 -36.09 -11.67 21.35
C LEU C 310 -37.20 -12.71 21.42
N ALA C 311 -37.45 -13.39 20.32
CA ALA C 311 -38.49 -14.41 20.30
C ALA C 311 -38.04 -15.56 21.16
N ALA C 312 -36.75 -15.92 21.03
CA ALA C 312 -36.20 -17.02 21.82
C ALA C 312 -36.30 -16.70 23.31
N ILE C 313 -36.05 -15.45 23.67
CA ILE C 313 -36.12 -15.01 25.05
C ILE C 313 -37.56 -15.10 25.55
N ARG C 314 -38.52 -14.75 24.70
CA ARG C 314 -39.93 -14.85 25.09
C ARG C 314 -40.29 -16.29 25.40
N GLU C 315 -39.89 -17.22 24.54
CA GLU C 315 -40.18 -18.64 24.74
C GLU C 315 -39.56 -19.24 26.00
N VAL C 316 -38.33 -18.85 26.32
CA VAL C 316 -37.66 -19.39 27.50
C VAL C 316 -38.20 -18.85 28.81
N PHE C 317 -38.40 -17.53 28.89
CA PHE C 317 -38.86 -16.89 30.11
C PHE C 317 -40.35 -16.61 30.20
N GLY C 318 -41.04 -16.64 29.06
CA GLY C 318 -42.48 -16.39 29.05
C GLY C 318 -42.86 -15.01 29.55
N ASP C 319 -43.42 -14.95 30.76
CA ASP C 319 -43.85 -13.67 31.35
C ASP C 319 -42.84 -13.12 32.34
N LYS C 320 -41.96 -13.99 32.84
CA LYS C 320 -40.95 -13.58 33.82
C LYS C 320 -39.64 -13.22 33.13
N SER C 321 -39.70 -12.42 32.07
CA SER C 321 -38.49 -12.04 31.35
C SER C 321 -37.62 -11.09 32.18
N PRO C 322 -36.30 -11.27 32.15
CA PRO C 322 -35.37 -10.43 32.89
C PRO C 322 -35.13 -9.05 32.26
N ALA C 323 -34.36 -8.22 32.94
CA ALA C 323 -34.02 -6.91 32.41
C ALA C 323 -33.07 -7.19 31.24
N ILE C 324 -33.21 -6.45 30.15
CA ILE C 324 -32.36 -6.70 28.99
C ILE C 324 -31.73 -5.43 28.45
N SER C 325 -30.50 -5.55 27.96
CA SER C 325 -29.81 -4.44 27.34
C SER C 325 -28.70 -5.03 26.47
N ALA C 326 -28.50 -4.44 25.31
CA ALA C 326 -27.47 -4.89 24.38
C ALA C 326 -26.33 -3.88 24.41
N THR C 327 -25.22 -4.27 25.02
CA THR C 327 -24.08 -3.39 25.12
C THR C 327 -23.41 -3.12 23.77
N LYS C 328 -23.72 -3.94 22.76
CA LYS C 328 -23.12 -3.73 21.45
C LYS C 328 -23.52 -2.41 20.83
N ALA C 329 -24.60 -1.82 21.36
CA ALA C 329 -25.08 -0.53 20.87
C ALA C 329 -24.05 0.54 21.21
N MET C 330 -23.28 0.29 22.28
CA MET C 330 -22.20 1.19 22.73
C MET C 330 -20.85 0.79 22.16
N THR C 331 -20.55 -0.51 22.25
CA THR C 331 -19.27 -1.07 21.85
C THR C 331 -19.09 -1.49 20.41
N GLY C 332 -20.15 -2.01 19.81
CA GLY C 332 -20.05 -2.50 18.46
C GLY C 332 -19.85 -4.00 18.63
N HIS C 333 -19.77 -4.73 17.53
CA HIS C 333 -19.62 -6.19 17.54
C HIS C 333 -18.15 -6.60 17.42
N SER C 334 -17.53 -7.01 18.53
CA SER C 334 -16.12 -7.40 18.50
C SER C 334 -15.87 -8.85 18.06
N LEU C 335 -16.89 -9.47 17.48
CA LEU C 335 -16.78 -10.83 16.97
C LEU C 335 -16.18 -11.85 17.93
N GLY C 336 -14.95 -12.28 17.65
CA GLY C 336 -14.30 -13.27 18.48
C GLY C 336 -14.11 -12.86 19.93
N ALA C 337 -13.99 -11.56 20.16
CA ALA C 337 -13.79 -11.04 21.50
C ALA C 337 -15.08 -10.70 22.22
N ALA C 338 -16.20 -10.70 21.49
CA ALA C 338 -17.50 -10.36 22.08
C ALA C 338 -17.87 -11.20 23.31
N GLY C 339 -17.72 -12.52 23.19
CA GLY C 339 -18.06 -13.41 24.28
C GLY C 339 -17.45 -13.09 25.63
N VAL C 340 -16.13 -12.94 25.68
CA VAL C 340 -15.49 -12.65 26.94
C VAL C 340 -15.68 -11.19 27.38
N GLN C 341 -15.72 -10.26 26.43
CA GLN C 341 -15.91 -8.86 26.77
C GLN C 341 -17.27 -8.61 27.40
N GLU C 342 -18.30 -9.22 26.83
CA GLU C 342 -19.65 -9.05 27.35
C GLU C 342 -19.84 -9.79 28.67
N ALA C 343 -19.02 -10.81 28.91
CA ALA C 343 -19.10 -11.54 30.17
C ALA C 343 -18.53 -10.58 31.21
N ILE C 344 -17.49 -9.85 30.80
CA ILE C 344 -16.85 -8.88 31.66
C ILE C 344 -17.77 -7.69 31.97
N TYR C 345 -18.51 -7.21 30.98
CA TYR C 345 -19.45 -6.11 31.23
C TYR C 345 -20.52 -6.58 32.22
N SER C 346 -20.91 -7.83 32.09
CA SER C 346 -21.92 -8.43 32.96
C SER C 346 -21.40 -8.58 34.38
N LEU C 347 -20.14 -9.00 34.51
CA LEU C 347 -19.54 -9.17 35.82
C LEU C 347 -19.39 -7.82 36.51
N LEU C 348 -19.14 -6.77 35.72
CA LEU C 348 -18.98 -5.43 36.28
C LEU C 348 -20.33 -4.90 36.77
N MET C 349 -21.38 -5.21 36.03
CA MET C 349 -22.72 -4.80 36.42
C MET C 349 -23.11 -5.50 37.72
N LEU C 350 -22.73 -6.76 37.83
CA LEU C 350 -23.02 -7.59 39.00
C LEU C 350 -22.23 -7.11 40.21
N GLU C 351 -20.96 -6.81 39.98
CA GLU C 351 -20.07 -6.35 41.04
C GLU C 351 -20.45 -4.95 41.57
N HIS C 352 -20.90 -4.07 40.68
CA HIS C 352 -21.23 -2.71 41.08
C HIS C 352 -22.70 -2.40 41.19
N GLY C 353 -23.55 -3.41 41.09
CA GLY C 353 -24.98 -3.20 41.21
C GLY C 353 -25.60 -2.16 40.29
N PHE C 354 -25.57 -2.41 38.99
CA PHE C 354 -26.18 -1.50 38.03
C PHE C 354 -26.38 -2.17 36.68
N ILE C 355 -27.32 -1.66 35.91
CA ILE C 355 -27.60 -2.20 34.57
C ILE C 355 -27.25 -1.17 33.53
N ALA C 356 -26.30 -1.49 32.66
CA ALA C 356 -25.88 -0.59 31.59
C ALA C 356 -27.05 -0.45 30.62
N PRO C 357 -27.27 0.75 30.08
CA PRO C 357 -28.37 1.00 29.14
C PRO C 357 -28.18 0.46 27.74
N SER C 358 -29.31 0.17 27.09
CA SER C 358 -29.32 -0.29 25.70
C SER C 358 -29.60 1.02 24.98
N ILE C 359 -28.55 1.67 24.48
CA ILE C 359 -28.69 2.96 23.82
C ILE C 359 -29.13 2.99 22.37
N ASN C 360 -29.35 4.21 21.89
CA ASN C 360 -29.76 4.49 20.53
C ASN C 360 -31.12 3.96 20.10
N ILE C 361 -32.03 3.78 21.03
CA ILE C 361 -33.34 3.30 20.63
C ILE C 361 -34.26 4.51 20.53
N GLU C 362 -34.50 4.96 19.29
CA GLU C 362 -35.36 6.11 19.08
C GLU C 362 -36.80 5.63 18.83
N GLU C 363 -36.92 4.46 18.24
CA GLU C 363 -38.23 3.88 17.95
C GLU C 363 -38.06 2.38 18.16
N LEU C 364 -38.69 1.86 19.20
CA LEU C 364 -38.58 0.45 19.53
C LEU C 364 -39.29 -0.45 18.53
N ASP C 365 -38.60 -1.49 18.07
CA ASP C 365 -39.17 -2.43 17.11
C ASP C 365 -40.44 -3.05 17.72
N GLU C 366 -41.47 -3.23 16.90
CA GLU C 366 -42.74 -3.80 17.35
C GLU C 366 -42.57 -5.08 18.16
N GLN C 367 -41.74 -5.98 17.65
CA GLN C 367 -41.51 -7.27 18.29
C GLN C 367 -40.82 -7.22 19.65
N ALA C 368 -40.31 -6.06 20.03
CA ALA C 368 -39.63 -5.92 21.31
C ALA C 368 -40.63 -5.42 22.35
N ALA C 369 -41.83 -5.10 21.88
CA ALA C 369 -42.88 -4.58 22.75
C ALA C 369 -43.18 -5.49 23.95
N GLY C 370 -43.34 -4.86 25.12
CA GLY C 370 -43.63 -5.62 26.33
C GLY C 370 -42.44 -6.14 27.12
N LEU C 371 -41.25 -6.20 26.50
CA LEU C 371 -40.06 -6.70 27.20
C LEU C 371 -39.37 -5.59 27.98
N ASN C 372 -38.69 -5.96 29.06
CA ASN C 372 -37.98 -4.99 29.88
C ASN C 372 -36.58 -4.67 29.37
N ILE C 373 -36.55 -3.90 28.28
CA ILE C 373 -35.31 -3.47 27.68
C ILE C 373 -34.97 -2.16 28.35
N VAL C 374 -33.89 -2.17 29.14
CA VAL C 374 -33.43 -1.01 29.90
C VAL C 374 -32.78 0.02 28.98
N THR C 375 -33.33 1.23 28.95
CA THR C 375 -32.82 2.27 28.07
C THR C 375 -32.05 3.38 28.75
N GLU C 376 -31.83 3.23 30.05
CA GLU C 376 -31.06 4.22 30.79
C GLU C 376 -30.45 3.56 32.01
N THR C 377 -29.20 3.92 32.29
CA THR C 377 -28.47 3.35 33.41
C THR C 377 -29.36 3.23 34.64
N THR C 378 -29.37 2.02 35.21
CA THR C 378 -30.20 1.77 36.38
C THR C 378 -29.41 1.09 37.49
N ASP C 379 -29.53 1.63 38.70
CA ASP C 379 -28.85 1.04 39.84
C ASP C 379 -29.79 -0.06 40.34
N ARG C 380 -29.22 -1.22 40.66
CA ARG C 380 -30.02 -2.34 41.12
C ARG C 380 -29.10 -3.45 41.61
N GLU C 381 -29.55 -4.18 42.61
CA GLU C 381 -28.74 -5.27 43.12
C GLU C 381 -29.02 -6.49 42.23
N LEU C 382 -27.99 -6.93 41.54
CA LEU C 382 -28.12 -8.08 40.68
C LEU C 382 -27.54 -9.29 41.41
N THR C 383 -28.05 -10.46 41.09
CA THR C 383 -27.54 -11.67 41.72
C THR C 383 -27.19 -12.69 40.65
N THR C 384 -28.06 -12.80 39.65
CA THR C 384 -27.83 -13.76 38.57
C THR C 384 -27.97 -13.08 37.20
N VAL C 385 -26.91 -13.19 36.40
CA VAL C 385 -26.90 -12.61 35.06
C VAL C 385 -26.62 -13.66 33.99
N MET C 386 -27.14 -13.43 32.80
CA MET C 386 -26.98 -14.32 31.67
C MET C 386 -26.42 -13.52 30.49
N SER C 387 -25.63 -14.18 29.64
CA SER C 387 -25.05 -13.51 28.48
C SER C 387 -25.07 -14.44 27.27
N ASN C 388 -25.66 -13.97 26.17
CA ASN C 388 -25.76 -14.78 24.96
C ASN C 388 -24.76 -14.42 23.86
N SER C 389 -24.35 -15.45 23.14
CA SER C 389 -23.41 -15.32 22.04
C SER C 389 -23.83 -16.33 20.97
N PHE C 390 -24.22 -15.83 19.81
CA PHE C 390 -24.63 -16.68 18.71
C PHE C 390 -23.81 -16.31 17.48
N GLY C 391 -23.18 -17.31 16.86
CA GLY C 391 -22.37 -16.99 15.70
C GLY C 391 -22.87 -17.67 14.44
N PHE C 392 -22.24 -17.32 13.32
CA PHE C 392 -22.56 -17.90 12.04
C PHE C 392 -22.31 -19.40 12.15
N GLY C 393 -23.00 -20.17 11.34
CA GLY C 393 -22.84 -21.61 11.40
C GLY C 393 -23.77 -22.15 12.47
N GLY C 394 -24.65 -21.28 12.96
CA GLY C 394 -25.60 -21.68 13.96
C GLY C 394 -25.01 -22.20 15.26
N THR C 395 -23.91 -21.60 15.69
CA THR C 395 -23.27 -22.02 16.93
C THR C 395 -23.71 -21.09 18.06
N ASN C 396 -24.19 -21.68 19.15
CA ASN C 396 -24.70 -20.91 20.28
C ASN C 396 -24.01 -21.18 21.61
N ALA C 397 -23.87 -20.12 22.40
CA ALA C 397 -23.27 -20.23 23.72
C ALA C 397 -23.97 -19.26 24.65
N THR C 398 -24.20 -19.72 25.89
CA THR C 398 -24.84 -18.90 26.91
C THR C 398 -24.12 -19.18 28.22
N LEU C 399 -23.83 -18.12 28.96
CA LEU C 399 -23.16 -18.25 30.24
C LEU C 399 -24.04 -17.62 31.30
N VAL C 400 -24.14 -18.29 32.44
CA VAL C 400 -24.93 -17.75 33.54
C VAL C 400 -23.99 -17.61 34.72
N MET C 401 -23.95 -16.41 35.27
CA MET C 401 -23.08 -16.14 36.39
C MET C 401 -23.86 -15.62 37.57
N ARG C 402 -23.46 -16.04 38.77
CA ARG C 402 -24.15 -15.63 39.97
C ARG C 402 -23.23 -15.22 41.11
N LYS C 403 -23.64 -14.18 41.84
CA LYS C 403 -22.88 -13.69 42.98
C LYS C 403 -22.73 -14.82 43.98
N LEU C 404 -21.59 -14.88 44.65
CA LEU C 404 -21.36 -15.94 45.60
C LEU C 404 -21.75 -15.48 47.00
N LYS C 405 -22.08 -16.46 47.84
CA LYS C 405 -22.50 -16.24 49.23
C LYS C 405 -21.54 -15.33 50.01
N ASP C 406 -22.08 -14.59 50.98
CA ASP C 406 -21.31 -13.65 51.81
C ASP C 406 -21.27 -12.32 51.08
N MET D 1 -16.40 -40.41 33.24
CA MET D 1 -17.01 -41.63 33.85
C MET D 1 -17.35 -42.67 32.78
N LYS D 2 -18.16 -42.27 31.80
CA LYS D 2 -18.56 -43.16 30.72
C LYS D 2 -17.37 -43.49 29.82
N ARG D 3 -17.46 -44.63 29.13
CA ARG D 3 -16.40 -45.07 28.23
C ARG D 3 -16.72 -44.59 26.82
N VAL D 4 -15.67 -44.35 26.04
CA VAL D 4 -15.84 -43.84 24.69
C VAL D 4 -15.12 -44.67 23.62
N VAL D 5 -15.81 -44.86 22.50
CA VAL D 5 -15.25 -45.64 21.41
C VAL D 5 -15.39 -44.90 20.08
N ILE D 6 -14.71 -45.41 19.06
CA ILE D 6 -14.79 -44.84 17.72
C ILE D 6 -15.50 -45.88 16.88
N THR D 7 -16.64 -45.52 16.32
CA THR D 7 -17.45 -46.44 15.54
C THR D 7 -17.55 -46.13 14.05
N GLY D 8 -16.71 -45.22 13.57
CA GLY D 8 -16.76 -44.88 12.16
C GLY D 8 -15.66 -43.90 11.83
N LEU D 9 -15.23 -43.91 10.57
CA LEU D 9 -14.18 -43.00 10.13
C LEU D 9 -14.30 -42.68 8.65
N GLY D 10 -13.81 -41.50 8.28
CA GLY D 10 -13.83 -41.05 6.90
C GLY D 10 -12.53 -40.30 6.69
N ILE D 11 -11.99 -40.32 5.48
CA ILE D 11 -10.72 -39.65 5.26
C ILE D 11 -10.44 -39.36 3.79
N VAL D 12 -9.75 -38.25 3.56
CA VAL D 12 -9.36 -37.81 2.23
C VAL D 12 -7.93 -37.30 2.41
N SER D 13 -6.94 -38.06 1.96
CA SER D 13 -5.56 -37.64 2.12
C SER D 13 -4.71 -37.86 0.89
N SER D 14 -3.44 -37.49 1.01
CA SER D 14 -2.47 -37.63 -0.07
C SER D 14 -2.26 -39.08 -0.49
N ILE D 15 -2.58 -40.03 0.39
CA ILE D 15 -2.40 -41.43 0.07
C ILE D 15 -3.70 -42.24 -0.08
N GLY D 16 -4.82 -41.55 -0.27
CA GLY D 16 -6.09 -42.26 -0.42
C GLY D 16 -7.33 -41.41 -0.21
N ASN D 17 -8.37 -41.69 -0.99
CA ASN D 17 -9.61 -40.93 -0.86
C ASN D 17 -10.68 -41.63 -0.03
N ASN D 18 -10.28 -42.71 0.62
CA ASN D 18 -11.16 -43.47 1.50
C ASN D 18 -10.28 -44.43 2.29
N GLN D 19 -10.81 -45.03 3.33
CA GLN D 19 -9.99 -45.92 4.14
C GLN D 19 -9.41 -47.10 3.40
N GLN D 20 -10.11 -47.57 2.37
CA GLN D 20 -9.62 -48.71 1.60
C GLN D 20 -8.32 -48.31 0.88
N GLU D 21 -8.37 -47.24 0.10
CA GLU D 21 -7.18 -46.80 -0.62
C GLU D 21 -6.05 -46.47 0.34
N VAL D 22 -6.40 -45.91 1.49
CA VAL D 22 -5.39 -45.57 2.48
C VAL D 22 -4.77 -46.84 3.03
N LEU D 23 -5.59 -47.85 3.26
CA LEU D 23 -5.11 -49.12 3.79
C LEU D 23 -4.03 -49.71 2.89
N ALA D 24 -4.26 -49.63 1.58
CA ALA D 24 -3.32 -50.15 0.60
C ALA D 24 -2.01 -49.38 0.71
N SER D 25 -2.08 -48.07 0.51
CA SER D 25 -0.91 -47.22 0.61
C SER D 25 -0.09 -47.52 1.86
N LEU D 26 -0.74 -47.60 3.01
CA LEU D 26 -0.03 -47.88 4.26
C LEU D 26 0.70 -49.21 4.22
N ARG D 27 0.00 -50.26 3.80
CA ARG D 27 0.60 -51.59 3.72
C ARG D 27 1.81 -51.61 2.76
N GLU D 28 1.70 -50.87 1.67
CA GLU D 28 2.78 -50.81 0.68
C GLU D 28 3.82 -49.73 0.89
N GLY D 29 3.61 -48.87 1.88
CA GLY D 29 4.57 -47.81 2.15
C GLY D 29 4.68 -46.90 0.94
N ARG D 30 3.55 -46.58 0.32
CA ARG D 30 3.56 -45.71 -0.86
C ARG D 30 3.42 -44.23 -0.48
N SER D 31 4.20 -43.38 -1.15
CA SER D 31 4.21 -41.95 -0.88
C SER D 31 3.12 -41.21 -1.63
N GLY D 32 2.59 -40.16 -1.00
CA GLY D 32 1.55 -39.35 -1.61
C GLY D 32 2.09 -38.00 -2.05
N ILE D 33 3.40 -37.82 -1.91
CA ILE D 33 4.07 -36.57 -2.27
C ILE D 33 4.34 -36.48 -3.78
N THR D 34 4.04 -35.34 -4.38
CA THR D 34 4.28 -35.13 -5.80
C THR D 34 4.87 -33.75 -6.02
N PHE D 35 5.23 -33.44 -7.26
CA PHE D 35 5.78 -32.13 -7.59
C PHE D 35 4.62 -31.18 -7.76
N SER D 36 4.76 -29.96 -7.23
CA SER D 36 3.70 -28.97 -7.33
C SER D 36 4.10 -27.79 -8.22
N GLN D 37 3.47 -27.71 -9.39
CA GLN D 37 3.77 -26.61 -10.29
C GLN D 37 3.36 -25.30 -9.61
N GLU D 38 2.24 -25.32 -8.90
CA GLU D 38 1.75 -24.13 -8.21
C GLU D 38 2.79 -23.55 -7.24
N LEU D 39 3.41 -24.43 -6.44
CA LEU D 39 4.39 -23.96 -5.50
C LEU D 39 5.58 -23.32 -6.21
N LYS D 40 6.06 -23.98 -7.26
CA LYS D 40 7.19 -23.45 -7.99
C LYS D 40 6.86 -22.10 -8.59
N ASP D 41 5.71 -21.98 -9.24
CA ASP D 41 5.32 -20.71 -9.86
C ASP D 41 5.14 -19.57 -8.85
N SER D 42 4.78 -19.91 -7.61
CA SER D 42 4.57 -18.89 -6.59
C SER D 42 5.88 -18.23 -6.19
N GLY D 43 7.00 -18.90 -6.49
CA GLY D 43 8.29 -18.34 -6.16
C GLY D 43 8.93 -19.03 -4.97
N MET D 44 8.30 -20.10 -4.49
CA MET D 44 8.80 -20.83 -3.34
C MET D 44 10.04 -21.67 -3.66
N ARG D 45 10.75 -22.09 -2.62
CA ARG D 45 11.93 -22.94 -2.79
C ARG D 45 11.49 -24.39 -2.68
N SER D 46 10.43 -24.62 -1.91
CA SER D 46 9.90 -25.97 -1.74
C SER D 46 8.89 -26.20 -2.86
N HIS D 47 9.09 -27.26 -3.63
CA HIS D 47 8.19 -27.53 -4.75
C HIS D 47 7.46 -28.86 -4.64
N VAL D 48 7.34 -29.40 -3.44
CA VAL D 48 6.64 -30.67 -3.25
C VAL D 48 5.50 -30.54 -2.24
N TRP D 49 4.52 -31.43 -2.34
CA TRP D 49 3.41 -31.39 -1.41
C TRP D 49 2.60 -32.68 -1.44
N GLY D 50 1.83 -32.90 -0.38
CA GLY D 50 0.99 -34.08 -0.31
C GLY D 50 -0.40 -33.59 -0.65
N ASN D 51 -0.75 -33.70 -1.92
CA ASN D 51 -2.05 -33.24 -2.39
C ASN D 51 -3.13 -34.30 -2.41
N VAL D 52 -4.38 -33.84 -2.35
CA VAL D 52 -5.54 -34.73 -2.41
C VAL D 52 -5.75 -35.02 -3.89
N LYS D 53 -5.61 -36.29 -4.27
CA LYS D 53 -5.76 -36.70 -5.66
C LYS D 53 -7.25 -36.94 -5.91
N LEU D 54 -8.03 -35.88 -5.97
CA LEU D 54 -9.46 -36.05 -6.16
C LEU D 54 -10.12 -34.79 -6.68
N ASP D 55 -10.99 -34.95 -7.67
CA ASP D 55 -11.70 -33.81 -8.23
C ASP D 55 -13.00 -33.74 -7.44
N THR D 56 -13.12 -32.69 -6.63
CA THR D 56 -14.30 -32.52 -5.79
C THR D 56 -15.50 -31.94 -6.53
N THR D 57 -15.28 -31.47 -7.75
CA THR D 57 -16.38 -30.90 -8.55
C THR D 57 -17.68 -31.72 -8.49
N GLY D 58 -18.79 -31.05 -8.22
CA GLY D 58 -20.08 -31.74 -8.16
C GLY D 58 -20.27 -32.80 -7.09
N LEU D 59 -19.31 -32.97 -6.18
CA LEU D 59 -19.48 -33.97 -5.13
C LEU D 59 -20.33 -33.45 -3.98
N ILE D 60 -20.60 -32.15 -3.99
CA ILE D 60 -21.38 -31.52 -2.94
C ILE D 60 -22.42 -30.60 -3.56
N ASP D 61 -23.63 -30.58 -3.00
CA ASP D 61 -24.67 -29.74 -3.55
C ASP D 61 -24.25 -28.29 -3.67
N ARG D 62 -24.58 -27.66 -4.80
CA ARG D 62 -24.25 -26.27 -5.07
C ARG D 62 -24.69 -25.29 -3.97
N LYS D 63 -25.88 -25.48 -3.43
CA LYS D 63 -26.36 -24.57 -2.37
C LYS D 63 -25.50 -24.70 -1.10
N VAL D 64 -24.90 -25.87 -0.90
CA VAL D 64 -24.07 -26.09 0.28
C VAL D 64 -22.60 -25.73 0.10
N VAL D 65 -22.01 -26.18 -1.00
CA VAL D 65 -20.59 -25.95 -1.28
C VAL D 65 -20.21 -24.48 -1.52
N ARG D 66 -21.19 -23.63 -1.80
CA ARG D 66 -20.90 -22.22 -2.05
C ARG D 66 -20.35 -21.47 -0.84
N PHE D 67 -20.57 -22.02 0.36
CA PHE D 67 -20.08 -21.40 1.59
C PHE D 67 -18.74 -21.98 2.01
N MET D 68 -18.30 -23.02 1.32
CA MET D 68 -17.08 -23.72 1.70
C MET D 68 -15.74 -23.44 1.05
N SER D 69 -14.70 -23.62 1.86
CA SER D 69 -13.31 -23.48 1.44
C SER D 69 -12.89 -24.94 1.34
N ASP D 70 -11.68 -25.22 0.84
CA ASP D 70 -11.26 -26.61 0.70
C ASP D 70 -11.21 -27.40 2.00
N ALA D 71 -10.75 -26.79 3.08
CA ALA D 71 -10.68 -27.52 4.34
C ALA D 71 -12.07 -28.08 4.68
N SER D 72 -13.09 -27.26 4.48
CA SER D 72 -14.47 -27.67 4.76
C SER D 72 -14.93 -28.76 3.80
N ILE D 73 -14.52 -28.65 2.54
CA ILE D 73 -14.90 -29.65 1.55
C ILE D 73 -14.31 -31.01 1.92
N TYR D 74 -13.03 -31.02 2.30
CA TYR D 74 -12.39 -32.26 2.68
C TYR D 74 -13.01 -32.88 3.90
N ALA D 75 -13.27 -32.06 4.91
CA ALA D 75 -13.88 -32.53 6.15
C ALA D 75 -15.29 -33.05 5.87
N PHE D 76 -16.03 -32.32 5.03
CA PHE D 76 -17.39 -32.70 4.68
C PHE D 76 -17.41 -34.07 3.99
N LEU D 77 -16.54 -34.26 3.01
CA LEU D 77 -16.48 -35.54 2.32
C LEU D 77 -16.12 -36.65 3.31
N SER D 78 -15.22 -36.36 4.23
CA SER D 78 -14.80 -37.32 5.24
C SER D 78 -15.93 -37.68 6.19
N MET D 79 -16.82 -36.72 6.44
CA MET D 79 -17.94 -36.97 7.34
C MET D 79 -18.97 -37.88 6.68
N GLU D 80 -19.22 -37.68 5.38
CA GLU D 80 -20.17 -38.53 4.68
C GLU D 80 -19.71 -39.96 4.81
N GLN D 81 -18.40 -40.16 4.59
CA GLN D 81 -17.79 -41.48 4.70
C GLN D 81 -17.95 -42.04 6.10
N ALA D 82 -17.67 -41.21 7.10
CA ALA D 82 -17.77 -41.63 8.50
C ALA D 82 -19.19 -42.00 8.91
N ILE D 83 -20.18 -41.26 8.43
CA ILE D 83 -21.57 -41.52 8.74
C ILE D 83 -21.99 -42.87 8.17
N ALA D 84 -21.63 -43.13 6.92
CA ALA D 84 -21.97 -44.39 6.28
C ALA D 84 -21.23 -45.56 6.96
N ASP D 85 -19.95 -45.36 7.23
CA ASP D 85 -19.13 -46.38 7.88
C ASP D 85 -19.58 -46.69 9.30
N ALA D 86 -20.27 -45.74 9.94
CA ALA D 86 -20.74 -45.94 11.30
C ALA D 86 -22.14 -46.57 11.30
N GLY D 87 -22.71 -46.74 10.12
CA GLY D 87 -24.03 -47.33 10.01
C GLY D 87 -25.12 -46.44 10.55
N LEU D 88 -24.91 -45.13 10.52
CA LEU D 88 -25.89 -44.18 11.04
C LEU D 88 -26.78 -43.66 9.93
N SER D 89 -28.05 -43.44 10.27
CA SER D 89 -28.99 -42.88 9.30
C SER D 89 -29.43 -41.52 9.81
N PRO D 90 -29.86 -40.65 8.89
CA PRO D 90 -30.31 -39.29 9.21
C PRO D 90 -31.12 -39.20 10.50
N GLU D 91 -32.09 -40.12 10.66
CA GLU D 91 -32.92 -40.11 11.85
C GLU D 91 -32.11 -40.22 13.15
N ALA D 92 -30.91 -40.81 13.06
CA ALA D 92 -30.06 -41.00 14.23
C ALA D 92 -29.14 -39.83 14.62
N TYR D 93 -28.76 -38.99 13.67
CA TYR D 93 -27.87 -37.90 14.01
C TYR D 93 -28.40 -36.50 13.68
N GLN D 94 -29.47 -36.43 12.88
CA GLN D 94 -30.03 -35.12 12.54
C GLN D 94 -31.04 -34.59 13.58
N ASN D 95 -30.98 -33.29 13.82
CA ASN D 95 -31.86 -32.61 14.76
C ASN D 95 -31.89 -33.32 16.10
N ASN D 96 -30.72 -33.80 16.52
CA ASN D 96 -30.60 -34.51 17.78
C ASN D 96 -29.68 -33.75 18.72
N PRO D 97 -30.23 -33.23 19.83
CA PRO D 97 -29.47 -32.45 20.83
C PRO D 97 -28.28 -33.21 21.42
N ARG D 98 -28.33 -34.53 21.41
CA ARG D 98 -27.27 -35.37 21.97
C ARG D 98 -26.15 -35.66 20.98
N VAL D 99 -26.24 -35.11 19.78
CA VAL D 99 -25.23 -35.34 18.74
C VAL D 99 -24.55 -34.03 18.33
N GLY D 100 -23.23 -33.98 18.42
CA GLY D 100 -22.54 -32.77 18.05
C GLY D 100 -21.38 -32.92 17.08
N LEU D 101 -20.68 -31.82 16.86
CA LEU D 101 -19.55 -31.82 15.94
C LEU D 101 -18.45 -30.86 16.40
N ILE D 102 -17.23 -31.38 16.49
CA ILE D 102 -16.07 -30.59 16.90
C ILE D 102 -14.98 -30.88 15.88
N ALA D 103 -14.80 -29.96 14.94
CA ALA D 103 -13.80 -30.12 13.88
C ALA D 103 -13.19 -28.77 13.56
N GLY D 104 -11.93 -28.77 13.15
CA GLY D 104 -11.30 -27.51 12.85
C GLY D 104 -10.15 -27.62 11.86
N SER D 105 -9.49 -26.49 11.63
CA SER D 105 -8.35 -26.42 10.73
C SER D 105 -7.28 -25.59 11.41
N GLY D 106 -6.07 -25.64 10.88
CA GLY D 106 -4.98 -24.88 11.47
C GLY D 106 -4.91 -23.45 10.98
N GLY D 107 -5.25 -23.22 9.71
CA GLY D 107 -5.16 -21.87 9.18
C GLY D 107 -6.43 -21.27 8.62
N GLY D 108 -7.55 -21.97 8.72
CA GLY D 108 -8.80 -21.46 8.19
C GLY D 108 -8.73 -21.53 6.67
N SER D 109 -8.65 -20.37 6.02
CA SER D 109 -8.54 -20.33 4.59
C SER D 109 -7.74 -19.15 4.09
N PRO D 110 -6.41 -19.27 4.12
CA PRO D 110 -5.57 -18.17 3.64
C PRO D 110 -5.95 -17.83 2.20
N ARG D 111 -6.27 -18.85 1.41
CA ARG D 111 -6.64 -18.61 0.02
C ARG D 111 -7.79 -17.64 -0.18
N PHE D 112 -8.89 -17.82 0.57
CA PHE D 112 -10.01 -16.93 0.41
C PHE D 112 -9.88 -15.62 1.19
N GLN D 113 -9.00 -15.59 2.19
CA GLN D 113 -8.79 -14.36 2.91
C GLN D 113 -8.09 -13.44 1.92
N VAL D 114 -7.17 -14.02 1.15
CA VAL D 114 -6.42 -13.26 0.15
C VAL D 114 -7.34 -12.91 -1.02
N PHE D 115 -8.18 -13.85 -1.43
CA PHE D 115 -9.11 -13.60 -2.55
C PHE D 115 -9.98 -12.38 -2.28
N GLY D 116 -10.48 -12.26 -1.06
CA GLY D 116 -11.31 -11.12 -0.70
C GLY D 116 -10.53 -9.82 -0.80
N ALA D 117 -9.32 -9.81 -0.27
CA ALA D 117 -8.47 -8.63 -0.29
C ALA D 117 -8.17 -8.21 -1.73
N ASP D 118 -7.78 -9.17 -2.55
CA ASP D 118 -7.47 -8.91 -3.94
C ASP D 118 -8.72 -8.38 -4.65
N ALA D 119 -9.84 -9.09 -4.49
CA ALA D 119 -11.09 -8.68 -5.11
C ALA D 119 -11.43 -7.24 -4.72
N MET D 120 -11.45 -6.97 -3.41
CA MET D 120 -11.77 -5.65 -2.88
C MET D 120 -10.94 -4.51 -3.48
N ARG D 121 -9.64 -4.77 -3.66
CA ARG D 121 -8.73 -3.77 -4.22
C ARG D 121 -8.85 -3.63 -5.72
N GLY D 122 -9.75 -4.41 -6.32
CA GLY D 122 -9.95 -4.34 -7.75
C GLY D 122 -11.01 -3.30 -8.07
N PRO D 123 -11.22 -2.95 -9.34
CA PRO D 123 -12.24 -1.94 -9.59
C PRO D 123 -13.69 -2.33 -9.26
N ARG D 124 -13.97 -3.62 -9.15
CA ARG D 124 -15.33 -4.10 -8.82
C ARG D 124 -15.66 -3.96 -7.33
N GLY D 125 -14.64 -3.87 -6.50
CA GLY D 125 -14.86 -3.71 -5.07
C GLY D 125 -15.67 -4.81 -4.41
N LEU D 126 -16.64 -4.39 -3.60
CA LEU D 126 -17.51 -5.32 -2.87
C LEU D 126 -18.21 -6.34 -3.77
N LYS D 127 -18.53 -5.94 -5.00
CA LYS D 127 -19.22 -6.85 -5.90
C LYS D 127 -18.39 -8.06 -6.28
N ALA D 128 -17.08 -7.87 -6.38
CA ALA D 128 -16.17 -8.95 -6.74
C ALA D 128 -15.93 -9.87 -5.56
N VAL D 129 -16.00 -9.31 -4.35
CA VAL D 129 -15.79 -10.08 -3.13
C VAL D 129 -16.88 -11.13 -3.00
N GLY D 130 -18.14 -10.70 -3.13
CA GLY D 130 -19.24 -11.63 -3.01
C GLY D 130 -19.68 -11.82 -1.58
N PRO D 131 -20.85 -12.44 -1.35
CA PRO D 131 -21.38 -12.66 0.00
C PRO D 131 -20.96 -13.97 0.69
N TYR D 132 -20.10 -14.76 0.07
CA TYR D 132 -19.71 -16.04 0.66
C TYR D 132 -18.30 -16.17 1.22
N VAL D 133 -17.55 -15.07 1.25
CA VAL D 133 -16.18 -15.15 1.74
C VAL D 133 -16.04 -15.37 3.26
N VAL D 134 -16.92 -14.76 4.06
CA VAL D 134 -16.84 -14.90 5.50
C VAL D 134 -16.82 -16.34 5.98
N THR D 135 -17.82 -17.12 5.57
CA THR D 135 -17.91 -18.53 5.99
C THR D 135 -16.74 -19.36 5.45
N LYS D 136 -16.12 -18.88 4.39
CA LYS D 136 -14.99 -19.59 3.82
C LYS D 136 -13.69 -19.24 4.54
N ALA D 137 -13.59 -17.98 4.95
CA ALA D 137 -12.37 -17.50 5.60
C ALA D 137 -12.32 -17.57 7.11
N MET D 138 -13.46 -17.58 7.79
CA MET D 138 -13.42 -17.64 9.25
C MET D 138 -12.77 -18.91 9.76
N ALA D 139 -12.10 -18.80 10.91
CA ALA D 139 -11.40 -19.94 11.50
C ALA D 139 -12.32 -21.11 11.85
N SER D 140 -13.59 -20.84 12.10
CA SER D 140 -14.53 -21.90 12.46
C SER D 140 -15.27 -22.47 11.24
N GLY D 141 -14.77 -22.17 10.05
CA GLY D 141 -15.40 -22.65 8.84
C GLY D 141 -15.66 -24.14 8.78
N VAL D 142 -14.66 -24.94 9.17
CA VAL D 142 -14.81 -26.39 9.14
C VAL D 142 -15.99 -26.91 9.95
N SER D 143 -16.25 -26.31 11.11
CA SER D 143 -17.37 -26.77 11.91
C SER D 143 -18.68 -26.13 11.51
N ALA D 144 -18.63 -24.86 11.10
CA ALA D 144 -19.84 -24.15 10.70
C ALA D 144 -20.45 -24.74 9.44
N CYS D 145 -19.60 -25.02 8.45
CA CYS D 145 -20.05 -25.57 7.17
C CYS D 145 -20.47 -27.03 7.18
N LEU D 146 -20.17 -27.74 8.27
CA LEU D 146 -20.57 -29.13 8.37
C LEU D 146 -21.82 -29.27 9.22
N ALA D 147 -21.80 -28.64 10.40
CA ALA D 147 -22.92 -28.70 11.33
C ALA D 147 -24.25 -28.19 10.78
N THR D 148 -24.21 -27.21 9.88
CA THR D 148 -25.43 -26.66 9.31
C THR D 148 -26.11 -27.61 8.31
N PRO D 149 -25.38 -28.10 7.29
CA PRO D 149 -26.06 -28.99 6.35
C PRO D 149 -26.38 -30.38 6.93
N PHE D 150 -25.62 -30.83 7.91
CA PHE D 150 -25.91 -32.13 8.50
C PHE D 150 -26.93 -32.09 9.63
N LYS D 151 -27.54 -30.92 9.84
CA LYS D 151 -28.56 -30.75 10.87
C LYS D 151 -28.10 -31.08 12.30
N ILE D 152 -26.90 -30.66 12.67
CA ILE D 152 -26.39 -30.92 14.01
C ILE D 152 -27.03 -29.98 15.03
N HIS D 153 -27.49 -30.54 16.15
CA HIS D 153 -28.12 -29.74 17.20
C HIS D 153 -27.34 -29.71 18.53
N GLY D 154 -26.34 -30.56 18.67
CA GLY D 154 -25.53 -30.59 19.88
C GLY D 154 -24.44 -29.54 19.87
N VAL D 155 -23.29 -29.83 20.48
CA VAL D 155 -22.20 -28.87 20.49
C VAL D 155 -21.75 -28.62 19.05
N ASN D 156 -21.20 -27.43 18.82
CA ASN D 156 -20.73 -27.09 17.49
C ASN D 156 -19.72 -25.97 17.53
N TYR D 157 -18.45 -26.34 17.43
CA TYR D 157 -17.36 -25.37 17.39
C TYR D 157 -16.07 -26.00 16.88
N SER D 158 -15.08 -25.17 16.61
CA SER D 158 -13.79 -25.64 16.12
C SER D 158 -12.72 -25.43 17.16
N ILE D 159 -11.77 -26.35 17.22
CA ILE D 159 -10.66 -26.20 18.11
C ILE D 159 -9.48 -26.08 17.16
N SER D 160 -8.62 -25.11 17.43
CA SER D 160 -7.46 -24.90 16.58
C SER D 160 -6.23 -24.85 17.45
N SER D 161 -5.23 -25.64 17.09
CA SER D 161 -3.99 -25.70 17.85
C SER D 161 -2.85 -26.15 16.96
N ALA D 162 -2.72 -25.49 15.83
CA ALA D 162 -1.66 -25.79 14.87
C ALA D 162 -1.69 -27.28 14.48
N SER D 163 -0.54 -27.95 14.53
CA SER D 163 -0.46 -29.35 14.14
C SER D 163 -1.23 -30.29 15.08
N ALA D 164 -1.71 -29.78 16.21
CA ALA D 164 -2.44 -30.61 17.15
C ALA D 164 -3.96 -30.44 17.05
N THR D 165 -4.38 -29.53 16.19
CA THR D 165 -5.80 -29.23 15.98
C THR D 165 -6.81 -30.38 16.05
N SER D 166 -6.78 -31.26 15.05
CA SER D 166 -7.72 -32.37 15.02
C SER D 166 -7.52 -33.44 16.10
N ALA D 167 -6.41 -33.38 16.81
CA ALA D 167 -6.17 -34.32 17.89
C ALA D 167 -6.94 -33.80 19.11
N HIS D 168 -6.87 -32.49 19.34
CA HIS D 168 -7.61 -31.90 20.45
C HIS D 168 -9.11 -31.96 20.19
N CYS D 169 -9.52 -31.87 18.93
CA CYS D 169 -10.94 -31.96 18.60
C CYS D 169 -11.48 -33.31 19.07
N ILE D 170 -10.74 -34.38 18.77
CA ILE D 170 -11.13 -35.72 19.18
C ILE D 170 -11.13 -35.84 20.71
N GLY D 171 -10.07 -35.32 21.35
CA GLY D 171 -9.97 -35.39 22.79
C GLY D 171 -11.07 -34.62 23.49
N ASN D 172 -11.50 -33.53 22.88
CA ASN D 172 -12.55 -32.70 23.45
C ASN D 172 -13.89 -33.39 23.27
N ALA D 173 -14.01 -34.16 22.19
CA ALA D 173 -15.23 -34.90 21.91
C ALA D 173 -15.36 -35.97 22.99
N VAL D 174 -14.25 -36.60 23.34
CA VAL D 174 -14.25 -37.63 24.37
C VAL D 174 -14.77 -37.04 25.68
N GLU D 175 -14.26 -35.86 26.02
CA GLU D 175 -14.66 -35.19 27.24
C GLU D 175 -16.14 -34.86 27.25
N GLN D 176 -16.67 -34.42 26.12
CA GLN D 176 -18.09 -34.10 26.02
C GLN D 176 -18.95 -35.33 26.33
N ILE D 177 -18.46 -36.50 25.94
CA ILE D 177 -19.16 -37.75 26.17
C ILE D 177 -18.98 -38.18 27.63
N GLN D 178 -17.75 -38.06 28.13
CA GLN D 178 -17.48 -38.42 29.51
C GLN D 178 -18.31 -37.54 30.43
N LEU D 179 -18.57 -36.30 30.02
CA LEU D 179 -19.36 -35.38 30.83
C LEU D 179 -20.84 -35.72 30.74
N GLY D 180 -21.19 -36.65 29.85
CA GLY D 180 -22.58 -37.03 29.69
C GLY D 180 -23.40 -36.01 28.92
N LYS D 181 -22.73 -35.09 28.23
CA LYS D 181 -23.43 -34.07 27.48
C LYS D 181 -23.85 -34.51 26.08
N GLN D 182 -23.11 -35.45 25.51
CA GLN D 182 -23.40 -35.95 24.16
C GLN D 182 -23.24 -37.47 24.08
N ASP D 183 -23.91 -38.09 23.12
CA ASP D 183 -23.79 -39.53 22.93
C ASP D 183 -22.86 -39.78 21.74
N ILE D 184 -22.96 -38.91 20.75
CA ILE D 184 -22.12 -39.00 19.56
C ILE D 184 -21.58 -37.63 19.25
N VAL D 185 -20.33 -37.57 18.80
CA VAL D 185 -19.71 -36.33 18.40
C VAL D 185 -18.82 -36.60 17.21
N PHE D 186 -19.05 -35.90 16.11
CA PHE D 186 -18.22 -36.07 14.95
C PHE D 186 -17.01 -35.20 15.20
N ALA D 187 -15.82 -35.82 15.16
CA ALA D 187 -14.59 -35.09 15.40
C ALA D 187 -13.58 -35.30 14.26
N GLY D 188 -12.89 -34.22 13.92
CA GLY D 188 -11.91 -34.30 12.86
C GLY D 188 -11.44 -32.93 12.46
N GLY D 189 -11.14 -32.75 11.18
CA GLY D 189 -10.70 -31.46 10.70
C GLY D 189 -10.28 -31.54 9.25
N GLY D 190 -9.77 -30.44 8.73
CA GLY D 190 -9.34 -30.40 7.34
C GLY D 190 -8.38 -29.24 7.18
N GLU D 191 -7.64 -29.23 6.09
CA GLU D 191 -6.70 -28.16 5.81
C GLU D 191 -6.55 -28.03 4.30
N GLU D 192 -6.71 -26.81 3.79
CA GLU D 192 -6.56 -26.59 2.36
C GLU D 192 -5.07 -26.63 2.08
N LEU D 193 -4.74 -26.77 0.79
CA LEU D 193 -3.35 -26.83 0.34
C LEU D 193 -3.21 -25.72 -0.71
N CYS D 194 -2.37 -24.74 -0.42
CA CYS D 194 -2.20 -23.60 -1.32
C CYS D 194 -0.89 -22.87 -1.06
N TRP D 195 -0.41 -22.14 -2.07
CA TRP D 195 0.83 -21.39 -1.93
C TRP D 195 0.66 -20.21 -0.96
N GLU D 196 -0.56 -19.66 -0.90
CA GLU D 196 -0.81 -18.52 -0.02
C GLU D 196 -0.38 -18.83 1.42
N MET D 197 -0.56 -20.08 1.81
CA MET D 197 -0.20 -20.52 3.15
C MET D 197 1.19 -21.16 3.17
N ALA D 198 1.49 -21.96 2.17
CA ALA D 198 2.78 -22.64 2.10
C ALA D 198 3.97 -21.67 2.13
N CYS D 199 3.87 -20.58 1.37
CA CYS D 199 4.97 -19.62 1.31
C CYS D 199 5.37 -19.12 2.70
N GLU D 200 4.41 -19.11 3.62
CA GLU D 200 4.65 -18.66 4.99
C GLU D 200 5.56 -19.59 5.78
N PHE D 201 5.46 -20.89 5.52
CA PHE D 201 6.31 -21.86 6.20
C PHE D 201 7.68 -21.88 5.52
N ASP D 202 7.67 -21.74 4.21
CA ASP D 202 8.89 -21.71 3.43
C ASP D 202 9.68 -20.47 3.89
N ALA D 203 8.98 -19.37 4.07
CA ALA D 203 9.60 -18.11 4.50
C ALA D 203 10.34 -18.23 5.83
N MET D 204 10.02 -19.25 6.61
CA MET D 204 10.70 -19.43 7.90
C MET D 204 11.61 -20.66 7.80
N GLY D 205 11.85 -21.09 6.57
CA GLY D 205 12.71 -22.23 6.30
C GLY D 205 12.29 -23.52 6.98
N ALA D 206 10.99 -23.80 7.00
CA ALA D 206 10.49 -25.01 7.67
C ALA D 206 10.17 -26.16 6.70
N LEU D 207 10.12 -25.85 5.42
CA LEU D 207 9.78 -26.86 4.42
C LEU D 207 11.01 -27.44 3.72
N SER D 208 10.87 -28.68 3.24
CA SER D 208 11.95 -29.36 2.53
C SER D 208 12.17 -28.61 1.22
N THR D 209 13.43 -28.50 0.81
CA THR D 209 13.77 -27.78 -0.41
C THR D 209 14.89 -28.45 -1.21
N LYS D 210 15.55 -29.43 -0.61
CA LYS D 210 16.65 -30.12 -1.29
C LYS D 210 16.27 -31.34 -2.10
N TYR D 211 14.98 -31.63 -2.21
CA TYR D 211 14.57 -32.83 -2.94
C TYR D 211 13.47 -32.60 -3.95
N ASN D 212 13.35 -31.38 -4.46
CA ASN D 212 12.30 -31.09 -5.43
C ASN D 212 12.33 -32.01 -6.64
N ASP D 213 13.45 -32.71 -6.85
CA ASP D 213 13.61 -33.60 -7.99
C ASP D 213 13.19 -35.04 -7.73
N THR D 214 12.95 -35.37 -6.48
CA THR D 214 12.51 -36.71 -6.10
C THR D 214 11.49 -36.55 -5.00
N PRO D 215 10.33 -36.00 -5.36
CA PRO D 215 9.21 -35.73 -4.45
C PRO D 215 9.00 -36.82 -3.40
N GLU D 216 8.95 -38.06 -3.85
CA GLU D 216 8.69 -39.17 -2.95
C GLU D 216 9.76 -39.45 -1.90
N LYS D 217 10.80 -38.63 -1.86
CA LYS D 217 11.86 -38.86 -0.89
C LYS D 217 12.13 -37.61 -0.06
N ALA D 218 11.39 -36.55 -0.35
CA ALA D 218 11.53 -35.28 0.35
C ALA D 218 11.18 -35.46 1.82
N SER D 219 10.03 -36.05 2.10
CA SER D 219 9.58 -36.29 3.48
C SER D 219 10.32 -37.55 3.94
N ARG D 220 11.22 -37.40 4.91
CA ARG D 220 12.03 -38.53 5.36
C ARG D 220 12.36 -38.52 6.85
N THR D 221 11.32 -38.60 7.67
CA THR D 221 11.45 -38.59 9.13
C THR D 221 12.55 -39.49 9.69
N TYR D 222 13.30 -38.97 10.66
CA TYR D 222 14.38 -39.70 11.31
C TYR D 222 15.63 -39.93 10.46
N ASP D 223 15.58 -39.63 9.16
CA ASP D 223 16.75 -39.79 8.31
C ASP D 223 17.74 -38.67 8.64
N ALA D 224 19.02 -39.02 8.79
CA ALA D 224 20.04 -38.03 9.11
C ALA D 224 20.06 -36.85 8.14
N HIS D 225 19.51 -37.03 6.94
CA HIS D 225 19.49 -35.94 5.97
C HIS D 225 18.15 -35.26 5.68
N ARG D 226 17.25 -35.28 6.66
CA ARG D 226 15.95 -34.63 6.52
C ARG D 226 16.22 -33.13 6.53
N ASP D 227 15.44 -32.34 5.80
CA ASP D 227 15.65 -30.89 5.76
C ASP D 227 14.35 -30.10 5.87
N GLY D 228 13.43 -30.54 6.71
CA GLY D 228 12.17 -29.84 6.85
C GLY D 228 10.99 -30.70 6.40
N PHE D 229 9.77 -30.27 6.72
CA PHE D 229 8.59 -31.05 6.34
C PHE D 229 8.01 -30.70 4.98
N VAL D 230 7.12 -31.57 4.52
CA VAL D 230 6.43 -31.41 3.25
C VAL D 230 4.98 -31.10 3.61
N ILE D 231 4.51 -29.91 3.25
CA ILE D 231 3.14 -29.53 3.58
C ILE D 231 2.09 -30.33 2.80
N ALA D 232 0.99 -30.66 3.46
CA ALA D 232 -0.07 -31.44 2.84
C ALA D 232 -1.43 -30.98 3.28
N GLY D 233 -2.46 -31.45 2.58
CA GLY D 233 -3.82 -31.08 2.91
C GLY D 233 -4.75 -32.28 2.93
N GLY D 234 -6.03 -32.03 3.16
CA GLY D 234 -6.99 -33.11 3.21
C GLY D 234 -7.83 -33.00 4.46
N GLY D 235 -8.62 -34.03 4.74
CA GLY D 235 -9.45 -33.98 5.93
C GLY D 235 -9.61 -35.35 6.54
N GLY D 236 -10.34 -35.40 7.64
CA GLY D 236 -10.56 -36.67 8.32
C GLY D 236 -11.64 -36.47 9.35
N MET D 237 -12.40 -37.53 9.62
CA MET D 237 -13.45 -37.42 10.59
C MET D 237 -13.66 -38.79 11.22
N VAL D 238 -13.97 -38.80 12.50
CA VAL D 238 -14.24 -40.05 13.20
C VAL D 238 -15.48 -39.86 14.03
N VAL D 239 -16.26 -40.93 14.18
CA VAL D 239 -17.47 -40.87 14.98
C VAL D 239 -17.08 -41.34 16.37
N VAL D 240 -17.09 -40.42 17.32
CA VAL D 240 -16.75 -40.71 18.71
C VAL D 240 -18.10 -40.96 19.36
N GLU D 241 -18.25 -42.12 19.97
CA GLU D 241 -19.53 -42.50 20.56
C GLU D 241 -19.43 -43.10 21.95
N GLU D 242 -20.44 -42.83 22.78
CA GLU D 242 -20.46 -43.40 24.13
C GLU D 242 -20.53 -44.93 24.00
N LEU D 243 -19.96 -45.68 24.95
CA LEU D 243 -19.95 -47.15 24.86
C LEU D 243 -21.26 -47.91 24.84
N GLU D 244 -22.14 -47.67 25.81
CA GLU D 244 -23.41 -48.39 25.82
C GLU D 244 -24.21 -48.06 24.57
N HIS D 245 -24.19 -46.79 24.17
CA HIS D 245 -24.93 -46.35 22.99
C HIS D 245 -24.47 -47.10 21.75
N ALA D 246 -23.18 -47.38 21.64
CA ALA D 246 -22.63 -48.10 20.49
C ALA D 246 -23.01 -49.57 20.53
N LEU D 247 -22.89 -50.19 21.70
CA LEU D 247 -23.23 -51.61 21.84
C LEU D 247 -24.73 -51.83 21.60
N ALA D 248 -25.55 -50.91 22.10
CA ALA D 248 -26.98 -51.03 21.94
C ALA D 248 -27.46 -51.04 20.48
N ARG D 249 -26.77 -50.32 19.60
CA ARG D 249 -27.18 -50.30 18.19
C ARG D 249 -26.38 -51.24 17.31
N GLY D 250 -25.59 -52.12 17.92
CA GLY D 250 -24.79 -53.06 17.16
C GLY D 250 -23.76 -52.41 16.23
N ALA D 251 -23.17 -51.30 16.67
CA ALA D 251 -22.20 -50.62 15.85
C ALA D 251 -20.90 -51.42 15.80
N HIS D 252 -20.10 -51.16 14.76
CA HIS D 252 -18.82 -51.80 14.62
C HIS D 252 -17.88 -50.89 15.41
N ILE D 253 -17.16 -51.46 16.36
CA ILE D 253 -16.23 -50.70 17.17
C ILE D 253 -14.77 -50.95 16.80
N TYR D 254 -14.09 -49.88 16.37
CA TYR D 254 -12.69 -49.96 15.99
C TYR D 254 -11.82 -50.03 17.24
N ALA D 255 -12.15 -49.19 18.22
CA ALA D 255 -11.38 -49.16 19.45
C ALA D 255 -11.98 -48.22 20.46
N GLU D 256 -11.50 -48.34 21.68
CA GLU D 256 -11.93 -47.51 22.77
C GLU D 256 -10.83 -46.48 22.96
N ILE D 257 -11.20 -45.26 23.30
CA ILE D 257 -10.19 -44.24 23.55
C ILE D 257 -9.98 -44.33 25.04
N VAL D 258 -8.82 -44.84 25.45
CA VAL D 258 -8.53 -45.02 26.86
C VAL D 258 -7.61 -43.94 27.44
N GLY D 259 -7.07 -43.08 26.60
CA GLY D 259 -6.19 -42.04 27.09
C GLY D 259 -6.13 -40.81 26.21
N TYR D 260 -6.13 -39.64 26.84
CA TYR D 260 -6.06 -38.38 26.12
C TYR D 260 -5.26 -37.36 26.92
N GLY D 261 -4.12 -36.95 26.38
CA GLY D 261 -3.30 -35.98 27.05
C GLY D 261 -3.27 -34.67 26.27
N ALA D 262 -3.24 -33.57 27.00
CA ALA D 262 -3.17 -32.25 26.41
C ALA D 262 -2.31 -31.38 27.32
N THR D 263 -1.15 -30.97 26.84
CA THR D 263 -0.24 -30.16 27.66
C THR D 263 0.33 -28.99 26.87
N SER D 264 1.13 -28.17 27.54
CA SER D 264 1.75 -27.00 26.94
C SER D 264 3.23 -26.93 27.34
N ASP D 265 4.09 -26.51 26.42
CA ASP D 265 5.52 -26.41 26.72
C ASP D 265 5.85 -25.13 27.51
N GLY D 266 5.21 -24.03 27.15
CA GLY D 266 5.49 -22.78 27.83
C GLY D 266 6.98 -22.45 27.67
N ALA D 267 7.51 -22.77 26.50
CA ALA D 267 8.92 -22.55 26.22
C ALA D 267 9.17 -21.82 24.91
N ASP D 268 9.27 -22.55 23.80
CA ASP D 268 9.53 -21.96 22.51
C ASP D 268 8.30 -21.85 21.61
N MET D 269 8.28 -20.81 20.80
CA MET D 269 7.17 -20.53 19.92
C MET D 269 7.07 -21.51 18.75
N VAL D 270 8.23 -21.91 18.22
CA VAL D 270 8.27 -22.78 17.06
C VAL D 270 8.86 -24.19 17.29
N ALA D 271 9.72 -24.33 18.28
CA ALA D 271 10.35 -25.62 18.54
C ALA D 271 9.84 -26.30 19.80
N PRO D 272 9.61 -27.61 19.74
CA PRO D 272 9.12 -28.31 20.92
C PRO D 272 10.22 -28.30 21.99
N SER D 273 9.82 -28.39 23.25
CA SER D 273 10.79 -28.38 24.35
C SER D 273 11.14 -29.80 24.74
N GLY D 274 10.28 -30.73 24.37
CA GLY D 274 10.50 -32.12 24.69
C GLY D 274 9.81 -32.43 26.01
N GLU D 275 10.06 -31.59 27.00
CA GLU D 275 9.50 -31.74 28.34
C GLU D 275 7.97 -31.80 28.30
N GLY D 276 7.35 -30.94 27.51
CA GLY D 276 5.91 -30.93 27.40
C GLY D 276 5.38 -32.21 26.79
N ALA D 277 6.11 -32.77 25.83
CA ALA D 277 5.72 -34.02 25.17
C ALA D 277 5.73 -35.15 26.19
N VAL D 278 6.76 -35.15 27.04
CA VAL D 278 6.89 -36.16 28.07
C VAL D 278 5.65 -36.17 28.94
N ARG D 279 5.33 -35.02 29.51
CA ARG D 279 4.14 -34.92 30.36
C ARG D 279 2.87 -35.30 29.62
N CYS D 280 2.80 -34.98 28.33
CA CYS D 280 1.62 -35.29 27.55
C CYS D 280 1.40 -36.79 27.39
N MET D 281 2.44 -37.51 26.99
CA MET D 281 2.35 -38.95 26.81
C MET D 281 2.06 -39.66 28.14
N LYS D 282 2.73 -39.24 29.20
CA LYS D 282 2.49 -39.86 30.51
C LYS D 282 1.05 -39.66 30.96
N MET D 283 0.49 -38.49 30.66
CA MET D 283 -0.90 -38.19 31.03
C MET D 283 -1.86 -39.10 30.27
N ALA D 284 -1.61 -39.29 28.97
CA ALA D 284 -2.47 -40.14 28.16
C ALA D 284 -2.40 -41.59 28.62
N MET D 285 -1.24 -41.99 29.14
CA MET D 285 -1.03 -43.37 29.61
C MET D 285 -1.55 -43.67 31.00
N HIS D 286 -1.77 -42.64 31.80
CA HIS D 286 -2.27 -42.86 33.15
C HIS D 286 -3.56 -43.68 33.14
N GLY D 287 -3.54 -44.84 33.80
CA GLY D 287 -4.73 -45.67 33.86
C GLY D 287 -4.78 -46.78 32.80
N VAL D 288 -3.88 -46.71 31.83
CA VAL D 288 -3.83 -47.73 30.79
C VAL D 288 -2.92 -48.84 31.32
N ASP D 289 -3.52 -49.98 31.64
CA ASP D 289 -2.78 -51.12 32.21
C ASP D 289 -2.02 -51.98 31.20
N THR D 290 -2.41 -51.91 29.93
CA THR D 290 -1.71 -52.69 28.90
C THR D 290 -0.58 -51.83 28.35
N PRO D 291 0.46 -52.46 27.78
CA PRO D 291 1.58 -51.69 27.23
C PRO D 291 1.25 -51.11 25.86
N ILE D 292 2.03 -50.14 25.42
CA ILE D 292 1.80 -49.52 24.11
C ILE D 292 2.52 -50.38 23.07
N ASP D 293 1.77 -50.93 22.14
CA ASP D 293 2.35 -51.78 21.10
C ASP D 293 2.90 -50.96 19.95
N TYR D 294 2.20 -49.91 19.56
CA TYR D 294 2.64 -49.08 18.46
C TYR D 294 2.46 -47.61 18.75
N LEU D 295 3.39 -46.79 18.25
CA LEU D 295 3.33 -45.36 18.45
C LEU D 295 3.49 -44.63 17.12
N ASN D 296 2.41 -43.98 16.66
CA ASN D 296 2.46 -43.24 15.42
C ASN D 296 2.95 -41.85 15.86
N SER D 297 4.24 -41.61 15.68
CA SER D 297 4.82 -40.35 16.09
C SER D 297 4.39 -39.15 15.28
N HIS D 298 4.69 -37.98 15.81
CA HIS D 298 4.39 -36.72 15.15
C HIS D 298 5.35 -36.63 13.99
N GLY D 299 6.63 -36.89 14.28
CA GLY D 299 7.71 -36.87 13.29
C GLY D 299 7.47 -36.20 11.95
N THR D 300 7.67 -34.90 11.92
CA THR D 300 7.44 -34.13 10.70
C THR D 300 8.61 -34.12 9.72
N SER D 301 9.73 -34.68 10.13
CA SER D 301 10.92 -34.74 9.27
C SER D 301 11.68 -33.42 9.29
N THR D 302 11.79 -32.84 10.48
CA THR D 302 12.55 -31.61 10.65
C THR D 302 13.73 -31.98 11.53
N PRO D 303 14.86 -31.27 11.37
CA PRO D 303 16.08 -31.53 12.15
C PRO D 303 15.85 -31.55 13.66
N VAL D 304 15.31 -30.45 14.18
CA VAL D 304 15.07 -30.31 15.60
C VAL D 304 13.89 -31.13 16.12
N GLY D 305 12.74 -30.97 15.47
CA GLY D 305 11.54 -31.67 15.88
C GLY D 305 11.68 -33.17 16.04
N ASP D 306 12.16 -33.85 15.01
CA ASP D 306 12.32 -35.30 15.06
C ASP D 306 13.10 -35.79 16.27
N VAL D 307 14.21 -35.14 16.61
CA VAL D 307 15.00 -35.57 17.77
C VAL D 307 14.37 -35.24 19.11
N LYS D 308 13.74 -34.07 19.24
CA LYS D 308 13.10 -33.70 20.51
C LYS D 308 12.11 -34.77 20.90
N GLU D 309 11.31 -35.22 19.94
CA GLU D 309 10.31 -36.23 20.21
C GLU D 309 10.95 -37.57 20.56
N LEU D 310 12.02 -37.91 19.85
CA LEU D 310 12.73 -39.17 20.11
C LEU D 310 13.25 -39.16 21.55
N ALA D 311 13.79 -38.03 21.98
CA ALA D 311 14.29 -37.92 23.35
C ALA D 311 13.14 -38.08 24.34
N ALA D 312 12.02 -37.45 24.03
CA ALA D 312 10.84 -37.53 24.90
C ALA D 312 10.36 -38.98 24.99
N ILE D 313 10.33 -39.67 23.86
CA ILE D 313 9.87 -41.06 23.83
C ILE D 313 10.78 -41.94 24.68
N ARG D 314 12.08 -41.67 24.58
CA ARG D 314 13.09 -42.43 25.30
C ARG D 314 12.94 -42.24 26.80
N GLU D 315 12.61 -41.02 27.17
CA GLU D 315 12.44 -40.69 28.57
C GLU D 315 11.20 -41.33 29.18
N VAL D 316 10.15 -41.47 28.40
CA VAL D 316 8.92 -42.06 28.90
C VAL D 316 8.97 -43.59 28.93
N PHE D 317 9.44 -44.19 27.84
CA PHE D 317 9.50 -45.65 27.73
C PHE D 317 10.78 -46.37 28.15
N GLY D 318 11.80 -45.62 28.57
CA GLY D 318 13.04 -46.27 28.97
C GLY D 318 13.51 -47.30 27.95
N ASP D 319 13.72 -48.53 28.42
CA ASP D 319 14.19 -49.66 27.59
C ASP D 319 13.08 -50.35 26.80
N LYS D 320 11.87 -50.28 27.32
CA LYS D 320 10.73 -50.93 26.68
C LYS D 320 10.10 -50.06 25.58
N SER D 321 10.91 -49.64 24.61
CA SER D 321 10.38 -48.82 23.53
C SER D 321 9.29 -49.55 22.75
N PRO D 322 8.22 -48.84 22.36
CA PRO D 322 7.18 -49.53 21.58
C PRO D 322 7.59 -49.42 20.11
N ALA D 323 6.86 -50.09 19.23
CA ALA D 323 7.18 -50.03 17.80
C ALA D 323 6.87 -48.61 17.34
N ILE D 324 7.74 -48.04 16.50
CA ILE D 324 7.55 -46.67 16.05
C ILE D 324 7.67 -46.46 14.55
N SER D 325 6.84 -45.58 14.00
CA SER D 325 6.88 -45.27 12.59
C SER D 325 6.18 -43.94 12.35
N ALA D 326 6.80 -43.08 11.53
CA ALA D 326 6.23 -41.78 11.22
C ALA D 326 5.58 -41.88 9.85
N THR D 327 4.26 -41.87 9.81
CA THR D 327 3.56 -41.96 8.54
C THR D 327 3.67 -40.70 7.70
N LYS D 328 4.11 -39.59 8.30
CA LYS D 328 4.25 -38.35 7.55
C LYS D 328 5.31 -38.53 6.46
N ALA D 329 6.16 -39.53 6.65
CA ALA D 329 7.21 -39.82 5.69
C ALA D 329 6.54 -40.21 4.37
N MET D 330 5.33 -40.75 4.47
CA MET D 330 4.56 -41.16 3.29
C MET D 330 3.57 -40.09 2.87
N THR D 331 2.86 -39.52 3.85
CA THR D 331 1.81 -38.54 3.60
C THR D 331 2.16 -37.05 3.55
N GLY D 332 3.21 -36.65 4.24
CA GLY D 332 3.52 -35.24 4.27
C GLY D 332 2.83 -34.73 5.52
N HIS D 333 2.98 -33.44 5.81
CA HIS D 333 2.40 -32.83 7.01
C HIS D 333 1.09 -32.12 6.67
N SER D 334 -0.04 -32.72 7.04
CA SER D 334 -1.35 -32.12 6.75
C SER D 334 -1.82 -31.09 7.79
N LEU D 335 -0.90 -30.69 8.66
CA LEU D 335 -1.16 -29.67 9.67
C LEU D 335 -2.40 -29.90 10.54
N GLY D 336 -3.42 -29.08 10.34
CA GLY D 336 -4.64 -29.21 11.13
C GLY D 336 -5.36 -30.53 10.97
N ALA D 337 -5.14 -31.19 9.84
CA ALA D 337 -5.79 -32.48 9.58
C ALA D 337 -4.94 -33.66 10.01
N ALA D 338 -3.69 -33.39 10.40
CA ALA D 338 -2.77 -34.44 10.81
C ALA D 338 -3.26 -35.25 11.99
N GLY D 339 -3.79 -34.57 12.99
CA GLY D 339 -4.26 -35.26 14.18
C GLY D 339 -5.24 -36.38 13.91
N VAL D 340 -6.31 -36.09 13.17
CA VAL D 340 -7.33 -37.09 12.90
C VAL D 340 -6.89 -38.11 11.84
N GLN D 341 -6.17 -37.66 10.82
CA GLN D 341 -5.72 -38.59 9.79
C GLN D 341 -4.79 -39.65 10.37
N GLU D 342 -3.89 -39.20 11.24
CA GLU D 342 -2.94 -40.11 11.85
C GLU D 342 -3.61 -41.00 12.88
N ALA D 343 -4.71 -40.53 13.48
CA ALA D 343 -5.43 -41.36 14.44
C ALA D 343 -6.10 -42.45 13.61
N ILE D 344 -6.54 -42.08 12.42
CA ILE D 344 -7.20 -43.03 11.54
C ILE D 344 -6.22 -44.08 11.02
N TYR D 345 -5.02 -43.68 10.65
CA TYR D 345 -4.03 -44.64 10.17
C TYR D 345 -3.74 -45.66 11.28
N SER D 346 -3.70 -45.17 12.51
CA SER D 346 -3.44 -46.03 13.66
C SER D 346 -4.58 -47.02 13.88
N LEU D 347 -5.81 -46.55 13.73
CA LEU D 347 -6.98 -47.42 13.90
C LEU D 347 -6.99 -48.51 12.84
N LEU D 348 -6.55 -48.17 11.63
CA LEU D 348 -6.49 -49.15 10.54
C LEU D 348 -5.43 -50.19 10.84
N MET D 349 -4.32 -49.76 11.45
CA MET D 349 -3.25 -50.68 11.78
C MET D 349 -3.71 -51.60 12.89
N LEU D 350 -4.47 -51.02 13.82
CA LEU D 350 -4.99 -51.77 14.96
C LEU D 350 -6.03 -52.75 14.47
N GLU D 351 -6.83 -52.30 13.52
CA GLU D 351 -7.92 -53.08 12.95
C GLU D 351 -7.44 -54.26 12.11
N HIS D 352 -6.45 -54.01 11.26
CA HIS D 352 -5.92 -55.03 10.36
C HIS D 352 -4.62 -55.73 10.75
N GLY D 353 -4.18 -55.50 11.98
CA GLY D 353 -2.97 -56.17 12.48
C GLY D 353 -1.66 -56.00 11.73
N PHE D 354 -1.25 -54.76 11.49
CA PHE D 354 0.00 -54.52 10.82
C PHE D 354 0.54 -53.15 11.20
N ILE D 355 1.85 -52.97 11.00
CA ILE D 355 2.51 -51.73 11.31
C ILE D 355 3.03 -51.09 10.02
N ALA D 356 2.49 -49.92 9.69
CA ALA D 356 2.92 -49.20 8.50
C ALA D 356 4.39 -48.84 8.67
N PRO D 357 5.17 -48.92 7.58
CA PRO D 357 6.61 -48.61 7.62
C PRO D 357 6.97 -47.13 7.65
N SER D 358 8.07 -46.82 8.33
CA SER D 358 8.56 -45.45 8.39
C SER D 358 9.53 -45.44 7.20
N ILE D 359 9.13 -44.84 6.09
CA ILE D 359 9.96 -44.83 4.89
C ILE D 359 11.02 -43.74 4.71
N ASN D 360 11.83 -43.92 3.67
CA ASN D 360 12.90 -43.00 3.31
C ASN D 360 14.03 -42.82 4.33
N ILE D 361 14.19 -43.78 5.22
CA ILE D 361 15.28 -43.68 6.18
C ILE D 361 16.50 -44.39 5.59
N GLU D 362 17.36 -43.65 4.90
CA GLU D 362 18.56 -44.24 4.30
C GLU D 362 19.66 -44.33 5.35
N GLU D 363 19.74 -43.32 6.23
CA GLU D 363 20.74 -43.31 7.29
C GLU D 363 20.07 -42.85 8.59
N LEU D 364 19.70 -43.80 9.43
CA LEU D 364 19.05 -43.49 10.69
C LEU D 364 19.83 -42.46 11.52
N ASP D 365 19.11 -41.53 12.14
CA ASP D 365 19.74 -40.50 12.96
C ASP D 365 20.31 -41.19 14.19
N GLU D 366 21.52 -40.79 14.61
CA GLU D 366 22.16 -41.40 15.77
C GLU D 366 21.27 -41.38 17.00
N GLN D 367 20.62 -40.23 17.20
CA GLN D 367 19.75 -40.05 18.35
C GLN D 367 18.53 -40.96 18.35
N ALA D 368 18.42 -41.80 17.33
CA ALA D 368 17.31 -42.75 17.24
C ALA D 368 17.79 -44.13 17.73
N ALA D 369 19.10 -44.25 17.96
CA ALA D 369 19.69 -45.51 18.41
C ALA D 369 18.91 -46.05 19.61
N GLY D 370 18.69 -47.36 19.63
CA GLY D 370 17.99 -47.99 20.74
C GLY D 370 16.47 -47.88 20.73
N LEU D 371 15.91 -47.35 19.64
CA LEU D 371 14.46 -47.23 19.53
C LEU D 371 13.97 -48.17 18.44
N ASN D 372 12.90 -48.92 18.71
CA ASN D 372 12.40 -49.83 17.71
C ASN D 372 11.63 -49.08 16.63
N ILE D 373 12.34 -48.62 15.60
CA ILE D 373 11.72 -47.88 14.51
C ILE D 373 11.47 -48.80 13.32
N VAL D 374 10.23 -49.24 13.19
CA VAL D 374 9.83 -50.13 12.09
C VAL D 374 10.01 -49.49 10.72
N THR D 375 10.84 -50.08 9.87
CA THR D 375 11.06 -49.52 8.54
C THR D 375 10.47 -50.40 7.44
N GLU D 376 9.71 -51.42 7.82
CA GLU D 376 9.10 -52.29 6.82
C GLU D 376 7.77 -52.82 7.30
N THR D 377 6.80 -52.87 6.38
CA THR D 377 5.45 -53.35 6.70
C THR D 377 5.58 -54.59 7.56
N THR D 378 4.96 -54.56 8.73
CA THR D 378 5.05 -55.70 9.64
C THR D 378 3.70 -56.17 10.17
N ASP D 379 3.38 -57.43 9.87
CA ASP D 379 2.13 -58.00 10.36
C ASP D 379 2.31 -58.32 11.83
N ARG D 380 1.38 -57.86 12.67
CA ARG D 380 1.47 -58.09 14.11
C ARG D 380 0.11 -57.84 14.78
N GLU D 381 -0.11 -58.48 15.93
CA GLU D 381 -1.35 -58.36 16.69
C GLU D 381 -1.29 -57.15 17.62
N LEU D 382 -1.79 -56.01 17.17
CA LEU D 382 -1.77 -54.81 18.01
C LEU D 382 -2.98 -54.80 18.94
N THR D 383 -2.83 -54.12 20.07
CA THR D 383 -3.91 -54.04 21.05
C THR D 383 -4.07 -52.62 21.59
N THR D 384 -2.93 -51.94 21.77
CA THR D 384 -2.93 -50.58 22.29
C THR D 384 -1.99 -49.72 21.44
N VAL D 385 -2.54 -48.65 20.86
CA VAL D 385 -1.75 -47.74 20.04
C VAL D 385 -1.82 -46.30 20.55
N MET D 386 -0.73 -45.57 20.32
CA MET D 386 -0.58 -44.18 20.76
C MET D 386 -0.23 -43.31 19.55
N SER D 387 -0.70 -42.07 19.53
CA SER D 387 -0.42 -41.14 18.43
C SER D 387 -0.16 -39.75 18.99
N ASN D 388 0.99 -39.17 18.65
CA ASN D 388 1.38 -37.85 19.12
C ASN D 388 1.16 -36.74 18.09
N SER D 389 0.80 -35.57 18.60
CA SER D 389 0.59 -34.38 17.79
C SER D 389 1.10 -33.18 18.58
N PHE D 390 2.15 -32.53 18.08
CA PHE D 390 2.74 -31.36 18.74
C PHE D 390 2.77 -30.19 17.77
N GLY D 391 2.18 -29.06 18.14
CA GLY D 391 2.18 -27.93 17.24
C GLY D 391 2.86 -26.66 17.73
N PHE D 392 3.00 -25.69 16.83
CA PHE D 392 3.62 -24.41 17.16
C PHE D 392 2.91 -23.81 18.36
N GLY D 393 3.64 -23.07 19.18
CA GLY D 393 3.03 -22.49 20.36
C GLY D 393 3.18 -23.46 21.52
N GLY D 394 3.93 -24.54 21.30
CA GLY D 394 4.17 -25.53 22.33
C GLY D 394 2.92 -26.27 22.80
N THR D 395 1.98 -26.50 21.89
CA THR D 395 0.75 -27.20 22.26
C THR D 395 0.89 -28.68 21.94
N ASN D 396 0.60 -29.52 22.93
CA ASN D 396 0.73 -30.97 22.75
C ASN D 396 -0.55 -31.78 22.95
N ALA D 397 -0.66 -32.87 22.21
CA ALA D 397 -1.82 -33.75 22.30
C ALA D 397 -1.43 -35.19 22.01
N THR D 398 -1.90 -36.10 22.85
CA THR D 398 -1.62 -37.52 22.67
C THR D 398 -2.91 -38.32 22.86
N LEU D 399 -3.14 -39.28 21.98
CA LEU D 399 -4.33 -40.12 22.06
C LEU D 399 -3.93 -41.59 22.15
N VAL D 400 -4.53 -42.32 23.08
CA VAL D 400 -4.23 -43.74 23.23
C VAL D 400 -5.51 -44.50 22.94
N MET D 401 -5.45 -45.41 21.97
CA MET D 401 -6.61 -46.20 21.57
C MET D 401 -6.34 -47.68 21.73
N ARG D 402 -7.33 -48.41 22.25
CA ARG D 402 -7.17 -49.84 22.48
C ARG D 402 -8.35 -50.69 22.06
N LYS D 403 -8.07 -51.90 21.57
CA LYS D 403 -9.13 -52.81 21.14
C LYS D 403 -10.05 -53.02 22.32
N LEU D 404 -11.34 -53.19 22.04
CA LEU D 404 -12.31 -53.39 23.11
C LEU D 404 -12.27 -54.86 23.50
N LYS D 405 -11.85 -55.10 24.75
CA LYS D 405 -11.73 -56.43 25.32
C LYS D 405 -12.92 -57.32 24.96
N ASP D 406 -12.69 -58.23 24.01
CA ASP D 406 -13.74 -59.16 23.56
C ASP D 406 -14.92 -58.38 22.95
#